data_4HGU
# 
_entry.id   4HGU 
# 
_audit_conform.dict_name       mmcif_pdbx.dic 
_audit_conform.dict_version    5.397 
_audit_conform.dict_location   http://mmcif.pdb.org/dictionaries/ascii/mmcif_pdbx.dic 
# 
loop_
_database_2.database_id 
_database_2.database_code 
_database_2.pdbx_database_accession 
_database_2.pdbx_DOI 
PDB   4HGU         pdb_00004hgu 10.2210/pdb4hgu/pdb 
RCSB  RCSB075449   ?            ?                   
WWPDB D_1000075449 ?            ?                   
# 
loop_
_pdbx_audit_revision_history.ordinal 
_pdbx_audit_revision_history.data_content_type 
_pdbx_audit_revision_history.major_revision 
_pdbx_audit_revision_history.minor_revision 
_pdbx_audit_revision_history.revision_date 
1 'Structure model' 1 0 2013-10-09 
2 'Structure model' 1 1 2015-02-25 
3 'Structure model' 1 2 2023-09-20 
4 'Structure model' 1 3 2024-10-30 
# 
_pdbx_audit_revision_details.ordinal             1 
_pdbx_audit_revision_details.revision_ordinal    1 
_pdbx_audit_revision_details.data_content_type   'Structure model' 
_pdbx_audit_revision_details.provider            repository 
_pdbx_audit_revision_details.type                'Initial release' 
_pdbx_audit_revision_details.description         ? 
_pdbx_audit_revision_details.details             ? 
# 
loop_
_pdbx_audit_revision_group.ordinal 
_pdbx_audit_revision_group.revision_ordinal 
_pdbx_audit_revision_group.data_content_type 
_pdbx_audit_revision_group.group 
1 2 'Structure model' 'Database references'    
2 3 'Structure model' 'Data collection'        
3 3 'Structure model' 'Database references'    
4 3 'Structure model' 'Derived calculations'   
5 3 'Structure model' 'Refinement description' 
6 4 'Structure model' 'Structure summary'      
# 
loop_
_pdbx_audit_revision_category.ordinal 
_pdbx_audit_revision_category.revision_ordinal 
_pdbx_audit_revision_category.data_content_type 
_pdbx_audit_revision_category.category 
1  3 'Structure model' chem_comp_atom                
2  3 'Structure model' chem_comp_bond                
3  3 'Structure model' database_2                    
4  3 'Structure model' pdbx_initial_refinement_model 
5  3 'Structure model' pdbx_struct_conn_angle        
6  3 'Structure model' struct_conn                   
7  3 'Structure model' struct_ref_seq_dif            
8  3 'Structure model' struct_site                   
9  4 'Structure model' pdbx_entry_details            
10 4 'Structure model' pdbx_modification_feature     
# 
loop_
_pdbx_audit_revision_item.ordinal 
_pdbx_audit_revision_item.revision_ordinal 
_pdbx_audit_revision_item.data_content_type 
_pdbx_audit_revision_item.item 
1  3 'Structure model' '_database_2.pdbx_DOI'                        
2  3 'Structure model' '_database_2.pdbx_database_accession'         
3  3 'Structure model' '_pdbx_struct_conn_angle.ptnr1_auth_comp_id'  
4  3 'Structure model' '_pdbx_struct_conn_angle.ptnr1_auth_seq_id'   
5  3 'Structure model' '_pdbx_struct_conn_angle.ptnr1_label_alt_id'  
6  3 'Structure model' '_pdbx_struct_conn_angle.ptnr1_label_asym_id' 
7  3 'Structure model' '_pdbx_struct_conn_angle.ptnr1_label_atom_id' 
8  3 'Structure model' '_pdbx_struct_conn_angle.ptnr1_label_comp_id' 
9  3 'Structure model' '_pdbx_struct_conn_angle.ptnr1_label_seq_id'  
10 3 'Structure model' '_pdbx_struct_conn_angle.ptnr2_auth_seq_id'   
11 3 'Structure model' '_pdbx_struct_conn_angle.ptnr2_label_asym_id' 
12 3 'Structure model' '_pdbx_struct_conn_angle.ptnr3_auth_comp_id'  
13 3 'Structure model' '_pdbx_struct_conn_angle.ptnr3_auth_seq_id'   
14 3 'Structure model' '_pdbx_struct_conn_angle.ptnr3_label_alt_id'  
15 3 'Structure model' '_pdbx_struct_conn_angle.ptnr3_label_asym_id' 
16 3 'Structure model' '_pdbx_struct_conn_angle.ptnr3_label_atom_id' 
17 3 'Structure model' '_pdbx_struct_conn_angle.ptnr3_label_comp_id' 
18 3 'Structure model' '_pdbx_struct_conn_angle.ptnr3_label_seq_id'  
19 3 'Structure model' '_pdbx_struct_conn_angle.value'               
20 3 'Structure model' '_struct_conn.pdbx_dist_value'                
21 3 'Structure model' '_struct_conn.pdbx_ptnr2_label_alt_id'        
22 3 'Structure model' '_struct_conn.ptnr1_auth_comp_id'             
23 3 'Structure model' '_struct_conn.ptnr1_auth_seq_id'              
24 3 'Structure model' '_struct_conn.ptnr1_label_asym_id'            
25 3 'Structure model' '_struct_conn.ptnr1_label_atom_id'            
26 3 'Structure model' '_struct_conn.ptnr1_label_comp_id'            
27 3 'Structure model' '_struct_conn.ptnr1_label_seq_id'             
28 3 'Structure model' '_struct_conn.ptnr2_auth_comp_id'             
29 3 'Structure model' '_struct_conn.ptnr2_auth_seq_id'              
30 3 'Structure model' '_struct_conn.ptnr2_label_asym_id'            
31 3 'Structure model' '_struct_conn.ptnr2_label_atom_id'            
32 3 'Structure model' '_struct_conn.ptnr2_label_comp_id'            
33 3 'Structure model' '_struct_ref_seq_dif.details'                 
34 3 'Structure model' '_struct_site.pdbx_auth_asym_id'              
35 3 'Structure model' '_struct_site.pdbx_auth_comp_id'              
36 3 'Structure model' '_struct_site.pdbx_auth_seq_id'               
# 
_pdbx_database_status.status_code                     REL 
_pdbx_database_status.entry_id                        4HGU 
_pdbx_database_status.recvd_initial_deposition_date   2012-10-08 
_pdbx_database_status.deposit_site                    RCSB 
_pdbx_database_status.process_site                    RCSB 
_pdbx_database_status.status_code_sf                  REL 
_pdbx_database_status.status_code_mr                  ? 
_pdbx_database_status.SG_entry                        ? 
_pdbx_database_status.status_code_cs                  ? 
_pdbx_database_status.methods_development_category    ? 
_pdbx_database_status.pdb_format_compatible           Y 
_pdbx_database_status.status_code_nmr_data            ? 
# 
loop_
_pdbx_database_related.db_name 
_pdbx_database_related.db_id 
_pdbx_database_related.details 
_pdbx_database_related.content_type 
PDB 1AN1 'LEECH-DERIVED TRYPTASE INHIBITOR/TRYPSIN COMPLEX'                                              unspecified 
PDB 2OVO 'THE CRYSTAL AND MOLECULAR STRUCTURE OF THE THIRD DOMAIN OF SILVER PHEASANT OVOMUCOID (OMSVP3)' unspecified 
PDB 3PIS 'Crystal Structure of Carcinoscorpius rotundicauda Serine Protease Inhibitor Domain 1'          unspecified 
# 
loop_
_audit_author.name 
_audit_author.pdbx_ordinal 
'Krzywda, S.'     1 
'Jaskolski, M.'   2 
'Dvornyk, A.'     3 
'Kludkiewicz, B.' 4 
'Grzelak, K.'     5 
'Zagorski, W.'    6 
'Bal, W.'         7 
'Kopera, E.'      8 
# 
_citation.id                        primary 
_citation.title                     
;Atomic resolution structure of a protein prepared by non-enzymatic His-tag removal. Crystallographic and NMR study of GmSPI-2 inhibitor.
;
_citation.journal_abbrev            'Plos One' 
_citation.journal_volume            9 
_citation.page_first                e106936 
_citation.page_last                 e106936 
_citation.year                      2014 
_citation.journal_id_ASTM           ? 
_citation.country                   US 
_citation.journal_id_ISSN           1932-6203 
_citation.journal_id_CSD            ? 
_citation.book_publisher            ? 
_citation.pdbx_database_id_PubMed   25233114 
_citation.pdbx_database_id_DOI      10.1371/journal.pone.0106936 
# 
loop_
_citation_author.citation_id 
_citation_author.name 
_citation_author.ordinal 
_citation_author.identifier_ORCID 
primary 'Kopera, E.'            1  ? 
primary 'Bal, W.'               2  ? 
primary 'Lenarcic Zivkovic, M.' 3  ? 
primary 'Dvornyk, A.'           4  ? 
primary 'Kludkiewicz, B.'       5  ? 
primary 'Grzelak, K.'           6  ? 
primary 'Zhukov, I.'            7  ? 
primary 'Zagorski-Ostoja, W.'   8  ? 
primary 'Jaskolski, M.'         9  ? 
primary 'Krzywda, S.'           10 ? 
# 
loop_
_entity.id 
_entity.type 
_entity.src_method 
_entity.pdbx_description 
_entity.formula_weight 
_entity.pdbx_number_of_molecules 
_entity.pdbx_ec 
_entity.pdbx_mutation 
_entity.pdbx_fragment 
_entity.details 
1 polymer     man 'Silk protease inhibitor 2' 4317.744 1  ? ? ? ? 
2 non-polymer syn 'SODIUM ION'                22.990   4  ? ? ? ? 
3 water       nat water                       18.015   81 ? ? ? ? 
# 
_entity_poly.entity_id                      1 
_entity_poly.type                           'polypeptide(L)' 
_entity_poly.nstd_linkage                   no 
_entity_poly.nstd_monomer                   no 
_entity_poly.pdbx_seq_one_letter_code       EAAVCTTEWDPVCGKDGKTYSNLCWLNEAGVGLDHEGECL 
_entity_poly.pdbx_seq_one_letter_code_can   EAAVCTTEWDPVCGKDGKTYSNLCWLNEAGVGLDHEGECL 
_entity_poly.pdbx_strand_id                 A 
_entity_poly.pdbx_target_identifier         ? 
# 
loop_
_pdbx_entity_nonpoly.entity_id 
_pdbx_entity_nonpoly.name 
_pdbx_entity_nonpoly.comp_id 
2 'SODIUM ION' NA  
3 water        HOH 
# 
loop_
_entity_poly_seq.entity_id 
_entity_poly_seq.num 
_entity_poly_seq.mon_id 
_entity_poly_seq.hetero 
1 1  GLU n 
1 2  ALA n 
1 3  ALA n 
1 4  VAL n 
1 5  CYS n 
1 6  THR n 
1 7  THR n 
1 8  GLU n 
1 9  TRP n 
1 10 ASP n 
1 11 PRO n 
1 12 VAL n 
1 13 CYS n 
1 14 GLY n 
1 15 LYS n 
1 16 ASP n 
1 17 GLY n 
1 18 LYS n 
1 19 THR n 
1 20 TYR n 
1 21 SER n 
1 22 ASN n 
1 23 LEU n 
1 24 CYS n 
1 25 TRP n 
1 26 LEU n 
1 27 ASN n 
1 28 GLU n 
1 29 ALA n 
1 30 GLY n 
1 31 VAL n 
1 32 GLY n 
1 33 LEU n 
1 34 ASP n 
1 35 HIS n 
1 36 GLU n 
1 37 GLY n 
1 38 GLU n 
1 39 CYS n 
1 40 LEU n 
# 
_entity_src_gen.entity_id                          1 
_entity_src_gen.pdbx_src_id                        1 
_entity_src_gen.pdbx_alt_source_flag               sample 
_entity_src_gen.pdbx_seq_type                      ? 
_entity_src_gen.pdbx_beg_seq_num                   ? 
_entity_src_gen.pdbx_end_seq_num                   ? 
_entity_src_gen.gene_src_common_name               'Greater wax moth' 
_entity_src_gen.gene_src_genus                     ? 
_entity_src_gen.pdbx_gene_src_gene                 ? 
_entity_src_gen.gene_src_species                   ? 
_entity_src_gen.gene_src_strain                    ? 
_entity_src_gen.gene_src_tissue                    ? 
_entity_src_gen.gene_src_tissue_fraction           ? 
_entity_src_gen.gene_src_details                   ? 
_entity_src_gen.pdbx_gene_src_fragment             ? 
_entity_src_gen.pdbx_gene_src_scientific_name      'Galleria mellonella' 
_entity_src_gen.pdbx_gene_src_ncbi_taxonomy_id     7137 
_entity_src_gen.pdbx_gene_src_variant              ? 
_entity_src_gen.pdbx_gene_src_cell_line            ? 
_entity_src_gen.pdbx_gene_src_atcc                 ? 
_entity_src_gen.pdbx_gene_src_organ                ? 
_entity_src_gen.pdbx_gene_src_organelle            ? 
_entity_src_gen.pdbx_gene_src_cell                 ? 
_entity_src_gen.pdbx_gene_src_cellular_location    ? 
_entity_src_gen.host_org_common_name               ? 
_entity_src_gen.pdbx_host_org_scientific_name      'Pichia pastoris' 
_entity_src_gen.pdbx_host_org_ncbi_taxonomy_id     4919 
_entity_src_gen.host_org_genus                     ? 
_entity_src_gen.pdbx_host_org_gene                 ? 
_entity_src_gen.pdbx_host_org_organ                ? 
_entity_src_gen.host_org_species                   ? 
_entity_src_gen.pdbx_host_org_tissue               ? 
_entity_src_gen.pdbx_host_org_tissue_fraction      ? 
_entity_src_gen.pdbx_host_org_strain               ? 
_entity_src_gen.pdbx_host_org_variant              ? 
_entity_src_gen.pdbx_host_org_cell_line            ? 
_entity_src_gen.pdbx_host_org_atcc                 ? 
_entity_src_gen.pdbx_host_org_culture_collection   ? 
_entity_src_gen.pdbx_host_org_cell                 ? 
_entity_src_gen.pdbx_host_org_organelle            ? 
_entity_src_gen.pdbx_host_org_cellular_location    ? 
_entity_src_gen.pdbx_host_org_vector_type          plasmid 
_entity_src_gen.pdbx_host_org_vector               ? 
_entity_src_gen.host_org_details                   ? 
_entity_src_gen.expression_system_id               ? 
_entity_src_gen.plasmid_name                       pPICZalphaB 
_entity_src_gen.plasmid_details                    ? 
_entity_src_gen.pdbx_description                   ? 
# 
loop_
_chem_comp.id 
_chem_comp.type 
_chem_comp.mon_nstd_flag 
_chem_comp.name 
_chem_comp.pdbx_synonyms 
_chem_comp.formula 
_chem_comp.formula_weight 
ALA 'L-peptide linking' y ALANINE         ? 'C3 H7 N O2'     89.093  
ASN 'L-peptide linking' y ASPARAGINE      ? 'C4 H8 N2 O3'    132.118 
ASP 'L-peptide linking' y 'ASPARTIC ACID' ? 'C4 H7 N O4'     133.103 
CYS 'L-peptide linking' y CYSTEINE        ? 'C3 H7 N O2 S'   121.158 
GLU 'L-peptide linking' y 'GLUTAMIC ACID' ? 'C5 H9 N O4'     147.129 
GLY 'peptide linking'   y GLYCINE         ? 'C2 H5 N O2'     75.067  
HIS 'L-peptide linking' y HISTIDINE       ? 'C6 H10 N3 O2 1' 156.162 
HOH non-polymer         . WATER           ? 'H2 O'           18.015  
LEU 'L-peptide linking' y LEUCINE         ? 'C6 H13 N O2'    131.173 
LYS 'L-peptide linking' y LYSINE          ? 'C6 H15 N2 O2 1' 147.195 
NA  non-polymer         . 'SODIUM ION'    ? 'Na 1'           22.990  
PRO 'L-peptide linking' y PROLINE         ? 'C5 H9 N O2'     115.130 
SER 'L-peptide linking' y SERINE          ? 'C3 H7 N O3'     105.093 
THR 'L-peptide linking' y THREONINE       ? 'C4 H9 N O3'     119.119 
TRP 'L-peptide linking' y TRYPTOPHAN      ? 'C11 H12 N2 O2'  204.225 
TYR 'L-peptide linking' y TYROSINE        ? 'C9 H11 N O3'    181.189 
VAL 'L-peptide linking' y VALINE          ? 'C5 H11 N O2'    117.146 
# 
loop_
_pdbx_poly_seq_scheme.asym_id 
_pdbx_poly_seq_scheme.entity_id 
_pdbx_poly_seq_scheme.seq_id 
_pdbx_poly_seq_scheme.mon_id 
_pdbx_poly_seq_scheme.ndb_seq_num 
_pdbx_poly_seq_scheme.pdb_seq_num 
_pdbx_poly_seq_scheme.auth_seq_num 
_pdbx_poly_seq_scheme.pdb_mon_id 
_pdbx_poly_seq_scheme.auth_mon_id 
_pdbx_poly_seq_scheme.pdb_strand_id 
_pdbx_poly_seq_scheme.pdb_ins_code 
_pdbx_poly_seq_scheme.hetero 
A 1 1  GLU 1  1  1  GLU GLU A . n 
A 1 2  ALA 2  2  2  ALA ALA A . n 
A 1 3  ALA 3  3  3  ALA ALA A . n 
A 1 4  VAL 4  4  4  VAL VAL A . n 
A 1 5  CYS 5  5  5  CYS CYS A . n 
A 1 6  THR 6  6  6  THR THR A . n 
A 1 7  THR 7  7  7  THR THR A . n 
A 1 8  GLU 8  8  8  GLU GLU A . n 
A 1 9  TRP 9  9  9  TRP TRP A . n 
A 1 10 ASP 10 10 10 ASP ASP A . n 
A 1 11 PRO 11 11 11 PRO PRO A . n 
A 1 12 VAL 12 12 12 VAL VAL A . n 
A 1 13 CYS 13 13 13 CYS CYS A . n 
A 1 14 GLY 14 14 14 GLY GLY A . n 
A 1 15 LYS 15 15 15 LYS LYS A . n 
A 1 16 ASP 16 16 16 ASP ASP A . n 
A 1 17 GLY 17 17 17 GLY GLY A . n 
A 1 18 LYS 18 18 18 LYS LYS A . n 
A 1 19 THR 19 19 19 THR THR A . n 
A 1 20 TYR 20 20 20 TYR TYR A . n 
A 1 21 SER 21 21 21 SER SER A . n 
A 1 22 ASN 22 22 22 ASN ASN A . n 
A 1 23 LEU 23 23 23 LEU LEU A . n 
A 1 24 CYS 24 24 24 CYS CYS A . n 
A 1 25 TRP 25 25 25 TRP TRP A . n 
A 1 26 LEU 26 26 26 LEU LEU A . n 
A 1 27 ASN 27 27 27 ASN ASN A . n 
A 1 28 GLU 28 28 28 GLU GLU A . n 
A 1 29 ALA 29 29 29 ALA ALA A . n 
A 1 30 GLY 30 30 30 GLY GLY A . n 
A 1 31 VAL 31 31 31 VAL VAL A . n 
A 1 32 GLY 32 32 32 GLY GLY A . n 
A 1 33 LEU 33 33 33 LEU LEU A . n 
A 1 34 ASP 34 34 34 ASP ASP A . n 
A 1 35 HIS 35 35 35 HIS HIS A . n 
A 1 36 GLU 36 36 36 GLU GLU A . n 
A 1 37 GLY 37 37 37 GLY GLY A . n 
A 1 38 GLU 38 38 38 GLU GLU A . n 
A 1 39 CYS 39 39 39 CYS CYS A . n 
A 1 40 LEU 40 40 40 LEU LEU A . n 
# 
loop_
_pdbx_nonpoly_scheme.asym_id 
_pdbx_nonpoly_scheme.entity_id 
_pdbx_nonpoly_scheme.mon_id 
_pdbx_nonpoly_scheme.ndb_seq_num 
_pdbx_nonpoly_scheme.pdb_seq_num 
_pdbx_nonpoly_scheme.auth_seq_num 
_pdbx_nonpoly_scheme.pdb_mon_id 
_pdbx_nonpoly_scheme.auth_mon_id 
_pdbx_nonpoly_scheme.pdb_strand_id 
_pdbx_nonpoly_scheme.pdb_ins_code 
B 2 NA  1  101 1   NA  NA  A . 
C 2 NA  1  102 2   NA  NA  A . 
D 2 NA  1  103 3   NA  NA  A . 
E 2 NA  1  104 4   NA  NA  A . 
F 3 HOH 1  201 5   HOH HOH A . 
F 3 HOH 2  202 6   HOH HOH A . 
F 3 HOH 3  203 7   HOH HOH A . 
F 3 HOH 4  204 8   HOH HOH A . 
F 3 HOH 5  205 9   HOH HOH A . 
F 3 HOH 6  206 10  HOH HOH A . 
F 3 HOH 7  207 11  HOH HOH A . 
F 3 HOH 8  208 12  HOH HOH A . 
F 3 HOH 9  209 13  HOH HOH A . 
F 3 HOH 10 210 14  HOH HOH A . 
F 3 HOH 11 211 15  HOH HOH A . 
F 3 HOH 12 212 16  HOH HOH A . 
F 3 HOH 13 213 17  HOH HOH A . 
F 3 HOH 14 214 18  HOH HOH A . 
F 3 HOH 15 215 19  HOH HOH A . 
F 3 HOH 16 216 20  HOH HOH A . 
F 3 HOH 17 217 21  HOH HOH A . 
F 3 HOH 18 218 22  HOH HOH A . 
F 3 HOH 19 219 23  HOH HOH A . 
F 3 HOH 20 220 24  HOH HOH A . 
F 3 HOH 21 221 25  HOH HOH A . 
F 3 HOH 22 222 26  HOH HOH A . 
F 3 HOH 23 223 27  HOH HOH A . 
F 3 HOH 24 224 28  HOH HOH A . 
F 3 HOH 25 225 29  HOH HOH A . 
F 3 HOH 26 226 30  HOH HOH A . 
F 3 HOH 27 227 31  HOH HOH A . 
F 3 HOH 28 228 32  HOH HOH A . 
F 3 HOH 29 229 33  HOH HOH A . 
F 3 HOH 30 230 34  HOH HOH A . 
F 3 HOH 31 231 35  HOH HOH A . 
F 3 HOH 32 232 36  HOH HOH A . 
F 3 HOH 33 233 37  HOH HOH A . 
F 3 HOH 34 234 38  HOH HOH A . 
F 3 HOH 35 235 39  HOH HOH A . 
F 3 HOH 36 236 40  HOH HOH A . 
F 3 HOH 37 237 41  HOH HOH A . 
F 3 HOH 38 238 42  HOH HOH A . 
F 3 HOH 39 239 43  HOH HOH A . 
F 3 HOH 40 240 44  HOH HOH A . 
F 3 HOH 41 241 45  HOH HOH A . 
F 3 HOH 42 242 46  HOH HOH A . 
F 3 HOH 43 243 47  HOH HOH A . 
F 3 HOH 44 244 48  HOH HOH A . 
F 3 HOH 45 245 49  HOH HOH A . 
F 3 HOH 46 246 50  HOH HOH A . 
F 3 HOH 47 247 51  HOH HOH A . 
F 3 HOH 48 248 52  HOH HOH A . 
F 3 HOH 49 249 53  HOH HOH A . 
F 3 HOH 50 250 54  HOH HOH A . 
F 3 HOH 51 251 55  HOH HOH A . 
F 3 HOH 52 252 56  HOH HOH A . 
F 3 HOH 53 253 57  HOH HOH A . 
F 3 HOH 54 254 58  HOH HOH A . 
F 3 HOH 55 255 59  HOH HOH A . 
F 3 HOH 56 256 60  HOH HOH A . 
F 3 HOH 57 257 61  HOH HOH A . 
F 3 HOH 58 258 62  HOH HOH A . 
F 3 HOH 59 259 66  HOH HOH A . 
F 3 HOH 60 260 67  HOH HOH A . 
F 3 HOH 61 261 68  HOH HOH A . 
F 3 HOH 62 262 69  HOH HOH A . 
F 3 HOH 63 263 70  HOH HOH A . 
F 3 HOH 64 264 71  HOH HOH A . 
F 3 HOH 65 265 72  HOH HOH A . 
F 3 HOH 66 266 73  HOH HOH A . 
F 3 HOH 67 267 75  HOH HOH A . 
F 3 HOH 68 268 76  HOH HOH A . 
F 3 HOH 69 269 77  HOH HOH A . 
F 3 HOH 70 270 78  HOH HOH A . 
F 3 HOH 71 271 79  HOH HOH A . 
F 3 HOH 72 272 80  HOH HOH A . 
F 3 HOH 73 273 81  HOH HOH A . 
F 3 HOH 74 274 82  HOH HOH A . 
F 3 HOH 75 275 83  HOH HOH A . 
F 3 HOH 76 276 85  HOH HOH A . 
F 3 HOH 77 277 86  HOH HOH A . 
F 3 HOH 78 278 91  HOH HOH A . 
F 3 HOH 79 279 93  HOH HOH A . 
F 3 HOH 80 280 99  HOH HOH A . 
F 3 HOH 81 281 100 HOH HOH A . 
# 
_pdbx_unobs_or_zero_occ_atoms.id               1 
_pdbx_unobs_or_zero_occ_atoms.PDB_model_num    1 
_pdbx_unobs_or_zero_occ_atoms.polymer_flag     Y 
_pdbx_unobs_or_zero_occ_atoms.occupancy_flag   0 
_pdbx_unobs_or_zero_occ_atoms.auth_asym_id     A 
_pdbx_unobs_or_zero_occ_atoms.auth_comp_id     LYS 
_pdbx_unobs_or_zero_occ_atoms.auth_seq_id      18 
_pdbx_unobs_or_zero_occ_atoms.PDB_ins_code     ? 
_pdbx_unobs_or_zero_occ_atoms.auth_atom_id     NZ 
_pdbx_unobs_or_zero_occ_atoms.label_alt_id     ? 
_pdbx_unobs_or_zero_occ_atoms.label_asym_id    A 
_pdbx_unobs_or_zero_occ_atoms.label_comp_id    LYS 
_pdbx_unobs_or_zero_occ_atoms.label_seq_id     18 
_pdbx_unobs_or_zero_occ_atoms.label_atom_id    NZ 
# 
loop_
_software.name 
_software.classification 
_software.version 
_software.citation_id 
_software.pdbx_ordinal 
MxCuBE    'data collection' . ? 1 
MOLREP    phasing           . ? 2 
SHELXL-97 refinement        . ? 3 
XDS       'data reduction'  . ? 4 
XDS       'data scaling'    . ? 5 
# 
_cell.entry_id           4HGU 
_cell.length_a           27.27 
_cell.length_b           31.24 
_cell.length_c           35.74 
_cell.angle_alpha        90.0 
_cell.angle_beta         90.0 
_cell.angle_gamma        90.0 
_cell.Z_PDB              4 
_cell.pdbx_unique_axis   ? 
_cell.length_a_esd       ? 
_cell.length_b_esd       ? 
_cell.length_c_esd       ? 
_cell.angle_alpha_esd    ? 
_cell.angle_beta_esd     ? 
_cell.angle_gamma_esd    ? 
# 
_symmetry.entry_id                         4HGU 
_symmetry.space_group_name_H-M             'P 21 21 21' 
_symmetry.pdbx_full_space_group_name_H-M   ? 
_symmetry.cell_setting                     ? 
_symmetry.Int_Tables_number                19 
_symmetry.space_group_name_Hall            ? 
# 
_exptl.entry_id          4HGU 
_exptl.method            'X-RAY DIFFRACTION' 
_exptl.crystals_number   2 
# 
_exptl_crystal.id                    1 
_exptl_crystal.density_meas          ? 
_exptl_crystal.density_Matthews      1.76 
_exptl_crystal.density_percent_sol   30.23 
_exptl_crystal.description           ? 
_exptl_crystal.F_000                 ? 
_exptl_crystal.preparation           ? 
# 
_exptl_crystal_grow.crystal_id      1 
_exptl_crystal_grow.method          'VAPOR DIFFUSION, HANGING DROP' 
_exptl_crystal_grow.temp            292 
_exptl_crystal_grow.temp_details    ? 
_exptl_crystal_grow.pH              7.5 
_exptl_crystal_grow.pdbx_details    '1.4 M sodium citrate and 0.1 M Hepes pH 7.5, VAPOR DIFFUSION, HANGING DROP, temperature 292K' 
_exptl_crystal_grow.pdbx_pH_range   ? 
# 
_diffrn.id                     1 
_diffrn.ambient_temp           100 
_diffrn.ambient_temp_details   ? 
_diffrn.crystal_id             1 
# 
_diffrn_detector.diffrn_id              1 
_diffrn_detector.detector               CCD 
_diffrn_detector.type                   'RAYONIX MX-225' 
_diffrn_detector.pdbx_collection_date   2009-06-05 
_diffrn_detector.details                mirrors 
# 
_diffrn_radiation.diffrn_id                        1 
_diffrn_radiation.wavelength_id                    1 
_diffrn_radiation.pdbx_monochromatic_or_laue_m_l   M 
_diffrn_radiation.monochromator                    'Double crystal' 
_diffrn_radiation.pdbx_diffrn_protocol             'SINGLE WAVELENGTH' 
_diffrn_radiation.pdbx_scattering_type             x-ray 
# 
loop_
_diffrn_radiation_wavelength.id 
_diffrn_radiation_wavelength.wavelength 
_diffrn_radiation_wavelength.wt 
1 0.80000 1.0 
2 0.91841 1.0 
# 
_diffrn_source.diffrn_id                   1 
_diffrn_source.source                      SYNCHROTRON 
_diffrn_source.type                        'BESSY BEAMLINE 14.1' 
_diffrn_source.pdbx_synchrotron_site       BESSY 
_diffrn_source.pdbx_synchrotron_beamline   14.1 
_diffrn_source.pdbx_wavelength             ? 
_diffrn_source.pdbx_wavelength_list        0.80000,0.91841 
# 
_reflns.entry_id                     4HGU 
_reflns.observed_criterion_sigma_I   -3.0 
_reflns.observed_criterion_sigma_F   0.0 
_reflns.d_resolution_low             20.0 
_reflns.d_resolution_high            0.98 
_reflns.number_obs                   17179 
_reflns.number_all                   17179 
_reflns.percent_possible_obs         94.8 
_reflns.pdbx_Rmerge_I_obs            0.072 
_reflns.pdbx_Rsym_value              ? 
_reflns.pdbx_netI_over_sigmaI        22.52 
_reflns.B_iso_Wilson_estimate        2.04 
_reflns.pdbx_redundancy              12.9 
_reflns.R_free_details               ? 
_reflns.limit_h_max                  ? 
_reflns.limit_h_min                  ? 
_reflns.limit_k_max                  ? 
_reflns.limit_k_min                  ? 
_reflns.limit_l_max                  ? 
_reflns.limit_l_min                  ? 
_reflns.observed_criterion_F_max     ? 
_reflns.observed_criterion_F_min     ? 
_reflns.pdbx_chi_squared             ? 
_reflns.pdbx_scaling_rejects         ? 
_reflns.pdbx_ordinal                 1 
_reflns.pdbx_diffrn_id               1 
# 
_reflns_shell.d_res_high             0.98 
_reflns_shell.d_res_low              1.01 
_reflns_shell.percent_possible_all   84.5 
_reflns_shell.Rmerge_I_obs           0.460 
_reflns_shell.pdbx_Rsym_value        ? 
_reflns_shell.meanI_over_sigI_obs    2.04 
_reflns_shell.pdbx_redundancy        2.3 
_reflns_shell.percent_possible_obs   ? 
_reflns_shell.number_unique_all      1105 
_reflns_shell.number_measured_all    ? 
_reflns_shell.number_measured_obs    ? 
_reflns_shell.number_unique_obs      ? 
_reflns_shell.pdbx_chi_squared       ? 
_reflns_shell.pdbx_ordinal           1 
_reflns_shell.pdbx_diffrn_id         1 
# 
_refine.entry_id                                 4HGU 
_refine.ls_number_reflns_obs                     17179 
_refine.ls_number_reflns_all                     17179 
_refine.pdbx_ls_sigma_I                          ? 
_refine.pdbx_ls_sigma_F                          0.0 
_refine.pdbx_data_cutoff_high_absF               ? 
_refine.pdbx_data_cutoff_low_absF                ? 
_refine.pdbx_data_cutoff_high_rms_absF           ? 
_refine.ls_d_res_low                             20.0 
_refine.ls_d_res_high                            0.98 
_refine.ls_percent_reflns_obs                    94.8 
_refine.ls_R_factor_obs                          0.1057 
_refine.ls_R_factor_all                          ? 
_refine.ls_R_factor_R_work                       0.1060 
_refine.ls_R_factor_R_free                       0.1236 
_refine.ls_R_factor_R_free_error                 ? 
_refine.ls_R_factor_R_free_error_details         ? 
_refine.ls_percent_reflns_R_free                 6.0 
_refine.ls_number_reflns_R_free                  1031 
_refine.ls_number_parameters                     3821 
_refine.ls_number_restraints                     3967 
_refine.occupancy_min                            ? 
_refine.occupancy_max                            ? 
_refine.correlation_coeff_Fo_to_Fc               ? 
_refine.correlation_coeff_Fo_to_Fc_free          ? 
_refine.B_iso_mean                               ? 
_refine.aniso_B[1][1]                            ? 
_refine.aniso_B[2][2]                            ? 
_refine.aniso_B[3][3]                            ? 
_refine.aniso_B[1][2]                            ? 
_refine.aniso_B[1][3]                            ? 
_refine.aniso_B[2][3]                            ? 
_refine.solvent_model_details                    
;MOEWS & KRETSINGER,  
J.MOL.BIOL.91(1973)201-228
;
_refine.solvent_model_param_ksol                 ? 
_refine.solvent_model_param_bsol                 ? 
_refine.pdbx_solvent_vdw_probe_radii             ? 
_refine.pdbx_solvent_ion_probe_radii             ? 
_refine.pdbx_solvent_shrinkage_radii             ? 
_refine.pdbx_ls_cross_valid_method               'FREE R' 
_refine.details                                  
;ANISOTROPIC REFINEMENT. CONJUGATE GRADIENT LEAST SQUARES REFINEMENT WITH RESTRAINTS APPLIED ONLY TO RESIDUES IN DOUBLE CONFORMATION. HYDROGEN ATOMS WERE ADDED AT RIDING POSITIONS
;
_refine.pdbx_starting_model                      'PDB ENTRY 1AN1' 
_refine.pdbx_method_to_determine_struct          'MOLECULAR REPLACEMENT' 
_refine.pdbx_isotropic_thermal_model             ANISOTROPIC 
_refine.pdbx_stereochemistry_target_values       'Engh & Huber' 
_refine.pdbx_stereochem_target_val_spec_case     ? 
_refine.pdbx_R_Free_selection_details            RANDOM 
_refine.pdbx_overall_ESU_R                       ? 
_refine.pdbx_overall_ESU_R_Free                  ? 
_refine.overall_SU_ML                            ? 
_refine.pdbx_overall_phase_error                 ? 
_refine.overall_SU_B                             ? 
_refine.overall_SU_R_Cruickshank_DPI             ? 
_refine.ls_redundancy_reflns_obs                 ? 
_refine.B_iso_min                                ? 
_refine.B_iso_max                                ? 
_refine.overall_SU_R_free                        ? 
_refine.ls_wR_factor_R_free                      ? 
_refine.ls_wR_factor_R_work                      ? 
_refine.overall_FOM_free_R_set                   ? 
_refine.overall_FOM_work_R_set                   ? 
_refine.pdbx_diffrn_id                           1 
_refine.pdbx_refine_id                           'X-RAY DIFFRACTION' 
_refine.pdbx_TLS_residual_ADP_flag               ? 
_refine.pdbx_overall_SU_R_free_Cruickshank_DPI   ? 
_refine.pdbx_overall_SU_R_Blow_DPI               ? 
_refine.pdbx_overall_SU_R_free_Blow_DPI          ? 
# 
_refine_analyze.entry_id                        4HGU 
_refine_analyze.Luzzati_coordinate_error_obs    ? 
_refine_analyze.Luzzati_sigma_a_obs             ? 
_refine_analyze.Luzzati_d_res_low_obs           ? 
_refine_analyze.Luzzati_coordinate_error_free   ? 
_refine_analyze.Luzzati_sigma_a_free            ? 
_refine_analyze.Luzzati_d_res_low_free          ? 
_refine_analyze.number_disordered_residues      17 
_refine_analyze.occupancy_sum_hydrogen          260.62 
_refine_analyze.occupancy_sum_non_hydrogen      356.69 
_refine_analyze.pdbx_Luzzati_d_res_high_obs     ? 
_refine_analyze.pdbx_refine_id                  'X-RAY DIFFRACTION' 
# 
_refine_hist.pdbx_refine_id                   'X-RAY DIFFRACTION' 
_refine_hist.cycle_id                         LAST 
_refine_hist.pdbx_number_atoms_protein        300 
_refine_hist.pdbx_number_atoms_nucleic_acid   0 
_refine_hist.pdbx_number_atoms_ligand         4 
_refine_hist.number_atoms_solvent             81 
_refine_hist.number_atoms_total               385 
_refine_hist.d_res_high                       0.98 
_refine_hist.d_res_low                        20.0 
# 
loop_
_refine_ls_restr.type 
_refine_ls_restr.dev_ideal 
_refine_ls_restr.dev_ideal_target 
_refine_ls_restr.weight 
_refine_ls_restr.number 
_refine_ls_restr.pdbx_restraint_function 
_refine_ls_restr.pdbx_refine_id 
s_bond_d               0.023  ? ? ? ? 'X-RAY DIFFRACTION' 
s_angle_d              0.058  ? ? ? ? 'X-RAY DIFFRACTION' 
s_similar_dist         0.000  ? ? ? ? 'X-RAY DIFFRACTION' 
s_from_restr_planes    0.0637 ? ? ? ? 'X-RAY DIFFRACTION' 
s_zero_chiral_vol      0.142  ? ? ? ? 'X-RAY DIFFRACTION' 
s_non_zero_chiral_vol  0.114  ? ? ? ? 'X-RAY DIFFRACTION' 
s_anti_bump_dis_restr  0.022  ? ? ? ? 'X-RAY DIFFRACTION' 
s_rigid_bond_adp_cmpnt 0.007  ? ? ? ? 'X-RAY DIFFRACTION' 
s_similar_adp_cmpnt    0.039  ? ? ? ? 'X-RAY DIFFRACTION' 
s_approx_iso_adps      0.053  ? ? ? ? 'X-RAY DIFFRACTION' 
# 
_pdbx_refine.pdbx_refine_id                              'X-RAY DIFFRACTION' 
_pdbx_refine.entry_id                                    4HGU 
_pdbx_refine.R_factor_all_no_cutoff                      0.1057 
_pdbx_refine.R_factor_obs_no_cutoff                      0.1075 
_pdbx_refine.free_R_factor_no_cutoff                     0.1291 
_pdbx_refine.free_R_error_no_cutoff                      ? 
_pdbx_refine.free_R_val_test_set_size_perc_no_cutoff     6.0 
_pdbx_refine.free_R_val_test_set_ct_no_cutoff            1031 
_pdbx_refine.R_factor_all_4sig_cutoff                    0.0862 
_pdbx_refine.R_factor_obs_4sig_cutoff                    0.0879 
_pdbx_refine.free_R_factor_4sig_cutoff                   0.1101 
_pdbx_refine.free_R_val_test_set_size_perc_4sig_cutoff   6.0 
_pdbx_refine.free_R_val_test_set_ct_4sig_cutoff          848 
_pdbx_refine.number_reflns_obs_4sig_cutoff               14133 
# 
_struct.entry_id                  4HGU 
_struct.title                     'Crystal Structure of Galleria mellonella Silk Protease Inhibitor 2' 
_struct.pdbx_model_details        ? 
_struct.pdbx_CASP_flag            ? 
_struct.pdbx_model_type_details   ? 
# 
_struct_keywords.entry_id        4HGU 
_struct_keywords.pdbx_keywords   'HYDROLASE INHIBITOR' 
_struct_keywords.text            'KAZAL-TYPE SERINE PROTEASE INHIBITOR, HYDROLASE INHIBITOR' 
# 
loop_
_struct_asym.id 
_struct_asym.pdbx_blank_PDB_chainid_flag 
_struct_asym.pdbx_modified 
_struct_asym.entity_id 
_struct_asym.details 
A N N 1 ? 
B N N 2 ? 
C N N 2 ? 
D N N 2 ? 
E N N 2 ? 
F N N 3 ? 
# 
_struct_ref.id                         1 
_struct_ref.db_name                    UNP 
_struct_ref.db_code                    Q968S7_GALME 
_struct_ref.pdbx_db_accession          Q968S7 
_struct_ref.entity_id                  1 
_struct_ref.pdbx_seq_one_letter_code   VCTTEWDPVCGKDGKTYSNLCWLNEAGVGLDHEGEC 
_struct_ref.pdbx_align_begin           23 
_struct_ref.pdbx_db_isoform            ? 
# 
_struct_ref_seq.align_id                      1 
_struct_ref_seq.ref_id                        1 
_struct_ref_seq.pdbx_PDB_id_code              4HGU 
_struct_ref_seq.pdbx_strand_id                A 
_struct_ref_seq.seq_align_beg                 4 
_struct_ref_seq.pdbx_seq_align_beg_ins_code   ? 
_struct_ref_seq.seq_align_end                 39 
_struct_ref_seq.pdbx_seq_align_end_ins_code   ? 
_struct_ref_seq.pdbx_db_accession             Q968S7 
_struct_ref_seq.db_align_beg                  23 
_struct_ref_seq.pdbx_db_align_beg_ins_code    ? 
_struct_ref_seq.db_align_end                  58 
_struct_ref_seq.pdbx_db_align_end_ins_code    ? 
_struct_ref_seq.pdbx_auth_seq_align_beg       4 
_struct_ref_seq.pdbx_auth_seq_align_end       39 
# 
loop_
_struct_ref_seq_dif.align_id 
_struct_ref_seq_dif.pdbx_pdb_id_code 
_struct_ref_seq_dif.mon_id 
_struct_ref_seq_dif.pdbx_pdb_strand_id 
_struct_ref_seq_dif.seq_num 
_struct_ref_seq_dif.pdbx_pdb_ins_code 
_struct_ref_seq_dif.pdbx_seq_db_name 
_struct_ref_seq_dif.pdbx_seq_db_accession_code 
_struct_ref_seq_dif.db_mon_id 
_struct_ref_seq_dif.pdbx_seq_db_seq_num 
_struct_ref_seq_dif.details 
_struct_ref_seq_dif.pdbx_auth_seq_num 
_struct_ref_seq_dif.pdbx_ordinal 
1 4HGU GLU A 1  ? UNP Q968S7 ? ? 'expression tag' 1  1 
1 4HGU ALA A 2  ? UNP Q968S7 ? ? 'expression tag' 2  2 
1 4HGU ALA A 3  ? UNP Q968S7 ? ? 'expression tag' 3  3 
1 4HGU LEU A 40 ? UNP Q968S7 ? ? 'expression tag' 40 4 
# 
_pdbx_struct_assembly.id                   1 
_pdbx_struct_assembly.details              author_and_software_defined_assembly 
_pdbx_struct_assembly.method_details       PISA 
_pdbx_struct_assembly.oligomeric_details   monomeric 
_pdbx_struct_assembly.oligomeric_count     1 
# 
_pdbx_struct_assembly_gen.assembly_id       1 
_pdbx_struct_assembly_gen.oper_expression   1 
_pdbx_struct_assembly_gen.asym_id_list      A,B,C,D,E,F 
# 
_pdbx_struct_oper_list.id                   1 
_pdbx_struct_oper_list.type                 'identity operation' 
_pdbx_struct_oper_list.name                 1_555 
_pdbx_struct_oper_list.symmetry_operation   x,y,z 
_pdbx_struct_oper_list.matrix[1][1]         1.0000000000 
_pdbx_struct_oper_list.matrix[1][2]         0.0000000000 
_pdbx_struct_oper_list.matrix[1][3]         0.0000000000 
_pdbx_struct_oper_list.vector[1]            0.0000000000 
_pdbx_struct_oper_list.matrix[2][1]         0.0000000000 
_pdbx_struct_oper_list.matrix[2][2]         1.0000000000 
_pdbx_struct_oper_list.matrix[2][3]         0.0000000000 
_pdbx_struct_oper_list.vector[2]            0.0000000000 
_pdbx_struct_oper_list.matrix[3][1]         0.0000000000 
_pdbx_struct_oper_list.matrix[3][2]         0.0000000000 
_pdbx_struct_oper_list.matrix[3][3]         1.0000000000 
_pdbx_struct_oper_list.vector[3]            0.0000000000 
# 
_struct_biol.id        1 
_struct_biol.details   ? 
# 
_struct_conf.conf_type_id            HELX_P 
_struct_conf.id                      HELX_P1 
_struct_conf.pdbx_PDB_helix_id       1 
_struct_conf.beg_label_comp_id       ASN 
_struct_conf.beg_label_asym_id       A 
_struct_conf.beg_label_seq_id        22 
_struct_conf.pdbx_beg_PDB_ins_code   ? 
_struct_conf.end_label_comp_id       GLY 
_struct_conf.end_label_asym_id       A 
_struct_conf.end_label_seq_id        30 
_struct_conf.pdbx_end_PDB_ins_code   ? 
_struct_conf.beg_auth_comp_id        ASN 
_struct_conf.beg_auth_asym_id        A 
_struct_conf.beg_auth_seq_id         22 
_struct_conf.end_auth_comp_id        GLY 
_struct_conf.end_auth_asym_id        A 
_struct_conf.end_auth_seq_id         30 
_struct_conf.pdbx_PDB_helix_class    1 
_struct_conf.details                 ? 
_struct_conf.pdbx_PDB_helix_length   9 
# 
_struct_conf_type.id          HELX_P 
_struct_conf_type.criteria    ? 
_struct_conf_type.reference   ? 
# 
loop_
_struct_conn.id 
_struct_conn.conn_type_id 
_struct_conn.pdbx_leaving_atom_flag 
_struct_conn.pdbx_PDB_id 
_struct_conn.ptnr1_label_asym_id 
_struct_conn.ptnr1_label_comp_id 
_struct_conn.ptnr1_label_seq_id 
_struct_conn.ptnr1_label_atom_id 
_struct_conn.pdbx_ptnr1_label_alt_id 
_struct_conn.pdbx_ptnr1_PDB_ins_code 
_struct_conn.pdbx_ptnr1_standard_comp_id 
_struct_conn.ptnr1_symmetry 
_struct_conn.ptnr2_label_asym_id 
_struct_conn.ptnr2_label_comp_id 
_struct_conn.ptnr2_label_seq_id 
_struct_conn.ptnr2_label_atom_id 
_struct_conn.pdbx_ptnr2_label_alt_id 
_struct_conn.pdbx_ptnr2_PDB_ins_code 
_struct_conn.ptnr1_auth_asym_id 
_struct_conn.ptnr1_auth_comp_id 
_struct_conn.ptnr1_auth_seq_id 
_struct_conn.ptnr2_auth_asym_id 
_struct_conn.ptnr2_auth_comp_id 
_struct_conn.ptnr2_auth_seq_id 
_struct_conn.ptnr2_symmetry 
_struct_conn.pdbx_ptnr3_label_atom_id 
_struct_conn.pdbx_ptnr3_label_seq_id 
_struct_conn.pdbx_ptnr3_label_comp_id 
_struct_conn.pdbx_ptnr3_label_asym_id 
_struct_conn.pdbx_ptnr3_label_alt_id 
_struct_conn.pdbx_ptnr3_PDB_ins_code 
_struct_conn.details 
_struct_conn.pdbx_dist_value 
_struct_conn.pdbx_value_order 
_struct_conn.pdbx_role 
disulf1  disulf ? ? A CYS 5  SG  ? ? ? 1_555 A CYS 24 SG ? ? A CYS 5   A CYS 24  1_555 ? ? ? ? ? ? ? 2.063 ? ? 
disulf2  disulf ? ? A CYS 13 SG  ? ? ? 1_555 A CYS 39 SG ? ? A CYS 13  A CYS 39  1_555 ? ? ? ? ? ? ? 2.059 ? ? 
metalc1  metalc ? ? A THR 7  OG1 ? ? ? 1_555 E NA  .  NA ? ? A THR 7   A NA  104 1_555 ? ? ? ? ? ? ? 2.336 ? ? 
metalc2  metalc ? ? A ASP 16 O   ? ? ? 1_555 D NA  .  NA ? ? A ASP 16  A NA  103 1_555 ? ? ? ? ? ? ? 2.388 ? ? 
metalc3  metalc ? ? A ASP 34 OD1 ? ? ? 1_555 C NA  .  NA ? ? A ASP 34  A NA  102 1_555 ? ? ? ? ? ? ? 2.343 ? ? 
metalc4  metalc ? ? A ASP 34 O   ? ? ? 1_555 C NA  .  NA ? ? A ASP 34  A NA  102 1_555 ? ? ? ? ? ? ? 2.580 ? ? 
metalc5  metalc ? ? B NA  .  NA  ? ? ? 1_555 F HOH .  O  ? ? A NA  101 A HOH 204 1_555 ? ? ? ? ? ? ? 2.413 ? ? 
metalc6  metalc ? ? B NA  .  NA  ? ? ? 1_555 F HOH .  O  ? ? A NA  101 A HOH 205 1_555 ? ? ? ? ? ? ? 2.514 ? ? 
metalc7  metalc ? ? B NA  .  NA  ? ? ? 1_555 F HOH .  O  ? ? A NA  101 A HOH 208 1_555 ? ? ? ? ? ? ? 2.469 ? ? 
metalc8  metalc ? ? B NA  .  NA  ? ? ? 1_555 F HOH .  O  ? ? A NA  101 A HOH 210 1_555 ? ? ? ? ? ? ? 2.451 ? ? 
metalc9  metalc ? ? B NA  .  NA  ? ? ? 1_555 F HOH .  O  ? ? A NA  101 A HOH 212 1_555 ? ? ? ? ? ? ? 2.432 ? ? 
metalc10 metalc ? ? B NA  .  NA  ? ? ? 1_555 F HOH .  O  B ? A NA  101 A HOH 242 1_555 ? ? ? ? ? ? ? 2.373 ? ? 
metalc11 metalc ? ? B NA  .  NA  ? ? ? 1_555 F HOH .  O  A ? A NA  101 A HOH 242 1_555 ? ? ? ? ? ? ? 2.505 ? ? 
metalc12 metalc ? ? C NA  .  NA  ? ? ? 1_555 F HOH .  O  ? ? A NA  102 A HOH 271 1_555 ? ? ? ? ? ? ? 2.453 ? ? 
metalc13 metalc ? ? C NA  .  NA  ? ? ? 1_555 F HOH .  O  ? ? A NA  102 A HOH 272 1_555 ? ? ? ? ? ? ? 2.496 ? ? 
metalc14 metalc ? ? C NA  .  NA  ? ? ? 1_555 F HOH .  O  ? ? A NA  102 A HOH 273 1_555 ? ? ? ? ? ? ? 2.463 ? ? 
metalc15 metalc ? ? C NA  .  NA  ? ? ? 1_555 F HOH .  O  ? ? A NA  102 A HOH 274 1_555 ? ? ? ? ? ? ? 2.335 ? ? 
metalc16 metalc ? ? D NA  .  NA  ? ? ? 1_555 F HOH .  O  A ? A NA  103 A HOH 266 1_555 ? ? ? ? ? ? ? 2.331 ? ? 
metalc17 metalc ? ? D NA  .  NA  ? ? ? 1_555 F HOH .  O  ? ? A NA  103 A HOH 279 1_555 ? ? ? ? ? ? ? 2.427 ? ? 
metalc18 metalc ? ? D NA  .  NA  ? ? ? 1_555 F HOH .  O  ? ? A NA  103 A HOH 281 1_555 ? ? ? ? ? ? ? 2.018 ? ? 
metalc19 metalc ? ? E NA  .  NA  ? ? ? 1_555 F HOH .  O  ? ? A NA  104 A HOH 234 1_555 ? ? ? ? ? ? ? 2.378 ? ? 
metalc20 metalc ? ? E NA  .  NA  ? ? ? 1_555 F HOH .  O  ? ? A NA  104 A HOH 257 1_555 ? ? ? ? ? ? ? 2.514 ? ? 
metalc21 metalc ? ? E NA  .  NA  ? ? ? 1_555 F HOH .  O  ? ? A NA  104 A HOH 258 1_555 ? ? ? ? ? ? ? 2.131 ? ? 
# 
loop_
_struct_conn_type.id 
_struct_conn_type.criteria 
_struct_conn_type.reference 
disulf ? ? 
metalc ? ? 
# 
loop_
_pdbx_struct_conn_angle.id 
_pdbx_struct_conn_angle.ptnr1_label_atom_id 
_pdbx_struct_conn_angle.ptnr1_label_alt_id 
_pdbx_struct_conn_angle.ptnr1_label_asym_id 
_pdbx_struct_conn_angle.ptnr1_label_comp_id 
_pdbx_struct_conn_angle.ptnr1_label_seq_id 
_pdbx_struct_conn_angle.ptnr1_auth_atom_id 
_pdbx_struct_conn_angle.ptnr1_auth_asym_id 
_pdbx_struct_conn_angle.ptnr1_auth_comp_id 
_pdbx_struct_conn_angle.ptnr1_auth_seq_id 
_pdbx_struct_conn_angle.ptnr1_PDB_ins_code 
_pdbx_struct_conn_angle.ptnr1_symmetry 
_pdbx_struct_conn_angle.ptnr2_label_atom_id 
_pdbx_struct_conn_angle.ptnr2_label_alt_id 
_pdbx_struct_conn_angle.ptnr2_label_asym_id 
_pdbx_struct_conn_angle.ptnr2_label_comp_id 
_pdbx_struct_conn_angle.ptnr2_label_seq_id 
_pdbx_struct_conn_angle.ptnr2_auth_atom_id 
_pdbx_struct_conn_angle.ptnr2_auth_asym_id 
_pdbx_struct_conn_angle.ptnr2_auth_comp_id 
_pdbx_struct_conn_angle.ptnr2_auth_seq_id 
_pdbx_struct_conn_angle.ptnr2_PDB_ins_code 
_pdbx_struct_conn_angle.ptnr2_symmetry 
_pdbx_struct_conn_angle.ptnr3_label_atom_id 
_pdbx_struct_conn_angle.ptnr3_label_alt_id 
_pdbx_struct_conn_angle.ptnr3_label_asym_id 
_pdbx_struct_conn_angle.ptnr3_label_comp_id 
_pdbx_struct_conn_angle.ptnr3_label_seq_id 
_pdbx_struct_conn_angle.ptnr3_auth_atom_id 
_pdbx_struct_conn_angle.ptnr3_auth_asym_id 
_pdbx_struct_conn_angle.ptnr3_auth_comp_id 
_pdbx_struct_conn_angle.ptnr3_auth_seq_id 
_pdbx_struct_conn_angle.ptnr3_PDB_ins_code 
_pdbx_struct_conn_angle.ptnr3_symmetry 
_pdbx_struct_conn_angle.value 
_pdbx_struct_conn_angle.value_esd 
1  OG1 ? A THR 7  ? A THR 7   ? 1_555 NA ? E NA . ? A NA 104 ? 1_555 O ? F HOH .  ? A HOH 234 ? 1_555 87.4  ? 
2  OG1 ? A THR 7  ? A THR 7   ? 1_555 NA ? E NA . ? A NA 104 ? 1_555 O ? F HOH .  ? A HOH 257 ? 1_555 169.7 ? 
3  O   ? F HOH .  ? A HOH 234 ? 1_555 NA ? E NA . ? A NA 104 ? 1_555 O ? F HOH .  ? A HOH 257 ? 1_555 94.7  ? 
4  OG1 ? A THR 7  ? A THR 7   ? 1_555 NA ? E NA . ? A NA 104 ? 1_555 O ? F HOH .  ? A HOH 258 ? 1_555 90.7  ? 
5  O   ? F HOH .  ? A HOH 234 ? 1_555 NA ? E NA . ? A NA 104 ? 1_555 O ? F HOH .  ? A HOH 258 ? 1_555 134.2 ? 
6  O   ? F HOH .  ? A HOH 257 ? 1_555 NA ? E NA . ? A NA 104 ? 1_555 O ? F HOH .  ? A HOH 258 ? 1_555 80.6  ? 
7  O   ? A ASP 16 ? A ASP 16  ? 1_555 NA ? D NA . ? A NA 103 ? 1_555 O A F HOH .  ? A HOH 266 ? 1_555 94.3  ? 
8  O   ? A ASP 16 ? A ASP 16  ? 1_555 NA ? D NA . ? A NA 103 ? 1_555 O ? F HOH .  ? A HOH 279 ? 1_555 78.1  ? 
9  O   A F HOH .  ? A HOH 266 ? 1_555 NA ? D NA . ? A NA 103 ? 1_555 O ? F HOH .  ? A HOH 279 ? 1_555 172.0 ? 
10 O   ? A ASP 16 ? A ASP 16  ? 1_555 NA ? D NA . ? A NA 103 ? 1_555 O ? F HOH .  ? A HOH 281 ? 1_555 110.9 ? 
11 O   A F HOH .  ? A HOH 266 ? 1_555 NA ? D NA . ? A NA 103 ? 1_555 O ? F HOH .  ? A HOH 281 ? 1_555 76.0  ? 
12 O   ? F HOH .  ? A HOH 279 ? 1_555 NA ? D NA . ? A NA 103 ? 1_555 O ? F HOH .  ? A HOH 281 ? 1_555 108.8 ? 
13 OD1 ? A ASP 34 ? A ASP 34  ? 1_555 NA ? C NA . ? A NA 102 ? 1_555 O ? A ASP 34 ? A ASP 34  ? 1_555 78.3  ? 
14 OD1 ? A ASP 34 ? A ASP 34  ? 1_555 NA ? C NA . ? A NA 102 ? 1_555 O ? F HOH .  ? A HOH 271 ? 1_555 92.1  ? 
15 O   ? A ASP 34 ? A ASP 34  ? 1_555 NA ? C NA . ? A NA 102 ? 1_555 O ? F HOH .  ? A HOH 271 ? 1_555 95.2  ? 
16 OD1 ? A ASP 34 ? A ASP 34  ? 1_555 NA ? C NA . ? A NA 102 ? 1_555 O ? F HOH .  ? A HOH 272 ? 1_555 166.7 ? 
17 O   ? A ASP 34 ? A ASP 34  ? 1_555 NA ? C NA . ? A NA 102 ? 1_555 O ? F HOH .  ? A HOH 272 ? 1_555 95.7  ? 
18 O   ? F HOH .  ? A HOH 271 ? 1_555 NA ? C NA . ? A NA 102 ? 1_555 O ? F HOH .  ? A HOH 272 ? 1_555 100.3 ? 
19 OD1 ? A ASP 34 ? A ASP 34  ? 1_555 NA ? C NA . ? A NA 102 ? 1_555 O ? F HOH .  ? A HOH 273 ? 1_555 89.4  ? 
20 O   ? A ASP 34 ? A ASP 34  ? 1_555 NA ? C NA . ? A NA 102 ? 1_555 O ? F HOH .  ? A HOH 273 ? 1_555 167.5 ? 
21 O   ? F HOH .  ? A HOH 271 ? 1_555 NA ? C NA . ? A NA 102 ? 1_555 O ? F HOH .  ? A HOH 273 ? 1_555 87.9  ? 
22 O   ? F HOH .  ? A HOH 272 ? 1_555 NA ? C NA . ? A NA 102 ? 1_555 O ? F HOH .  ? A HOH 273 ? 1_555 95.7  ? 
23 OD1 ? A ASP 34 ? A ASP 34  ? 1_555 NA ? C NA . ? A NA 102 ? 1_555 O ? F HOH .  ? A HOH 274 ? 1_555 91.0  ? 
24 O   ? A ASP 34 ? A ASP 34  ? 1_555 NA ? C NA . ? A NA 102 ? 1_555 O ? F HOH .  ? A HOH 274 ? 1_555 96.8  ? 
25 O   ? F HOH .  ? A HOH 271 ? 1_555 NA ? C NA . ? A NA 102 ? 1_555 O ? F HOH .  ? A HOH 274 ? 1_555 168.1 ? 
26 O   ? F HOH .  ? A HOH 272 ? 1_555 NA ? C NA . ? A NA 102 ? 1_555 O ? F HOH .  ? A HOH 274 ? 1_555 77.8  ? 
27 O   ? F HOH .  ? A HOH 273 ? 1_555 NA ? C NA . ? A NA 102 ? 1_555 O ? F HOH .  ? A HOH 274 ? 1_555 80.6  ? 
28 O   ? F HOH .  ? A HOH 204 ? 1_555 NA ? B NA . ? A NA 101 ? 1_555 O ? F HOH .  ? A HOH 205 ? 1_555 82.2  ? 
29 O   ? F HOH .  ? A HOH 204 ? 1_555 NA ? B NA . ? A NA 101 ? 1_555 O ? F HOH .  ? A HOH 208 ? 1_555 98.5  ? 
30 O   ? F HOH .  ? A HOH 205 ? 1_555 NA ? B NA . ? A NA 101 ? 1_555 O ? F HOH .  ? A HOH 208 ? 1_555 175.5 ? 
31 O   ? F HOH .  ? A HOH 204 ? 1_555 NA ? B NA . ? A NA 101 ? 1_555 O ? F HOH .  ? A HOH 210 ? 1_555 87.0  ? 
32 O   ? F HOH .  ? A HOH 205 ? 1_555 NA ? B NA . ? A NA 101 ? 1_555 O ? F HOH .  ? A HOH 210 ? 1_555 98.2  ? 
33 O   ? F HOH .  ? A HOH 208 ? 1_555 NA ? B NA . ? A NA 101 ? 1_555 O ? F HOH .  ? A HOH 210 ? 1_555 86.3  ? 
34 O   ? F HOH .  ? A HOH 204 ? 1_555 NA ? B NA . ? A NA 101 ? 1_555 O ? F HOH .  ? A HOH 212 ? 1_555 171.2 ? 
35 O   ? F HOH .  ? A HOH 205 ? 1_555 NA ? B NA . ? A NA 101 ? 1_555 O ? F HOH .  ? A HOH 212 ? 1_555 95.6  ? 
36 O   ? F HOH .  ? A HOH 208 ? 1_555 NA ? B NA . ? A NA 101 ? 1_555 O ? F HOH .  ? A HOH 212 ? 1_555 84.4  ? 
37 O   ? F HOH .  ? A HOH 210 ? 1_555 NA ? B NA . ? A NA 101 ? 1_555 O ? F HOH .  ? A HOH 212 ? 1_555 84.8  ? 
38 O   ? F HOH .  ? A HOH 204 ? 1_555 NA ? B NA . ? A NA 101 ? 1_555 O B F HOH .  ? A HOH 242 ? 1_555 99.1  ? 
39 O   ? F HOH .  ? A HOH 205 ? 1_555 NA ? B NA . ? A NA 101 ? 1_555 O B F HOH .  ? A HOH 242 ? 1_555 86.4  ? 
40 O   ? F HOH .  ? A HOH 208 ? 1_555 NA ? B NA . ? A NA 101 ? 1_555 O B F HOH .  ? A HOH 242 ? 1_555 89.0  ? 
41 O   ? F HOH .  ? A HOH 210 ? 1_555 NA ? B NA . ? A NA 101 ? 1_555 O B F HOH .  ? A HOH 242 ? 1_555 172.8 ? 
42 O   ? F HOH .  ? A HOH 212 ? 1_555 NA ? B NA . ? A NA 101 ? 1_555 O B F HOH .  ? A HOH 242 ? 1_555 89.2  ? 
43 O   ? F HOH .  ? A HOH 204 ? 1_555 NA ? B NA . ? A NA 101 ? 1_555 O A F HOH .  ? A HOH 242 ? 1_555 83.2  ? 
44 O   ? F HOH .  ? A HOH 205 ? 1_555 NA ? B NA . ? A NA 101 ? 1_555 O A F HOH .  ? A HOH 242 ? 1_555 103.8 ? 
45 O   ? F HOH .  ? A HOH 208 ? 1_555 NA ? B NA . ? A NA 101 ? 1_555 O A F HOH .  ? A HOH 242 ? 1_555 71.9  ? 
46 O   ? F HOH .  ? A HOH 210 ? 1_555 NA ? B NA . ? A NA 101 ? 1_555 O A F HOH .  ? A HOH 242 ? 1_555 154.5 ? 
47 O   ? F HOH .  ? A HOH 212 ? 1_555 NA ? B NA . ? A NA 101 ? 1_555 O A F HOH .  ? A HOH 242 ? 1_555 105.6 ? 
48 O   B F HOH .  ? A HOH 242 ? 1_555 NA ? B NA . ? A NA 101 ? 1_555 O A F HOH .  ? A HOH 242 ? 1_555 25.4  ? 
# 
loop_
_pdbx_modification_feature.ordinal 
_pdbx_modification_feature.label_comp_id 
_pdbx_modification_feature.label_asym_id 
_pdbx_modification_feature.label_seq_id 
_pdbx_modification_feature.label_alt_id 
_pdbx_modification_feature.modified_residue_label_comp_id 
_pdbx_modification_feature.modified_residue_label_asym_id 
_pdbx_modification_feature.modified_residue_label_seq_id 
_pdbx_modification_feature.modified_residue_label_alt_id 
_pdbx_modification_feature.auth_comp_id 
_pdbx_modification_feature.auth_asym_id 
_pdbx_modification_feature.auth_seq_id 
_pdbx_modification_feature.PDB_ins_code 
_pdbx_modification_feature.symmetry 
_pdbx_modification_feature.modified_residue_auth_comp_id 
_pdbx_modification_feature.modified_residue_auth_asym_id 
_pdbx_modification_feature.modified_residue_auth_seq_id 
_pdbx_modification_feature.modified_residue_PDB_ins_code 
_pdbx_modification_feature.modified_residue_symmetry 
_pdbx_modification_feature.comp_id_linking_atom 
_pdbx_modification_feature.modified_residue_id_linking_atom 
_pdbx_modification_feature.modified_residue_id 
_pdbx_modification_feature.ref_pcm_id 
_pdbx_modification_feature.ref_comp_id 
_pdbx_modification_feature.type 
_pdbx_modification_feature.category 
1 CYS A 5  ? CYS A 24 ? CYS A 5  ? 1_555 CYS A 24 ? 1_555 SG SG . . . None 'Disulfide bridge' 
2 CYS A 13 ? CYS A 39 ? CYS A 13 ? 1_555 CYS A 39 ? 1_555 SG SG . . . None 'Disulfide bridge' 
# 
_struct_sheet.id               A 
_struct_sheet.type             ? 
_struct_sheet.number_strands   3 
_struct_sheet.details          ? 
# 
loop_
_struct_sheet_order.sheet_id 
_struct_sheet_order.range_id_1 
_struct_sheet_order.range_id_2 
_struct_sheet_order.offset 
_struct_sheet_order.sense 
A 1 2 ? anti-parallel 
A 2 3 ? anti-parallel 
# 
loop_
_struct_sheet_range.sheet_id 
_struct_sheet_range.id 
_struct_sheet_range.beg_label_comp_id 
_struct_sheet_range.beg_label_asym_id 
_struct_sheet_range.beg_label_seq_id 
_struct_sheet_range.pdbx_beg_PDB_ins_code 
_struct_sheet_range.end_label_comp_id 
_struct_sheet_range.end_label_asym_id 
_struct_sheet_range.end_label_seq_id 
_struct_sheet_range.pdbx_end_PDB_ins_code 
_struct_sheet_range.beg_auth_comp_id 
_struct_sheet_range.beg_auth_asym_id 
_struct_sheet_range.beg_auth_seq_id 
_struct_sheet_range.end_auth_comp_id 
_struct_sheet_range.end_auth_asym_id 
_struct_sheet_range.end_auth_seq_id 
A 1 THR A 19 ? TYR A 20 ? THR A 19 TYR A 20 
A 2 VAL A 12 ? GLY A 14 ? VAL A 12 GLY A 14 
A 3 LEU A 33 ? GLU A 36 ? LEU A 33 GLU A 36 
# 
loop_
_pdbx_struct_sheet_hbond.sheet_id 
_pdbx_struct_sheet_hbond.range_id_1 
_pdbx_struct_sheet_hbond.range_id_2 
_pdbx_struct_sheet_hbond.range_1_label_atom_id 
_pdbx_struct_sheet_hbond.range_1_label_comp_id 
_pdbx_struct_sheet_hbond.range_1_label_asym_id 
_pdbx_struct_sheet_hbond.range_1_label_seq_id 
_pdbx_struct_sheet_hbond.range_1_PDB_ins_code 
_pdbx_struct_sheet_hbond.range_1_auth_atom_id 
_pdbx_struct_sheet_hbond.range_1_auth_comp_id 
_pdbx_struct_sheet_hbond.range_1_auth_asym_id 
_pdbx_struct_sheet_hbond.range_1_auth_seq_id 
_pdbx_struct_sheet_hbond.range_2_label_atom_id 
_pdbx_struct_sheet_hbond.range_2_label_comp_id 
_pdbx_struct_sheet_hbond.range_2_label_asym_id 
_pdbx_struct_sheet_hbond.range_2_label_seq_id 
_pdbx_struct_sheet_hbond.range_2_PDB_ins_code 
_pdbx_struct_sheet_hbond.range_2_auth_atom_id 
_pdbx_struct_sheet_hbond.range_2_auth_comp_id 
_pdbx_struct_sheet_hbond.range_2_auth_asym_id 
_pdbx_struct_sheet_hbond.range_2_auth_seq_id 
A 1 2 O TYR A 20 ? O TYR A 20 N VAL A 12 ? N VAL A 12 
A 2 3 N CYS A 13 ? N CYS A 13 O HIS A 35 ? O HIS A 35 
# 
loop_
_struct_site.id 
_struct_site.pdbx_evidence_code 
_struct_site.pdbx_auth_asym_id 
_struct_site.pdbx_auth_comp_id 
_struct_site.pdbx_auth_seq_id 
_struct_site.pdbx_auth_ins_code 
_struct_site.pdbx_num_residues 
_struct_site.details 
AC1 Software A NA 101 ? 6 'BINDING SITE FOR RESIDUE NA A 101' 
AC2 Software A NA 102 ? 5 'BINDING SITE FOR RESIDUE NA A 102' 
AC3 Software A NA 103 ? 7 'BINDING SITE FOR RESIDUE NA A 103' 
AC4 Software A NA 104 ? 6 'BINDING SITE FOR RESIDUE NA A 104' 
# 
loop_
_struct_site_gen.id 
_struct_site_gen.site_id 
_struct_site_gen.pdbx_num_res 
_struct_site_gen.label_comp_id 
_struct_site_gen.label_asym_id 
_struct_site_gen.label_seq_id 
_struct_site_gen.pdbx_auth_ins_code 
_struct_site_gen.auth_comp_id 
_struct_site_gen.auth_asym_id 
_struct_site_gen.auth_seq_id 
_struct_site_gen.label_atom_id 
_struct_site_gen.label_alt_id 
_struct_site_gen.symmetry 
_struct_site_gen.details 
1  AC1 6 HOH F .  ? HOH A 204 . ? 1_555 ? 
2  AC1 6 HOH F .  ? HOH A 205 . ? 1_555 ? 
3  AC1 6 HOH F .  ? HOH A 208 . ? 1_555 ? 
4  AC1 6 HOH F .  ? HOH A 210 . ? 1_555 ? 
5  AC1 6 HOH F .  ? HOH A 212 . ? 1_555 ? 
6  AC1 6 HOH F .  ? HOH A 242 . ? 1_555 ? 
7  AC2 5 ASP A 34 ? ASP A 34  . ? 1_555 ? 
8  AC2 5 HOH F .  ? HOH A 271 . ? 1_555 ? 
9  AC2 5 HOH F .  ? HOH A 272 . ? 1_555 ? 
10 AC2 5 HOH F .  ? HOH A 273 . ? 1_555 ? 
11 AC2 5 HOH F .  ? HOH A 274 . ? 1_555 ? 
12 AC3 7 ASP A 16 ? ASP A 16  . ? 1_555 ? 
13 AC3 7 NA  E .  ? NA  A 104 . ? 3_444 ? 
14 AC3 7 HOH F .  ? HOH A 257 . ? 3_444 ? 
15 AC3 7 HOH F .  ? HOH A 258 . ? 3_444 ? 
16 AC3 7 HOH F .  ? HOH A 266 . ? 1_555 ? 
17 AC3 7 HOH F .  ? HOH A 279 . ? 1_555 ? 
18 AC3 7 HOH F .  ? HOH A 281 . ? 1_555 ? 
19 AC4 6 THR A 7  ? THR A 7   . ? 1_555 ? 
20 AC4 6 NA  D .  ? NA  A 103 . ? 3_454 ? 
21 AC4 6 HOH F .  ? HOH A 234 . ? 1_555 ? 
22 AC4 6 HOH F .  ? HOH A 257 . ? 1_555 ? 
23 AC4 6 HOH F .  ? HOH A 258 . ? 1_555 ? 
24 AC4 6 HOH F .  ? HOH A 265 . ? 2_464 ? 
# 
_pdbx_entry_details.entry_id                   4HGU 
_pdbx_entry_details.compound_details           ? 
_pdbx_entry_details.source_details             ? 
_pdbx_entry_details.nonpolymer_details         ? 
_pdbx_entry_details.sequence_details           ? 
_pdbx_entry_details.has_ligand_of_interest     ? 
_pdbx_entry_details.has_protein_modification   Y 
# 
loop_
_pdbx_validate_rmsd_angle.id 
_pdbx_validate_rmsd_angle.PDB_model_num 
_pdbx_validate_rmsd_angle.auth_atom_id_1 
_pdbx_validate_rmsd_angle.auth_asym_id_1 
_pdbx_validate_rmsd_angle.auth_comp_id_1 
_pdbx_validate_rmsd_angle.auth_seq_id_1 
_pdbx_validate_rmsd_angle.PDB_ins_code_1 
_pdbx_validate_rmsd_angle.label_alt_id_1 
_pdbx_validate_rmsd_angle.auth_atom_id_2 
_pdbx_validate_rmsd_angle.auth_asym_id_2 
_pdbx_validate_rmsd_angle.auth_comp_id_2 
_pdbx_validate_rmsd_angle.auth_seq_id_2 
_pdbx_validate_rmsd_angle.PDB_ins_code_2 
_pdbx_validate_rmsd_angle.label_alt_id_2 
_pdbx_validate_rmsd_angle.auth_atom_id_3 
_pdbx_validate_rmsd_angle.auth_asym_id_3 
_pdbx_validate_rmsd_angle.auth_comp_id_3 
_pdbx_validate_rmsd_angle.auth_seq_id_3 
_pdbx_validate_rmsd_angle.PDB_ins_code_3 
_pdbx_validate_rmsd_angle.label_alt_id_3 
_pdbx_validate_rmsd_angle.angle_value 
_pdbx_validate_rmsd_angle.angle_target_value 
_pdbx_validate_rmsd_angle.angle_deviation 
_pdbx_validate_rmsd_angle.angle_standard_deviation 
_pdbx_validate_rmsd_angle.linker_flag 
1 1 CB  A GLU 8  ? B CA A GLU 8  ? ? C   A GLU 8  ? ? 122.55 110.40 12.15 2.00 N 
2 1 OE1 A GLU 38 ? B CD A GLU 38 ? B OE2 A GLU 38 ? B 114.89 123.30 -8.41 1.20 N 
# 
loop_
_chem_comp_atom.comp_id 
_chem_comp_atom.atom_id 
_chem_comp_atom.type_symbol 
_chem_comp_atom.pdbx_aromatic_flag 
_chem_comp_atom.pdbx_stereo_config 
_chem_comp_atom.pdbx_ordinal 
ALA N    N  N N 1   
ALA CA   C  N S 2   
ALA C    C  N N 3   
ALA O    O  N N 4   
ALA CB   C  N N 5   
ALA OXT  O  N N 6   
ALA H    H  N N 7   
ALA H2   H  N N 8   
ALA HA   H  N N 9   
ALA HB1  H  N N 10  
ALA HB2  H  N N 11  
ALA HB3  H  N N 12  
ALA HXT  H  N N 13  
ASN N    N  N N 14  
ASN CA   C  N S 15  
ASN C    C  N N 16  
ASN O    O  N N 17  
ASN CB   C  N N 18  
ASN CG   C  N N 19  
ASN OD1  O  N N 20  
ASN ND2  N  N N 21  
ASN OXT  O  N N 22  
ASN H    H  N N 23  
ASN H2   H  N N 24  
ASN HA   H  N N 25  
ASN HB2  H  N N 26  
ASN HB3  H  N N 27  
ASN HD21 H  N N 28  
ASN HD22 H  N N 29  
ASN HXT  H  N N 30  
ASP N    N  N N 31  
ASP CA   C  N S 32  
ASP C    C  N N 33  
ASP O    O  N N 34  
ASP CB   C  N N 35  
ASP CG   C  N N 36  
ASP OD1  O  N N 37  
ASP OD2  O  N N 38  
ASP OXT  O  N N 39  
ASP H    H  N N 40  
ASP H2   H  N N 41  
ASP HA   H  N N 42  
ASP HB2  H  N N 43  
ASP HB3  H  N N 44  
ASP HD2  H  N N 45  
ASP HXT  H  N N 46  
CYS N    N  N N 47  
CYS CA   C  N R 48  
CYS C    C  N N 49  
CYS O    O  N N 50  
CYS CB   C  N N 51  
CYS SG   S  N N 52  
CYS OXT  O  N N 53  
CYS H    H  N N 54  
CYS H2   H  N N 55  
CYS HA   H  N N 56  
CYS HB2  H  N N 57  
CYS HB3  H  N N 58  
CYS HG   H  N N 59  
CYS HXT  H  N N 60  
GLU N    N  N N 61  
GLU CA   C  N S 62  
GLU C    C  N N 63  
GLU O    O  N N 64  
GLU CB   C  N N 65  
GLU CG   C  N N 66  
GLU CD   C  N N 67  
GLU OE1  O  N N 68  
GLU OE2  O  N N 69  
GLU OXT  O  N N 70  
GLU H    H  N N 71  
GLU H2   H  N N 72  
GLU HA   H  N N 73  
GLU HB2  H  N N 74  
GLU HB3  H  N N 75  
GLU HG2  H  N N 76  
GLU HG3  H  N N 77  
GLU HE2  H  N N 78  
GLU HXT  H  N N 79  
GLY N    N  N N 80  
GLY CA   C  N N 81  
GLY C    C  N N 82  
GLY O    O  N N 83  
GLY OXT  O  N N 84  
GLY H    H  N N 85  
GLY H2   H  N N 86  
GLY HA2  H  N N 87  
GLY HA3  H  N N 88  
GLY HXT  H  N N 89  
HIS N    N  N N 90  
HIS CA   C  N S 91  
HIS C    C  N N 92  
HIS O    O  N N 93  
HIS CB   C  N N 94  
HIS CG   C  Y N 95  
HIS ND1  N  Y N 96  
HIS CD2  C  Y N 97  
HIS CE1  C  Y N 98  
HIS NE2  N  Y N 99  
HIS OXT  O  N N 100 
HIS H    H  N N 101 
HIS H2   H  N N 102 
HIS HA   H  N N 103 
HIS HB2  H  N N 104 
HIS HB3  H  N N 105 
HIS HD1  H  N N 106 
HIS HD2  H  N N 107 
HIS HE1  H  N N 108 
HIS HE2  H  N N 109 
HIS HXT  H  N N 110 
HOH O    O  N N 111 
HOH H1   H  N N 112 
HOH H2   H  N N 113 
LEU N    N  N N 114 
LEU CA   C  N S 115 
LEU C    C  N N 116 
LEU O    O  N N 117 
LEU CB   C  N N 118 
LEU CG   C  N N 119 
LEU CD1  C  N N 120 
LEU CD2  C  N N 121 
LEU OXT  O  N N 122 
LEU H    H  N N 123 
LEU H2   H  N N 124 
LEU HA   H  N N 125 
LEU HB2  H  N N 126 
LEU HB3  H  N N 127 
LEU HG   H  N N 128 
LEU HD11 H  N N 129 
LEU HD12 H  N N 130 
LEU HD13 H  N N 131 
LEU HD21 H  N N 132 
LEU HD22 H  N N 133 
LEU HD23 H  N N 134 
LEU HXT  H  N N 135 
LYS N    N  N N 136 
LYS CA   C  N S 137 
LYS C    C  N N 138 
LYS O    O  N N 139 
LYS CB   C  N N 140 
LYS CG   C  N N 141 
LYS CD   C  N N 142 
LYS CE   C  N N 143 
LYS NZ   N  N N 144 
LYS OXT  O  N N 145 
LYS H    H  N N 146 
LYS H2   H  N N 147 
LYS HA   H  N N 148 
LYS HB2  H  N N 149 
LYS HB3  H  N N 150 
LYS HG2  H  N N 151 
LYS HG3  H  N N 152 
LYS HD2  H  N N 153 
LYS HD3  H  N N 154 
LYS HE2  H  N N 155 
LYS HE3  H  N N 156 
LYS HZ1  H  N N 157 
LYS HZ2  H  N N 158 
LYS HZ3  H  N N 159 
LYS HXT  H  N N 160 
NA  NA   NA N N 161 
PRO N    N  N N 162 
PRO CA   C  N S 163 
PRO C    C  N N 164 
PRO O    O  N N 165 
PRO CB   C  N N 166 
PRO CG   C  N N 167 
PRO CD   C  N N 168 
PRO OXT  O  N N 169 
PRO H    H  N N 170 
PRO HA   H  N N 171 
PRO HB2  H  N N 172 
PRO HB3  H  N N 173 
PRO HG2  H  N N 174 
PRO HG3  H  N N 175 
PRO HD2  H  N N 176 
PRO HD3  H  N N 177 
PRO HXT  H  N N 178 
SER N    N  N N 179 
SER CA   C  N S 180 
SER C    C  N N 181 
SER O    O  N N 182 
SER CB   C  N N 183 
SER OG   O  N N 184 
SER OXT  O  N N 185 
SER H    H  N N 186 
SER H2   H  N N 187 
SER HA   H  N N 188 
SER HB2  H  N N 189 
SER HB3  H  N N 190 
SER HG   H  N N 191 
SER HXT  H  N N 192 
THR N    N  N N 193 
THR CA   C  N S 194 
THR C    C  N N 195 
THR O    O  N N 196 
THR CB   C  N R 197 
THR OG1  O  N N 198 
THR CG2  C  N N 199 
THR OXT  O  N N 200 
THR H    H  N N 201 
THR H2   H  N N 202 
THR HA   H  N N 203 
THR HB   H  N N 204 
THR HG1  H  N N 205 
THR HG21 H  N N 206 
THR HG22 H  N N 207 
THR HG23 H  N N 208 
THR HXT  H  N N 209 
TRP N    N  N N 210 
TRP CA   C  N S 211 
TRP C    C  N N 212 
TRP O    O  N N 213 
TRP CB   C  N N 214 
TRP CG   C  Y N 215 
TRP CD1  C  Y N 216 
TRP CD2  C  Y N 217 
TRP NE1  N  Y N 218 
TRP CE2  C  Y N 219 
TRP CE3  C  Y N 220 
TRP CZ2  C  Y N 221 
TRP CZ3  C  Y N 222 
TRP CH2  C  Y N 223 
TRP OXT  O  N N 224 
TRP H    H  N N 225 
TRP H2   H  N N 226 
TRP HA   H  N N 227 
TRP HB2  H  N N 228 
TRP HB3  H  N N 229 
TRP HD1  H  N N 230 
TRP HE1  H  N N 231 
TRP HE3  H  N N 232 
TRP HZ2  H  N N 233 
TRP HZ3  H  N N 234 
TRP HH2  H  N N 235 
TRP HXT  H  N N 236 
TYR N    N  N N 237 
TYR CA   C  N S 238 
TYR C    C  N N 239 
TYR O    O  N N 240 
TYR CB   C  N N 241 
TYR CG   C  Y N 242 
TYR CD1  C  Y N 243 
TYR CD2  C  Y N 244 
TYR CE1  C  Y N 245 
TYR CE2  C  Y N 246 
TYR CZ   C  Y N 247 
TYR OH   O  N N 248 
TYR OXT  O  N N 249 
TYR H    H  N N 250 
TYR H2   H  N N 251 
TYR HA   H  N N 252 
TYR HB2  H  N N 253 
TYR HB3  H  N N 254 
TYR HD1  H  N N 255 
TYR HD2  H  N N 256 
TYR HE1  H  N N 257 
TYR HE2  H  N N 258 
TYR HH   H  N N 259 
TYR HXT  H  N N 260 
VAL N    N  N N 261 
VAL CA   C  N S 262 
VAL C    C  N N 263 
VAL O    O  N N 264 
VAL CB   C  N N 265 
VAL CG1  C  N N 266 
VAL CG2  C  N N 267 
VAL OXT  O  N N 268 
VAL H    H  N N 269 
VAL H2   H  N N 270 
VAL HA   H  N N 271 
VAL HB   H  N N 272 
VAL HG11 H  N N 273 
VAL HG12 H  N N 274 
VAL HG13 H  N N 275 
VAL HG21 H  N N 276 
VAL HG22 H  N N 277 
VAL HG23 H  N N 278 
VAL HXT  H  N N 279 
# 
loop_
_chem_comp_bond.comp_id 
_chem_comp_bond.atom_id_1 
_chem_comp_bond.atom_id_2 
_chem_comp_bond.value_order 
_chem_comp_bond.pdbx_aromatic_flag 
_chem_comp_bond.pdbx_stereo_config 
_chem_comp_bond.pdbx_ordinal 
ALA N   CA   sing N N 1   
ALA N   H    sing N N 2   
ALA N   H2   sing N N 3   
ALA CA  C    sing N N 4   
ALA CA  CB   sing N N 5   
ALA CA  HA   sing N N 6   
ALA C   O    doub N N 7   
ALA C   OXT  sing N N 8   
ALA CB  HB1  sing N N 9   
ALA CB  HB2  sing N N 10  
ALA CB  HB3  sing N N 11  
ALA OXT HXT  sing N N 12  
ASN N   CA   sing N N 13  
ASN N   H    sing N N 14  
ASN N   H2   sing N N 15  
ASN CA  C    sing N N 16  
ASN CA  CB   sing N N 17  
ASN CA  HA   sing N N 18  
ASN C   O    doub N N 19  
ASN C   OXT  sing N N 20  
ASN CB  CG   sing N N 21  
ASN CB  HB2  sing N N 22  
ASN CB  HB3  sing N N 23  
ASN CG  OD1  doub N N 24  
ASN CG  ND2  sing N N 25  
ASN ND2 HD21 sing N N 26  
ASN ND2 HD22 sing N N 27  
ASN OXT HXT  sing N N 28  
ASP N   CA   sing N N 29  
ASP N   H    sing N N 30  
ASP N   H2   sing N N 31  
ASP CA  C    sing N N 32  
ASP CA  CB   sing N N 33  
ASP CA  HA   sing N N 34  
ASP C   O    doub N N 35  
ASP C   OXT  sing N N 36  
ASP CB  CG   sing N N 37  
ASP CB  HB2  sing N N 38  
ASP CB  HB3  sing N N 39  
ASP CG  OD1  doub N N 40  
ASP CG  OD2  sing N N 41  
ASP OD2 HD2  sing N N 42  
ASP OXT HXT  sing N N 43  
CYS N   CA   sing N N 44  
CYS N   H    sing N N 45  
CYS N   H2   sing N N 46  
CYS CA  C    sing N N 47  
CYS CA  CB   sing N N 48  
CYS CA  HA   sing N N 49  
CYS C   O    doub N N 50  
CYS C   OXT  sing N N 51  
CYS CB  SG   sing N N 52  
CYS CB  HB2  sing N N 53  
CYS CB  HB3  sing N N 54  
CYS SG  HG   sing N N 55  
CYS OXT HXT  sing N N 56  
GLU N   CA   sing N N 57  
GLU N   H    sing N N 58  
GLU N   H2   sing N N 59  
GLU CA  C    sing N N 60  
GLU CA  CB   sing N N 61  
GLU CA  HA   sing N N 62  
GLU C   O    doub N N 63  
GLU C   OXT  sing N N 64  
GLU CB  CG   sing N N 65  
GLU CB  HB2  sing N N 66  
GLU CB  HB3  sing N N 67  
GLU CG  CD   sing N N 68  
GLU CG  HG2  sing N N 69  
GLU CG  HG3  sing N N 70  
GLU CD  OE1  doub N N 71  
GLU CD  OE2  sing N N 72  
GLU OE2 HE2  sing N N 73  
GLU OXT HXT  sing N N 74  
GLY N   CA   sing N N 75  
GLY N   H    sing N N 76  
GLY N   H2   sing N N 77  
GLY CA  C    sing N N 78  
GLY CA  HA2  sing N N 79  
GLY CA  HA3  sing N N 80  
GLY C   O    doub N N 81  
GLY C   OXT  sing N N 82  
GLY OXT HXT  sing N N 83  
HIS N   CA   sing N N 84  
HIS N   H    sing N N 85  
HIS N   H2   sing N N 86  
HIS CA  C    sing N N 87  
HIS CA  CB   sing N N 88  
HIS CA  HA   sing N N 89  
HIS C   O    doub N N 90  
HIS C   OXT  sing N N 91  
HIS CB  CG   sing N N 92  
HIS CB  HB2  sing N N 93  
HIS CB  HB3  sing N N 94  
HIS CG  ND1  sing Y N 95  
HIS CG  CD2  doub Y N 96  
HIS ND1 CE1  doub Y N 97  
HIS ND1 HD1  sing N N 98  
HIS CD2 NE2  sing Y N 99  
HIS CD2 HD2  sing N N 100 
HIS CE1 NE2  sing Y N 101 
HIS CE1 HE1  sing N N 102 
HIS NE2 HE2  sing N N 103 
HIS OXT HXT  sing N N 104 
HOH O   H1   sing N N 105 
HOH O   H2   sing N N 106 
LEU N   CA   sing N N 107 
LEU N   H    sing N N 108 
LEU N   H2   sing N N 109 
LEU CA  C    sing N N 110 
LEU CA  CB   sing N N 111 
LEU CA  HA   sing N N 112 
LEU C   O    doub N N 113 
LEU C   OXT  sing N N 114 
LEU CB  CG   sing N N 115 
LEU CB  HB2  sing N N 116 
LEU CB  HB3  sing N N 117 
LEU CG  CD1  sing N N 118 
LEU CG  CD2  sing N N 119 
LEU CG  HG   sing N N 120 
LEU CD1 HD11 sing N N 121 
LEU CD1 HD12 sing N N 122 
LEU CD1 HD13 sing N N 123 
LEU CD2 HD21 sing N N 124 
LEU CD2 HD22 sing N N 125 
LEU CD2 HD23 sing N N 126 
LEU OXT HXT  sing N N 127 
LYS N   CA   sing N N 128 
LYS N   H    sing N N 129 
LYS N   H2   sing N N 130 
LYS CA  C    sing N N 131 
LYS CA  CB   sing N N 132 
LYS CA  HA   sing N N 133 
LYS C   O    doub N N 134 
LYS C   OXT  sing N N 135 
LYS CB  CG   sing N N 136 
LYS CB  HB2  sing N N 137 
LYS CB  HB3  sing N N 138 
LYS CG  CD   sing N N 139 
LYS CG  HG2  sing N N 140 
LYS CG  HG3  sing N N 141 
LYS CD  CE   sing N N 142 
LYS CD  HD2  sing N N 143 
LYS CD  HD3  sing N N 144 
LYS CE  NZ   sing N N 145 
LYS CE  HE2  sing N N 146 
LYS CE  HE3  sing N N 147 
LYS NZ  HZ1  sing N N 148 
LYS NZ  HZ2  sing N N 149 
LYS NZ  HZ3  sing N N 150 
LYS OXT HXT  sing N N 151 
PRO N   CA   sing N N 152 
PRO N   CD   sing N N 153 
PRO N   H    sing N N 154 
PRO CA  C    sing N N 155 
PRO CA  CB   sing N N 156 
PRO CA  HA   sing N N 157 
PRO C   O    doub N N 158 
PRO C   OXT  sing N N 159 
PRO CB  CG   sing N N 160 
PRO CB  HB2  sing N N 161 
PRO CB  HB3  sing N N 162 
PRO CG  CD   sing N N 163 
PRO CG  HG2  sing N N 164 
PRO CG  HG3  sing N N 165 
PRO CD  HD2  sing N N 166 
PRO CD  HD3  sing N N 167 
PRO OXT HXT  sing N N 168 
SER N   CA   sing N N 169 
SER N   H    sing N N 170 
SER N   H2   sing N N 171 
SER CA  C    sing N N 172 
SER CA  CB   sing N N 173 
SER CA  HA   sing N N 174 
SER C   O    doub N N 175 
SER C   OXT  sing N N 176 
SER CB  OG   sing N N 177 
SER CB  HB2  sing N N 178 
SER CB  HB3  sing N N 179 
SER OG  HG   sing N N 180 
SER OXT HXT  sing N N 181 
THR N   CA   sing N N 182 
THR N   H    sing N N 183 
THR N   H2   sing N N 184 
THR CA  C    sing N N 185 
THR CA  CB   sing N N 186 
THR CA  HA   sing N N 187 
THR C   O    doub N N 188 
THR C   OXT  sing N N 189 
THR CB  OG1  sing N N 190 
THR CB  CG2  sing N N 191 
THR CB  HB   sing N N 192 
THR OG1 HG1  sing N N 193 
THR CG2 HG21 sing N N 194 
THR CG2 HG22 sing N N 195 
THR CG2 HG23 sing N N 196 
THR OXT HXT  sing N N 197 
TRP N   CA   sing N N 198 
TRP N   H    sing N N 199 
TRP N   H2   sing N N 200 
TRP CA  C    sing N N 201 
TRP CA  CB   sing N N 202 
TRP CA  HA   sing N N 203 
TRP C   O    doub N N 204 
TRP C   OXT  sing N N 205 
TRP CB  CG   sing N N 206 
TRP CB  HB2  sing N N 207 
TRP CB  HB3  sing N N 208 
TRP CG  CD1  doub Y N 209 
TRP CG  CD2  sing Y N 210 
TRP CD1 NE1  sing Y N 211 
TRP CD1 HD1  sing N N 212 
TRP CD2 CE2  doub Y N 213 
TRP CD2 CE3  sing Y N 214 
TRP NE1 CE2  sing Y N 215 
TRP NE1 HE1  sing N N 216 
TRP CE2 CZ2  sing Y N 217 
TRP CE3 CZ3  doub Y N 218 
TRP CE3 HE3  sing N N 219 
TRP CZ2 CH2  doub Y N 220 
TRP CZ2 HZ2  sing N N 221 
TRP CZ3 CH2  sing Y N 222 
TRP CZ3 HZ3  sing N N 223 
TRP CH2 HH2  sing N N 224 
TRP OXT HXT  sing N N 225 
TYR N   CA   sing N N 226 
TYR N   H    sing N N 227 
TYR N   H2   sing N N 228 
TYR CA  C    sing N N 229 
TYR CA  CB   sing N N 230 
TYR CA  HA   sing N N 231 
TYR C   O    doub N N 232 
TYR C   OXT  sing N N 233 
TYR CB  CG   sing N N 234 
TYR CB  HB2  sing N N 235 
TYR CB  HB3  sing N N 236 
TYR CG  CD1  doub Y N 237 
TYR CG  CD2  sing Y N 238 
TYR CD1 CE1  sing Y N 239 
TYR CD1 HD1  sing N N 240 
TYR CD2 CE2  doub Y N 241 
TYR CD2 HD2  sing N N 242 
TYR CE1 CZ   doub Y N 243 
TYR CE1 HE1  sing N N 244 
TYR CE2 CZ   sing Y N 245 
TYR CE2 HE2  sing N N 246 
TYR CZ  OH   sing N N 247 
TYR OH  HH   sing N N 248 
TYR OXT HXT  sing N N 249 
VAL N   CA   sing N N 250 
VAL N   H    sing N N 251 
VAL N   H2   sing N N 252 
VAL CA  C    sing N N 253 
VAL CA  CB   sing N N 254 
VAL CA  HA   sing N N 255 
VAL C   O    doub N N 256 
VAL C   OXT  sing N N 257 
VAL CB  CG1  sing N N 258 
VAL CB  CG2  sing N N 259 
VAL CB  HB   sing N N 260 
VAL CG1 HG11 sing N N 261 
VAL CG1 HG12 sing N N 262 
VAL CG1 HG13 sing N N 263 
VAL CG2 HG21 sing N N 264 
VAL CG2 HG22 sing N N 265 
VAL CG2 HG23 sing N N 266 
VAL OXT HXT  sing N N 267 
# 
_pdbx_initial_refinement_model.id               1 
_pdbx_initial_refinement_model.entity_id_list   ? 
_pdbx_initial_refinement_model.type             'experimental model' 
_pdbx_initial_refinement_model.source_name      PDB 
_pdbx_initial_refinement_model.accession_code   1AN1 
_pdbx_initial_refinement_model.details          'PDB ENTRY 1AN1' 
# 
_atom_sites.entry_id                    4HGU 
_atom_sites.fract_transf_matrix[1][1]   -0.01238278 
_atom_sites.fract_transf_matrix[1][2]   -0.03448951 
_atom_sites.fract_transf_matrix[1][3]   0.00135252 
_atom_sites.fract_transf_matrix[2][1]   0.02203870 
_atom_sites.fract_transf_matrix[2][2]   -0.00875571 
_atom_sites.fract_transf_matrix[2][3]   -0.02150054 
_atom_sites.fract_transf_matrix[3][1]   0.01795843 
_atom_sites.fract_transf_matrix[3][2]   -0.00563574 
_atom_sites.fract_transf_matrix[3][3]   0.02070298 
_atom_sites.fract_transf_vector[1]      -0.385532 
_atom_sites.fract_transf_vector[2]      0.119285 
_atom_sites.fract_transf_vector[3]      -0.107971 
# 
loop_
_atom_type.symbol 
C  
N  
NA 
O  
S  
# 
loop_
_atom_site.group_PDB 
_atom_site.id 
_atom_site.type_symbol 
_atom_site.label_atom_id 
_atom_site.label_alt_id 
_atom_site.label_comp_id 
_atom_site.label_asym_id 
_atom_site.label_entity_id 
_atom_site.label_seq_id 
_atom_site.pdbx_PDB_ins_code 
_atom_site.Cartn_x 
_atom_site.Cartn_y 
_atom_site.Cartn_z 
_atom_site.occupancy 
_atom_site.B_iso_or_equiv 
_atom_site.pdbx_formal_charge 
_atom_site.auth_seq_id 
_atom_site.auth_comp_id 
_atom_site.auth_asym_id 
_atom_site.auth_atom_id 
_atom_site.pdbx_PDB_model_num 
ATOM   1   N  N   . GLU A 1 1  ? 12.332  0.189   -12.758 1.00   6.95  ? 1   GLU A N   1 
ATOM   2   C  CA  . GLU A 1 1  ? 12.504  -0.557  -11.463 1.00   7.60  ? 1   GLU A CA  1 
ATOM   3   C  C   . GLU A 1 1  ? 11.774  -1.779  -11.585 1.00   7.02  ? 1   GLU A C   1 
ATOM   4   O  O   . GLU A 1 1  ? 10.740  -1.866  -12.291 1.00   7.22  ? 1   GLU A O   1 
ATOM   5   C  CB  A GLU A 1 1  ? 11.947  0.152   -10.187 0.59   11.17 ? 1   GLU A CB  1 
ATOM   6   C  CB  B GLU A 1 1  ? 11.881  0.419   -10.391 0.41   9.97  ? 1   GLU A CB  1 
ATOM   7   C  CG  A GLU A 1 1  ? 10.443  0.285   -10.129 0.59   12.62 ? 1   GLU A CG  1 
ATOM   8   C  CG  B GLU A 1 1  ? 11.913  0.066   -8.925  0.41   11.88 ? 1   GLU A CG  1 
ATOM   9   C  CD  A GLU A 1 1  ? 9.866   1.038   -8.942  0.59   12.44 ? 1   GLU A CD  1 
ATOM   10  C  CD  B GLU A 1 1  ? 11.307  1.069   -7.953  0.41   14.17 ? 1   GLU A CD  1 
ATOM   11  O  OE1 A GLU A 1 1  ? 10.540  1.608   -8.071  0.59   25.02 ? 1   GLU A OE1 1 
ATOM   12  O  OE1 B GLU A 1 1  ? 10.599  1.975   -8.444  0.41   17.34 ? 1   GLU A OE1 1 
ATOM   13  O  OE2 A GLU A 1 1  ? 8.638   1.022   -9.043  0.59   19.35 ? 1   GLU A OE2 1 
ATOM   14  O  OE2 B GLU A 1 1  ? 11.535  1.077   -6.714  0.41   24.70 ? 1   GLU A OE2 1 
ATOM   15  N  N   . ALA A 1 2  ? 12.268  -2.842  -10.930 1.00   8.54  ? 2   ALA A N   1 
ATOM   16  C  CA  . ALA A 1 2  ? 11.568  -4.162  -10.985 1.00   9.18  ? 2   ALA A CA  1 
ATOM   17  C  C   . ALA A 1 2  ? 10.145  -3.987  -10.494 1.00   8.05  ? 2   ALA A C   1 
ATOM   18  O  O   . ALA A 1 2  ? 9.869   -3.332  -9.534  1.00   9.59  ? 2   ALA A O   1 
ATOM   19  C  CB  . ALA A 1 2  ? 12.341  -5.166  -10.149 1.00   12.47 ? 2   ALA A CB  1 
ATOM   20  N  N   . ALA A 1 3  ? 9.212   -4.712  -11.124 1.00   8.31  ? 3   ALA A N   1 
ATOM   21  C  CA  . ALA A 1 3  ? 7.820   -4.821  -10.696 1.00   7.83  ? 3   ALA A CA  1 
ATOM   22  C  C   . ALA A 1 3  ? 7.634   -5.997  -9.818  1.00   7.05  ? 3   ALA A C   1 
ATOM   23  O  O   . ALA A 1 3  ? 7.779   -7.139  -10.241 1.00   11.70 ? 3   ALA A O   1 
ATOM   24  C  CB  . ALA A 1 3  ? 6.926   -4.917  -11.860 1.00   11.53 ? 3   ALA A CB  1 
ATOM   25  N  N   . VAL A 1 4  ? 7.415   -5.747  -8.554  1.00   4.61  ? 4   VAL A N   1 
ATOM   26  C  CA  A VAL A 1 4  ? 7.511   -6.887  -7.607  0.54   4.87  ? 4   VAL A CA  1 
ATOM   27  C  CA  B VAL A 1 4  ? 7.457   -6.642  -7.440  0.46   4.21  ? 4   VAL A CA  1 
ATOM   28  C  C   . VAL A 1 4  ? 6.166   -7.178  -6.946  1.00   3.71  ? 4   VAL A C   1 
ATOM   29  O  O   . VAL A 1 4  ? 6.061   -8.266  -6.441  1.00   7.52  ? 4   VAL A O   1 
ATOM   30  C  CB  A VAL A 1 4  ? 8.686   -6.755  -6.577  0.54   3.90  ? 4   VAL A CB  1 
ATOM   31  C  CB  B VAL A 1 4  ? 8.164   -5.882  -6.273  0.46   5.03  ? 4   VAL A CB  1 
ATOM   32  C  CG1 A VAL A 1 4  ? 10.033  -6.484  -7.221  0.54   6.55  ? 4   VAL A CG1 1 
ATOM   33  C  CG1 B VAL A 1 4  ? 8.063   -6.719  -5.016  0.46   5.29  ? 4   VAL A CG1 1 
ATOM   34  C  CG2 A VAL A 1 4  ? 8.343   -5.698  -5.545  0.54   5.85  ? 4   VAL A CG2 1 
ATOM   35  C  CG2 B VAL A 1 4  ? 9.614   -5.659  -6.633  0.46   7.00  ? 4   VAL A CG2 1 
ATOM   36  N  N   . CYS A 1 5  ? 5.194   -6.269  -6.902  1.00   4.13  ? 5   CYS A N   1 
ATOM   37  C  CA  . CYS A 1 5  ? 3.918   -6.458  -6.239  1.00   4.14  ? 5   CYS A CA  1 
ATOM   38  C  C   . CYS A 1 5  ? 2.822   -6.880  -7.225  1.00   4.85  ? 5   CYS A C   1 
ATOM   39  O  O   . CYS A 1 5  ? 2.872   -6.443  -8.396  1.00   7.77  ? 5   CYS A O   1 
ATOM   40  C  CB  . CYS A 1 5  ? 3.474   -5.215  -5.503  1.00   5.35  ? 5   CYS A CB  1 
ATOM   41  S  SG  . CYS A 1 5  ? 4.650   -4.545  -4.329  1.00   5.29  ? 5   CYS A SG  1 
ATOM   42  N  N   . THR A 1 6  ? 1.863   -7.645  -6.781  1.00   4.74  ? 6   THR A N   1 
ATOM   43  C  CA  . THR A 1 6  ? 0.721   -7.977  -7.578  1.00   4.59  ? 6   THR A CA  1 
ATOM   44  C  C   . THR A 1 6  ? -0.314  -6.898  -7.543  1.00   4.20  ? 6   THR A C   1 
ATOM   45  O  O   . THR A 1 6  ? -0.306  -6.011  -6.673  1.00   5.17  ? 6   THR A O   1 
ATOM   46  C  CB  . THR A 1 6  ? 0.109   -9.286  -7.215  1.00   5.19  ? 6   THR A CB  1 
ATOM   47  O  OG1 . THR A 1 6  ? -0.700  -9.061  -6.053  1.00   6.33  ? 6   THR A OG1 1 
ATOM   48  C  CG2 . THR A 1 6  ? 1.093   -10.423 -7.075  1.00   6.69  ? 6   THR A CG2 1 
ATOM   49  N  N   . THR A 1 7  ? -1.273  -6.982  -8.474  1.00   4.49  ? 7   THR A N   1 
ATOM   50  C  CA  . THR A 1 7  ? -2.420  -6.064  -8.489  1.00   5.55  ? 7   THR A CA  1 
ATOM   51  C  C   . THR A 1 7  ? -3.593  -6.520  -7.639  1.00   5.48  ? 7   THR A C   1 
ATOM   52  O  O   . THR A 1 7  ? -4.693  -5.989  -7.748  1.00   10.20 ? 7   THR A O   1 
ATOM   53  C  CB  . THR A 1 7  ? -2.884  -5.808  -9.949  1.00   7.13  ? 7   THR A CB  1 
ATOM   54  O  OG1 . THR A 1 7  ? -3.256  -7.007  -10.561 1.00   9.33  ? 7   THR A OG1 1 
ATOM   55  C  CG2 . THR A 1 7  ? -1.746  -5.074  -10.679 1.00   11.94 ? 7   THR A CG2 1 
ATOM   56  N  N   . GLU A 1 8  ? -3.411  -7.524  -6.826  1.00   4.44  ? 8   GLU A N   1 
ATOM   57  C  CA  . GLU A 1 8  ? -4.527  -7.995  -5.968  1.00   5.23  ? 8   GLU A CA  1 
ATOM   58  C  C   . GLU A 1 8  ? -4.900  -6.933  -5.005  1.00   5.12  ? 8   GLU A C   1 
ATOM   59  O  O   . GLU A 1 8  ? -4.081  -6.461  -4.207  1.00   9.02  ? 8   GLU A O   1 
ATOM   60  C  CB  A GLU A 1 8  ? -4.097  -9.160  -5.131  0.51   6.84  ? 8   GLU A CB  1 
ATOM   61  C  CB  B GLU A 1 8  ? -4.203  -9.407  -5.536  0.49   6.55  ? 8   GLU A CB  1 
ATOM   62  C  CG  A GLU A 1 8  ? -5.262  -9.757  -4.362  0.51   14.16 ? 8   GLU A CG  1 
ATOM   63  C  CG  B GLU A 1 8  ? -3.974  -10.528 -6.545  0.42   12.58 ? 8   GLU A CG  1 
ATOM   64  C  CD  A GLU A 1 8  ? -6.340  -10.321 -5.262  0.38   17.79 ? 8   GLU A CD  1 
ATOM   65  C  CD  B GLU A 1 8  ? -5.177  -10.693 -7.482  0.42   13.53 ? 8   GLU A CD  1 
ATOM   66  O  OE1 A GLU A 1 8  ? -6.002  -11.079 -6.193  0.38   17.68 ? 8   GLU A OE1 1 
ATOM   67  O  OE1 B GLU A 1 8  ? -6.313  -10.737 -6.974  0.42   18.80 ? 8   GLU A OE1 1 
ATOM   68  O  OE2 A GLU A 1 8  ? -7.529  -10.021 -5.009  0.38   23.97 ? 8   GLU A OE2 1 
ATOM   69  O  OE2 B GLU A 1 8  ? -4.906  -10.716 -8.706  0.42   18.45 ? 8   GLU A OE2 1 
ATOM   70  N  N   . TRP A 1 9  ? -6.154  -6.474  -5.075  1.00   4.63  ? 9   TRP A N   1 
ATOM   71  C  CA  . TRP A 1 9  ? -6.624  -5.339  -4.262  1.00   4.67  ? 9   TRP A CA  1 
ATOM   72  C  C   . TRP A 1 9  ? -7.061  -5.802  -2.893  1.00   4.36  ? 9   TRP A C   1 
ATOM   73  O  O   . TRP A 1 9  ? -8.094  -6.450  -2.695  1.00   6.30  ? 9   TRP A O   1 
ATOM   74  C  CB  . TRP A 1 9  ? -7.781  -4.663  -5.002  1.00   4.70  ? 9   TRP A CB  1 
ATOM   75  C  CG  . TRP A 1 9  ? -8.434  -3.502  -4.279  1.00   4.72  ? 9   TRP A CG  1 
ATOM   76  C  CD1 . TRP A 1 9  ? -9.650  -3.585  -3.635  1.00   5.58  ? 9   TRP A CD1 1 
ATOM   77  C  CD2 . TRP A 1 9  ? -7.996  -2.165  -4.196  1.00   5.05  ? 9   TRP A CD2 1 
ATOM   78  N  NE1 . TRP A 1 9  ? -9.962  -2.326  -3.196  1.00   6.17  ? 9   TRP A NE1 1 
ATOM   79  C  CE2 . TRP A 1 9  ? -9.008  -1.422  -3.514  1.00   5.50  ? 9   TRP A CE2 1 
ATOM   80  C  CE3 . TRP A 1 9  ? -6.873  -1.473  -4.659  1.00   5.39  ? 9   TRP A CE3 1 
ATOM   81  C  CZ2 . TRP A 1 9  ? -8.906  -0.070  -3.306  1.00   6.41  ? 9   TRP A CZ2 1 
ATOM   82  C  CZ3 . TRP A 1 9  ? -6.788  -0.122  -4.369  1.00   6.35  ? 9   TRP A CZ3 1 
ATOM   83  C  CH2 . TRP A 1 9  ? -7.770  0.584   -3.781  1.00   6.74  ? 9   TRP A CH2 1 
ATOM   84  N  N   . ASP A 1 10 ? -6.252  -5.414  -1.885  1.00   4.00  ? 10  ASP A N   1 
ATOM   85  C  CA  . ASP A 1 10 ? -6.501  -5.666  -0.490  1.00   4.50  ? 10  ASP A CA  1 
ATOM   86  C  C   . ASP A 1 10 ? -5.910  -4.413  0.217   1.00   3.97  ? 10  ASP A C   1 
ATOM   87  O  O   . ASP A 1 10 ? -4.802  -4.471  0.745   1.00   4.17  ? 10  ASP A O   1 
ATOM   88  C  CB  A ASP A 1 10 ? -5.901  -6.959  -0.045  0.52   6.87  ? 10  ASP A CB  1 
ATOM   89  C  CB  B ASP A 1 10 ? -5.784  -6.913  0.054   0.48   6.15  ? 10  ASP A CB  1 
ATOM   90  C  CG  A ASP A 1 10 ? -6.353  -7.401  1.342   0.49   9.20  ? 10  ASP A CG  1 
ATOM   91  C  CG  B ASP A 1 10 ? -6.557  -8.186  -0.305  0.44   7.64  ? 10  ASP A CG  1 
ATOM   92  O  OD1 A ASP A 1 10 ? -5.734  -8.371  1.792   0.49   17.97 ? 10  ASP A OD1 1 
ATOM   93  O  OD1 B ASP A 1 10 ? -7.626  -8.396  0.310   0.44   10.09 ? 10  ASP A OD1 1 
ATOM   94  O  OD2 A ASP A 1 10 ? -7.251  -6.677  1.917   0.49   9.07  ? 10  ASP A OD2 1 
ATOM   95  O  OD2 B ASP A 1 10 ? -6.094  -8.908  -1.204  0.44   10.60 ? 10  ASP A OD2 1 
ATOM   96  N  N   . PRO A 1 11 ? -6.597  -3.290  0.108   1.00   3.36  ? 11  PRO A N   1 
ATOM   97  C  CA  . PRO A 1 11 ? -5.941  -2.007  0.286   1.00   3.81  ? 11  PRO A CA  1 
ATOM   98  C  C   . PRO A 1 11 ? -5.551  -1.742  1.704   1.00   3.31  ? 11  PRO A C   1 
ATOM   99  O  O   . PRO A 1 11 ? -6.164  -2.199  2.672   1.00   4.23  ? 11  PRO A O   1 
ATOM   100 C  CB  . PRO A 1 11 ? -6.953  -1.013  -0.235  1.00   4.64  ? 11  PRO A CB  1 
ATOM   101 C  CG  . PRO A 1 11 ? -8.285  -1.732  -0.021  1.00   4.96  ? 11  PRO A CG  1 
ATOM   102 C  CD  . PRO A 1 11 ? -7.948  -3.145  -0.404  1.00   4.61  ? 11  PRO A CD  1 
ATOM   103 N  N   . VAL A 1 12 ? -4.543  -0.877  1.850   1.00   3.36  ? 12  VAL A N   1 
ATOM   104 C  CA  . VAL A 1 12 ? -4.099  -0.345  3.136   1.00   3.22  ? 12  VAL A CA  1 
ATOM   105 C  C   . VAL A 1 12 ? -3.877  1.179   2.969   1.00   2.89  ? 12  VAL A C   1 
ATOM   106 O  O   . VAL A 1 12 ? -3.728  1.671   1.872   1.00   4.40  ? 12  VAL A O   1 
ATOM   107 C  CB  . VAL A 1 12 ? -2.810  -1.035  3.633   1.00   3.59  ? 12  VAL A CB  1 
ATOM   108 C  CG1 . VAL A 1 12 ? -3.069  -2.549  3.794   1.00   5.23  ? 12  VAL A CG1 1 
ATOM   109 C  CG2 . VAL A 1 12 ? -1.613  -0.794  2.736   1.00   4.86  ? 12  VAL A CG2 1 
ATOM   110 N  N   . CYS A 1 13 ? -3.851  1.819   4.107   1.00   3.13  ? 13  CYS A N   1 
ATOM   111 C  CA  . CYS A 1 13 ? -3.762  3.270   4.153   1.00   2.98  ? 13  CYS A CA  1 
ATOM   112 C  C   . CYS A 1 13 ? -2.378  3.689   4.695   1.00   2.95  ? 13  CYS A C   1 
ATOM   113 O  O   . CYS A 1 13 ? -2.072  3.359   5.859   1.00   3.87  ? 13  CYS A O   1 
ATOM   114 C  CB  . CYS A 1 13 ? -4.870  3.870   4.977   1.00   3.67  ? 13  CYS A CB  1 
ATOM   115 S  SG  . CYS A 1 13 ? -4.784  5.655   5.105   1.00   5.30  ? 13  CYS A SG  1 
ATOM   116 N  N   . GLY A 1 14 ? -1.591  4.353   3.888   1.00   3.13  ? 14  GLY A N   1 
ATOM   117 C  CA  . GLY A 1 14 ? -0.293  4.840   4.327   1.00   3.44  ? 14  GLY A CA  1 
ATOM   118 C  C   . GLY A 1 14 ? -0.427  6.093   5.156   1.00   3.74  ? 14  GLY A C   1 
ATOM   119 O  O   . GLY A 1 14 ? -1.339  6.890   5.022   1.00   4.66  ? 14  GLY A O   1 
ATOM   120 N  N   . LYS A 1 15 ? 0.601   6.290   6.036   1.00   4.39  ? 15  LYS A N   1 
ATOM   121 C  CA  . LYS A 1 15 ? 0.689   7.532   6.834   1.00   4.53  ? 15  LYS A CA  1 
ATOM   122 C  C   . LYS A 1 15 ? 0.873   8.781   6.001   1.00   5.47  ? 15  LYS A C   1 
ATOM   123 O  O   . LYS A 1 15 ? 0.699   9.887   6.517   1.00   7.19  ? 15  LYS A O   1 
ATOM   124 C  CB  . LYS A 1 15 ? 1.777   7.336   7.883   1.00   5.34  ? 15  LYS A CB  1 
ATOM   125 C  CG  . LYS A 1 15 ? 1.465   6.461   8.988   1.00   6.96  ? 15  LYS A CG  1 
ATOM   126 C  CD  . LYS A 1 15 ? 2.556   6.319   10.011  1.00   11.16 ? 15  LYS A CD  1 
ATOM   127 C  CE  . LYS A 1 15 ? 2.278   5.637   11.279  0.72   15.25 ? 15  LYS A CE  1 
ATOM   128 N  NZ  . LYS A 1 15 ? 3.499   5.719   12.106  0.29   19.99 ? 15  LYS A NZ  1 
ATOM   129 N  N   . ASP A 1 16 ? 1.247   8.630   4.726   1.00   5.24  ? 16  ASP A N   1 
ATOM   130 C  CA  . ASP A 1 16 ? 1.322   9.696   3.779   1.00   6.13  ? 16  ASP A CA  1 
ATOM   131 C  C   . ASP A 1 16 ? -0.031  10.137  3.261   1.00   6.19  ? 16  ASP A C   1 
ATOM   132 O  O   . ASP A 1 16 ? -0.132  11.087  2.524   1.00   8.91  ? 16  ASP A O   1 
ATOM   133 C  CB  . ASP A 1 16 ? 2.166   9.320   2.622   1.00   6.66  ? 16  ASP A CB  1 
ATOM   134 C  CG  . ASP A 1 16 ? 1.750   8.121   1.866   1.00   5.59  ? 16  ASP A CG  1 
ATOM   135 O  OD1 . ASP A 1 16 ? 0.817   7.421   2.268   1.00   5.25  ? 16  ASP A OD1 1 
ATOM   136 O  OD2 . ASP A 1 16 ? 2.435   7.843   0.826   1.00   6.49  ? 16  ASP A OD2 1 
ATOM   137 N  N   . GLY A 1 17 ? -1.116  9.434   3.690   1.00   5.92  ? 17  GLY A N   1 
ATOM   138 C  CA  . GLY A 1 17 ? -2.481  9.732   3.186   1.00   6.76  ? 17  GLY A CA  1 
ATOM   139 C  C   . GLY A 1 17 ? -2.767  9.212   1.845   1.00   5.29  ? 17  GLY A C   1 
ATOM   140 O  O   . GLY A 1 17 ? -3.739  9.707   1.221   1.00   6.89  ? 17  GLY A O   1 
ATOM   141 N  N   . LYS A 1 18 ? -2.072  8.191   1.397   1.00   4.17  ? 18  LYS A N   1 
ATOM   142 C  CA  . LYS A 1 18 ? -2.353  7.531   0.146   1.00   4.30  ? 18  LYS A CA  1 
ATOM   143 C  C   . LYS A 1 18 ? -2.776  6.116   0.387   1.00   3.42  ? 18  LYS A C   1 
ATOM   144 O  O   . LYS A 1 18 ? -2.209  5.386   1.229   1.00   4.13  ? 18  LYS A O   1 
ATOM   145 C  CB  . LYS A 1 18 ? -1.109  7.499   -0.786  1.00   5.16  ? 18  LYS A CB  1 
ATOM   146 C  CG  . LYS A 1 18 ? -0.557  8.916   -1.047  1.00   8.21  ? 18  LYS A CG  1 
ATOM   147 C  CD  . LYS A 1 18 ? 0.630   8.836   -2.060  1.00   10.13 ? 18  LYS A CD  1 
ATOM   148 C  CE  . LYS A 1 18 ? 1.379   10.198  -2.133  0.62   14.06 ? 18  LYS A CE  1 
ATOM   149 N  NZ  . LYS A 1 18 ? 2.521   10.099  -3.083  0.0000 14.18 ? 18  LYS A NZ  1 
ATOM   150 N  N   . THR A 1 19 ? -3.790  5.667   -0.366  1.00   3.99  ? 19  THR A N   1 
ATOM   151 C  CA  . THR A 1 19 ? -4.190  4.229   -0.388  1.00   3.61  ? 19  THR A CA  1 
ATOM   152 C  C   . THR A 1 19 ? -3.236  3.442   -1.249  1.00   3.36  ? 19  THR A C   1 
ATOM   153 O  O   . THR A 1 19 ? -2.974  3.811   -2.400  1.00   5.00  ? 19  THR A O   1 
ATOM   154 C  CB  . THR A 1 19 ? -5.604  4.098   -0.934  1.00   4.15  ? 19  THR A CB  1 
ATOM   155 O  OG1 . THR A 1 19 ? -6.474  4.757   0.010   1.00   4.67  ? 19  THR A OG1 1 
ATOM   156 C  CG2 . THR A 1 19 ? -5.965  2.631   -1.077  1.00   5.43  ? 19  THR A CG2 1 
ATOM   157 N  N   . TYR A 1 20 ? -2.733  2.348   -0.699  1.00   3.20  ? 20  TYR A N   1 
ATOM   158 C  CA  . TYR A 1 20 ? -1.860  1.447   -1.395  1.00   3.49  ? 20  TYR A CA  1 
ATOM   159 C  C   . TYR A 1 20 ? -2.684  0.175   -1.701  1.00   3.32  ? 20  TYR A C   1 
ATOM   160 O  O   . TYR A 1 20 ? -3.504  -0.276  -0.876  1.00   4.06  ? 20  TYR A O   1 
ATOM   161 C  CB  . TYR A 1 20 ? -0.600  1.123   -0.589  1.00   3.67  ? 20  TYR A CB  1 
ATOM   162 C  CG  . TYR A 1 20 ? 0.343   2.306   -0.544  1.00   3.54  ? 20  TYR A CG  1 
ATOM   163 C  CD1 . TYR A 1 20 ? 1.308   2.463   -1.469  1.00   3.50  ? 20  TYR A CD1 1 
ATOM   164 C  CD2 . TYR A 1 20 ? 0.125   3.324   0.386   1.00   3.78  ? 20  TYR A CD2 1 
ATOM   165 C  CE1 . TYR A 1 20 ? 2.088   3.603   -1.497  1.00   4.46  ? 20  TYR A CE1 1 
ATOM   166 C  CE2 . TYR A 1 20 ? 0.866   4.498   0.361   1.00   4.66  ? 20  TYR A CE2 1 
ATOM   167 C  CZ  . TYR A 1 20 ? 1.849   4.620   -0.645  1.00   4.36  ? 20  TYR A CZ  1 
ATOM   168 O  OH  . TYR A 1 20 ? 2.595   5.771   -0.770  1.00   5.32  ? 20  TYR A OH  1 
ATOM   169 N  N   . SER A 1 21 ? -2.471  -0.402  -2.860  1.00   3.21  ? 21  SER A N   1 
ATOM   170 C  CA  . SER A 1 21 ? -3.360  -1.471  -3.330  1.00   3.77  ? 21  SER A CA  1 
ATOM   171 C  C   . SER A 1 21 ? -3.279  -2.729  -2.487  1.00   3.08  ? 21  SER A C   1 
ATOM   172 O  O   . SER A 1 21 ? -4.262  -3.464  -2.397  1.00   3.77  ? 21  SER A O   1 
ATOM   173 C  CB  . SER A 1 21 ? -3.016  -1.781  -4.800  1.00   4.63  ? 21  SER A CB  1 
ATOM   174 O  OG  . SER A 1 21 ? -3.326  -0.656  -5.611  1.00   6.36  ? 21  SER A OG  1 
ATOM   175 N  N   . ASN A 1 22 ? -2.104  -2.998  -1.901  1.00   3.18  ? 22  ASN A N   1 
ATOM   176 C  CA  . ASN A 1 22 ? -1.935  -4.028  -0.922  1.00   3.16  ? 22  ASN A CA  1 
ATOM   177 C  C   . ASN A 1 22 ? -0.662  -3.702  -0.163  1.00   3.11  ? 22  ASN A C   1 
ATOM   178 O  O   . ASN A 1 22 ? 0.031   -2.707  -0.412  1.00   3.38  ? 22  ASN A O   1 
ATOM   179 C  CB  . ASN A 1 22 ? -1.961  -5.453  -1.560  1.00   3.15  ? 22  ASN A CB  1 
ATOM   180 C  CG  . ASN A 1 22 ? -0.857  -5.635  -2.574  1.00   3.58  ? 22  ASN A CG  1 
ATOM   181 O  OD1 . ASN A 1 22 ? 0.319   -5.351  -2.271  1.00   3.84  ? 22  ASN A OD1 1 
ATOM   182 N  ND2 . ASN A 1 22 ? -1.212  -6.138  -3.720  1.00   4.55  ? 22  ASN A ND2 1 
ATOM   183 N  N   . LEU A 1 23 ? -0.366  -4.533  0.859   1.00   3.99  ? 23  LEU A N   1 
ATOM   184 C  CA  . LEU A 1 23 ? 0.793   -4.254  1.742   1.00   3.80  ? 23  LEU A CA  1 
ATOM   185 C  C   . LEU A 1 23 ? 2.111   -4.208  1.000   1.00   3.44  ? 23  LEU A C   1 
ATOM   186 O  O   . LEU A 1 23 ? 3.021   -3.499  1.417   1.00   4.14  ? 23  LEU A O   1 
ATOM   187 C  CB  A LEU A 1 23 ? 0.923   -5.366  2.832   0.61   4.59  ? 23  LEU A CB  1 
ATOM   188 C  CB  B LEU A 1 23 ? 0.703   -5.228  2.929   0.39   3.79  ? 23  LEU A CB  1 
ATOM   189 C  CG  A LEU A 1 23 ? -0.060  -5.163  3.958   0.61   5.54  ? 23  LEU A CG  1 
ATOM   190 C  CG  B LEU A 1 23 ? 1.639   -4.967  4.092   0.39   4.57  ? 23  LEU A CG  1 
ATOM   191 C  CD1 A LEU A 1 23 ? -0.188  -6.436  4.722   0.61   8.20  ? 23  LEU A CD1 1 
ATOM   192 C  CD1 B LEU A 1 23 ? 1.318   -3.659  4.823   0.39   6.57  ? 23  LEU A CD1 1 
ATOM   193 C  CD2 A LEU A 1 23 ? 0.335   -3.985  4.868   0.61   7.10  ? 23  LEU A CD2 1 
ATOM   194 C  CD2 B LEU A 1 23 ? 1.549   -6.183  5.005   0.39   8.98  ? 23  LEU A CD2 1 
ATOM   195 N  N   . CYS A 1 24 ? 2.245   -4.999  -0.091  1.00   3.69  ? 24  CYS A N   1 
ATOM   196 C  CA  . CYS A 1 24 ? 3.529   -4.974  -0.813  1.00   3.78  ? 24  CYS A CA  1 
ATOM   197 C  C   . CYS A 1 24 ? 3.794   -3.578  -1.378  1.00   3.39  ? 24  CYS A C   1 
ATOM   198 O  O   . CYS A 1 24 ? 4.900   -3.075  -1.286  1.00   3.79  ? 24  CYS A O   1 
ATOM   199 C  CB  . CYS A 1 24 ? 3.455   -5.988  -1.977  1.00   4.22  ? 24  CYS A CB  1 
ATOM   200 S  SG  . CYS A 1 24 ? 4.931   -6.083  -2.983  1.00   4.58  ? 24  CYS A SG  1 
ATOM   201 N  N   . TRP A 1 25 ? 2.753   -2.930  -1.933  1.00   3.31  ? 25  TRP A N   1 
ATOM   202 C  CA  . TRP A 1 25 ? 2.952   -1.618  -2.482  1.00   3.21  ? 25  TRP A CA  1 
ATOM   203 C  C   . TRP A 1 25 ? 3.429   -0.661  -1.437  1.00   3.32  ? 25  TRP A C   1 
ATOM   204 O  O   . TRP A 1 25 ? 4.329   0.156   -1.638  1.00   3.94  ? 25  TRP A O   1 
ATOM   205 C  CB  . TRP A 1 25 ? 1.688   -1.163  -3.208  1.00   3.46  ? 25  TRP A CB  1 
ATOM   206 C  CG  . TRP A 1 25 ? 1.390   -1.876  -4.456  1.00   3.34  ? 25  TRP A CG  1 
ATOM   207 C  CD1 . TRP A 1 25 ? 0.601   -2.992  -4.615  1.00   4.01  ? 25  TRP A CD1 1 
ATOM   208 C  CD2 . TRP A 1 25 ? 1.883   -1.610  -5.739  1.00   3.50  ? 25  TRP A CD2 1 
ATOM   209 N  NE1 . TRP A 1 25 ? 0.589   -3.417  -5.880  1.00   4.11  ? 25  TRP A NE1 1 
ATOM   210 C  CE2 . TRP A 1 25 ? 1.396   -2.611  -6.617  1.00   3.70  ? 25  TRP A CE2 1 
ATOM   211 C  CE3 . TRP A 1 25 ? 2.737   -0.665  -6.280  1.00   5.12  ? 25  TRP A CE3 1 
ATOM   212 C  CZ2 . TRP A 1 25 ? 1.744   -2.635  -7.963  1.00   4.99  ? 25  TRP A CZ2 1 
ATOM   213 C  CZ3 . TRP A 1 25 ? 3.090   -0.659  -7.588  1.00   6.10  ? 25  TRP A CZ3 1 
ATOM   214 C  CH2 . TRP A 1 25 ? 2.588   -1.643  -8.428  1.00   6.44  ? 25  TRP A CH2 1 
ATOM   215 N  N   . LEU A 1 26 ? 2.789   -0.697  -0.257  1.00   3.11  ? 26  LEU A N   1 
ATOM   216 C  CA  . LEU A 1 26 ? 3.117   0.166   0.883   1.00   2.78  ? 26  LEU A CA  1 
ATOM   217 C  C   . LEU A 1 26 ? 4.577   -0.074  1.282   1.00   2.95  ? 26  LEU A C   1 
ATOM   218 O  O   . LEU A 1 26 ? 5.382   0.846   1.457   1.00   3.73  ? 26  LEU A O   1 
ATOM   219 C  CB  . LEU A 1 26 ? 2.196   -0.064  2.012   1.00   3.51  ? 26  LEU A CB  1 
ATOM   220 C  CG  . LEU A 1 26 ? 2.497   0.717   3.301   1.00   3.29  ? 26  LEU A CG  1 
ATOM   221 C  CD1 . LEU A 1 26 ? 1.689   1.960   3.417   1.00   4.80  ? 26  LEU A CD1 1 
ATOM   222 C  CD2 . LEU A 1 26 ? 2.356   -0.145  4.510   1.00   6.39  ? 26  LEU A CD2 1 
ATOM   223 N  N   . ASN A 1 27 ? 4.906   -1.334  1.534   1.00   3.23  ? 27  ASN A N   1 
ATOM   224 C  CA  . ASN A 1 27 ? 6.216   -1.698  2.047   1.00   3.44  ? 27  ASN A CA  1 
ATOM   225 C  C   . ASN A 1 27 ? 7.277   -1.381  1.030   1.00   3.39  ? 27  ASN A C   1 
ATOM   226 O  O   . ASN A 1 27 ? 8.364   -0.825  1.408   1.00   4.47  ? 27  ASN A O   1 
ATOM   227 C  CB  . ASN A 1 27 ? 6.278   -3.146  2.441   1.00   4.35  ? 27  ASN A CB  1 
ATOM   228 C  CG  . ASN A 1 27 ? 5.531   -3.470  3.703   1.00   5.47  ? 27  ASN A CG  1 
ATOM   229 O  OD1 . ASN A 1 27 ? 5.306   -2.620  4.589   1.00   5.91  ? 27  ASN A OD1 1 
ATOM   230 N  ND2 . ASN A 1 27 ? 5.224   -4.784  3.842   1.00   11.54 ? 27  ASN A ND2 1 
ATOM   231 N  N   . GLU A 1 28 ? 7.098   -1.640  -0.226  1.00   3.43  ? 28  GLU A N   1 
ATOM   232 C  CA  . GLU A 1 28 ? 8.077   -1.319  -1.225  1.00   4.16  ? 28  GLU A CA  1 
ATOM   233 C  C   . GLU A 1 28 ? 8.314   0.184   -1.323  1.00   3.82  ? 28  GLU A C   1 
ATOM   234 O  O   . GLU A 1 28 ? 9.410   0.617   -1.625  1.00   5.57  ? 28  GLU A O   1 
ATOM   235 C  CB  . GLU A 1 28 ? 7.659   -1.854  -2.606  1.00   4.39  ? 28  GLU A CB  1 
ATOM   236 C  CG  . GLU A 1 28 ? 7.828   -3.414  -2.653  1.00   5.80  ? 28  GLU A CG  1 
ATOM   237 C  CD  . GLU A 1 28 ? 9.272   -3.853  -2.647  1.00   7.19  ? 28  GLU A CD  1 
ATOM   238 O  OE1 . GLU A 1 28 ? 10.114  -3.263  -3.428  1.00   9.14  ? 28  GLU A OE1 1 
ATOM   239 O  OE2 . GLU A 1 28 ? 9.605   -4.731  -1.841  1.00   10.28 ? 28  GLU A OE2 1 
ATOM   240 N  N   . ALA A 1 29 ? 7.285   0.970   -1.065  1.00   3.96  ? 29  ALA A N   1 
ATOM   241 C  CA  . ALA A 1 29 ? 7.371   2.448   -1.081  1.00   3.99  ? 29  ALA A CA  1 
ATOM   242 C  C   . ALA A 1 29 ? 8.102   2.984   0.132   1.00   4.12  ? 29  ALA A C   1 
ATOM   243 O  O   . ALA A 1 29 ? 8.434   4.173   0.130   1.00   5.79  ? 29  ALA A O   1 
ATOM   244 C  CB  . ALA A 1 29 ? 5.988   3.037   -1.192  1.00   5.00  ? 29  ALA A CB  1 
ATOM   245 N  N   . GLY A 1 30 ? 8.275   2.228   1.203   1.00   3.65  ? 30  GLY A N   1 
ATOM   246 C  CA  . GLY A 1 30 ? 8.884   2.706   2.401   1.00   3.54  ? 30  GLY A CA  1 
ATOM   247 C  C   . GLY A 1 30 ? 7.992   3.528   3.305   1.00   3.50  ? 30  GLY A C   1 
ATOM   248 O  O   . GLY A 1 30 ? 8.490   4.233   4.181   1.00   4.29  ? 30  GLY A O   1 
ATOM   249 N  N   . VAL A 1 31 ? 6.681   3.438   3.104   1.00   3.57  ? 31  VAL A N   1 
ATOM   250 C  CA  . VAL A 1 31 ? 5.708   4.236   3.789   1.00   3.21  ? 31  VAL A CA  1 
ATOM   251 C  C   . VAL A 1 31 ? 5.170   3.507   5.010   1.00   3.00  ? 31  VAL A C   1 
ATOM   252 O  O   . VAL A 1 31 ? 4.875   2.300   4.929   1.00   4.08  ? 31  VAL A O   1 
ATOM   253 C  CB  . VAL A 1 31 ? 4.533   4.575   2.817   1.00   4.01  ? 31  VAL A CB  1 
ATOM   254 C  CG1 . VAL A 1 31 ? 3.492   5.377   3.506   1.00   4.53  ? 31  VAL A CG1 1 
ATOM   255 C  CG2 . VAL A 1 31 ? 5.113   5.406   1.618   1.00   5.02  ? 31  VAL A CG2 1 
ATOM   256 N  N   . GLY A 1 32 ? 5.043   4.205   6.102   1.00   3.28  ? 32  GLY A N   1 
ATOM   257 C  CA  . GLY A 1 32 ? 4.463   3.581   7.293   1.00   3.86  ? 32  GLY A CA  1 
ATOM   258 C  C   . GLY A 1 32 ? 2.973   3.283   7.137   1.00   3.49  ? 32  GLY A C   1 
ATOM   259 O  O   . GLY A 1 32 ? 2.219   4.085   6.580   1.00   4.84  ? 32  GLY A O   1 
ATOM   260 N  N   . LEU A 1 33 ? 2.534   2.176   7.700   1.00   4.64  ? 33  LEU A N   1 
ATOM   261 C  CA  . LEU A 1 33 ? 1.109   1.828   7.706   1.00   4.07  ? 33  LEU A CA  1 
ATOM   262 C  C   . LEU A 1 33 ? 0.384   2.683   8.723   1.00   4.02  ? 33  LEU A C   1 
ATOM   263 O  O   . LEU A 1 33 ? 0.774   2.717   9.896   1.00   5.46  ? 33  LEU A O   1 
ATOM   264 C  CB  . LEU A 1 33 ? 0.946   0.366   8.050   1.00   4.73  ? 33  LEU A CB  1 
ATOM   265 C  CG  . LEU A 1 33 ? -0.486  -0.181  8.088   1.00   4.67  ? 33  LEU A CG  1 
ATOM   266 C  CD1 . LEU A 1 33 ? -1.081  -0.162  6.714   1.00   5.75  ? 33  LEU A CD1 1 
ATOM   267 C  CD2 . LEU A 1 33 ? -0.482  -1.599  8.672   1.00   9.56  ? 33  LEU A CD2 1 
ATOM   268 N  N   . ASP A 1 34 ? -0.711  3.308   8.311   1.00   4.64  ? 34  ASP A N   1 
ATOM   269 C  CA  . ASP A 1 34 ? -1.671  3.986   9.197   1.00   5.41  ? 34  ASP A CA  1 
ATOM   270 C  C   . ASP A 1 34 ? -2.675  2.965   9.674   1.00   5.06  ? 34  ASP A C   1 
ATOM   271 O  O   . ASP A 1 34 ? -2.822  2.681   10.874  1.00   7.29  ? 34  ASP A O   1 
ATOM   272 C  CB  . ASP A 1 34 ? -2.311  5.181   8.517   1.00   5.59  ? 34  ASP A CB  1 
ATOM   273 C  CG  . ASP A 1 34 ? -3.216  6.061   9.383   1.00   7.84  ? 34  ASP A CG  1 
ATOM   274 O  OD1 . ASP A 1 34 ? -3.638  5.654   10.429  1.00   13.89 ? 34  ASP A OD1 1 
ATOM   275 O  OD2 . ASP A 1 34 ? -3.541  7.193   8.937   1.00   10.77 ? 34  ASP A OD2 1 
ATOM   276 N  N   . HIS A 1 35 ? -3.436  2.333   8.746   1.00   4.54  ? 35  HIS A N   1 
ATOM   277 C  CA  . HIS A 1 35 ? -4.448  1.347   9.070   1.00   4.69  ? 35  HIS A CA  1 
ATOM   278 C  C   . HIS A 1 35 ? -4.682  0.494   7.876   1.00   4.70  ? 35  HIS A C   1 
ATOM   279 O  O   . HIS A 1 35 ? -4.428  0.884   6.736   1.00   5.08  ? 35  HIS A O   1 
ATOM   280 C  CB  . HIS A 1 35 ? -5.739  2.032   9.564   1.00   5.99  ? 35  HIS A CB  1 
ATOM   281 C  CG  . HIS A 1 35 ? -6.386  2.972   8.582   1.00   5.17  ? 35  HIS A CG  1 
ATOM   282 N  ND1 . HIS A 1 35 ? -7.240  2.489   7.596   1.00   5.40  ? 35  HIS A ND1 1 
ATOM   283 C  CD2 . HIS A 1 35 ? -6.423  4.272   8.437   1.00   5.82  ? 35  HIS A CD2 1 
ATOM   284 C  CE1 . HIS A 1 35 ? -7.728  3.521   6.906   1.00   6.37  ? 35  HIS A CE1 1 
ATOM   285 N  NE2 . HIS A 1 35 ? -7.240  4.695   7.436   1.00   6.62  ? 35  HIS A NE2 1 
ATOM   286 N  N   . GLU A 1 36 ? -5.269  -0.665  8.098   1.00   6.26  ? 36  GLU A N   1 
ATOM   287 C  CA  . GLU A 1 36 ? -5.758  -1.511  7.026   1.00   6.13  ? 36  GLU A CA  1 
ATOM   288 C  C   . GLU A 1 36 ? -6.993  -0.935  6.436   1.00   5.20  ? 36  GLU A C   1 
ATOM   289 O  O   . GLU A 1 36 ? -7.767  -0.214  7.087   1.00   6.72  ? 36  GLU A O   1 
ATOM   290 C  CB  . GLU A 1 36 ? -6.063  -2.930  7.588   1.00   8.85  ? 36  GLU A CB  1 
ATOM   291 C  CG  . GLU A 1 36 ? -4.874  -3.719  8.069   0.90   12.94 ? 36  GLU A CG  1 
ATOM   292 C  CD  . GLU A 1 36 ? -5.363  -5.135  8.459   0.84   15.00 ? 36  GLU A CD  1 
ATOM   293 O  OE1 . GLU A 1 36 ? -4.862  -5.534  9.502   0.84   15.24 ? 36  GLU A OE1 1 
ATOM   294 O  OE2 . GLU A 1 36 ? -6.137  -5.869  7.803   0.84   31.22 ? 36  GLU A OE2 1 
ATOM   295 N  N   . GLY A 1 37 ? -7.258  -1.271  5.162   1.00   5.24  ? 37  GLY A N   1 
ATOM   296 C  CA  . GLY A 1 37 ? -8.330  -0.686  4.434   1.00   5.55  ? 37  GLY A CA  1 
ATOM   297 C  C   . GLY A 1 37 ? -7.861  0.589   3.680   1.00   4.69  ? 37  GLY A C   1 
ATOM   298 O  O   . GLY A 1 37 ? -6.835  1.119   3.983   1.00   5.63  ? 37  GLY A O   1 
ATOM   299 N  N   . GLU A 1 38 ? -8.676  0.993   2.752   1.00   5.71  ? 38  GLU A N   1 
ATOM   300 C  CA  A GLU A 1 38 ? -8.254  2.143   2.022   0.46   4.83  ? 38  GLU A CA  1 
ATOM   301 C  CA  B GLU A 1 38 ? -8.549  2.305   2.032   0.54   5.37  ? 38  GLU A CA  1 
ATOM   302 C  C   . GLU A 1 38 ? -8.380  3.414   2.963   1.00   4.67  ? 38  GLU A C   1 
ATOM   303 O  O   . GLU A 1 38 ? -9.098  3.455   3.960   1.00   6.11  ? 38  GLU A O   1 
ATOM   304 C  CB  A GLU A 1 38 ? -9.114  2.250   0.754   0.46   5.73  ? 38  GLU A CB  1 
ATOM   305 C  CB  B GLU A 1 38 ? -9.825  2.636   1.194   0.54   6.15  ? 38  GLU A CB  1 
ATOM   306 C  CG  A GLU A 1 38 ? -10.630 2.369   0.952   0.46   7.97  ? 38  GLU A CG  1 
ATOM   307 C  CG  B GLU A 1 38 ? -10.044 1.682   0.036   0.54   8.34  ? 38  GLU A CG  1 
ATOM   308 C  CD  A GLU A 1 38 ? -11.250 1.014   0.740   0.32   12.44 ? 38  GLU A CD  1 
ATOM   309 C  CD  B GLU A 1 38 ? -11.363 1.652   -0.661  0.41   10.49 ? 38  GLU A CD  1 
ATOM   310 O  OE1 A GLU A 1 38 ? -11.753 0.545   -0.298  0.32   16.49 ? 38  GLU A OE1 1 
ATOM   311 O  OE1 B GLU A 1 38 ? -12.428 1.437   -0.002  0.41   19.99 ? 38  GLU A OE1 1 
ATOM   312 O  OE2 A GLU A 1 38 ? -11.151 0.316   1.777   0.32   15.46 ? 38  GLU A OE2 1 
ATOM   313 O  OE2 B GLU A 1 38 ? -11.538 1.916   -1.870  0.41   22.37 ? 38  GLU A OE2 1 
ATOM   314 N  N   . CYS A 1 39 ? -7.572  4.414   2.632   1.00   4.68  ? 39  CYS A N   1 
ATOM   315 C  CA  . CYS A 1 39 ? -7.644  5.674   3.319   1.00   4.73  ? 39  CYS A CA  1 
ATOM   316 C  C   . CYS A 1 39 ? -9.036  6.295   3.069   1.00   4.91  ? 39  CYS A C   1 
ATOM   317 O  O   . CYS A 1 39 ? -9.633  6.076   2.015   1.00   6.12  ? 39  CYS A O   1 
ATOM   318 C  CB  . CYS A 1 39 ? -6.583  6.650   2.832   1.00   5.58  ? 39  CYS A CB  1 
ATOM   319 S  SG  . CYS A 1 39 ? -4.864  6.240   3.132   1.00   6.12  ? 39  CYS A SG  1 
ATOM   320 N  N   . LEU A 1 40 ? -9.479  7.072   4.052   1.00   5.20  ? 40  LEU A N   1 
ATOM   321 C  CA  . LEU A 1 40 ? -10.725 7.781   4.046   1.00   4.79  ? 40  LEU A CA  1 
ATOM   322 C  C   . LEU A 1 40 ? -10.603 9.255   4.332   1.00   4.52  ? 40  LEU A C   1 
ATOM   323 O  O   . LEU A 1 40 ? -9.528  9.646   4.952   1.00   6.29  ? 40  LEU A O   1 
ATOM   324 C  CB  . LEU A 1 40 ? -11.698 7.163   5.130   1.00   6.27  ? 40  LEU A CB  1 
ATOM   325 C  CG  . LEU A 1 40 ? -11.954 5.671   4.983   1.00   7.19  ? 40  LEU A CG  1 
ATOM   326 C  CD1 . LEU A 1 40 ? -12.617 5.058   6.200   1.00   10.40 ? 40  LEU A CD1 1 
ATOM   327 C  CD2 . LEU A 1 40 ? -12.652 5.294   3.733   1.00   10.44 ? 40  LEU A CD2 1 
ATOM   328 O  OXT . LEU A 1 40 ? -11.526 9.983   4.041   1.00   4.98  ? 40  LEU A OXT 1 
HETATM 329 NA NA  . NA  B 2 .  ? 15.945  2.484   -13.442 0.66   6.56  ? 101 NA  A NA  1 
HETATM 330 NA NA  . NA  C 2 .  ? -3.239  4.639   12.503  0.38   8.26  ? 102 NA  A NA  1 
HETATM 331 NA NA  . NA  D 2 .  ? 0.899   13.151  1.908   0.33   10.55 ? 103 NA  A NA  1 
HETATM 332 NA NA  . NA  E 2 .  ? -2.295  -8.368  -12.198 0.21   7.58  ? 104 NA  A NA  1 
HETATM 333 O  O   . HOH F 3 .  ? 7.980   -1.389  -12.028 1.00   11.36 ? 201 HOH A O   1 
HETATM 334 O  O   . HOH F 3 .  ? 5.872   -1.611  -10.454 1.00   7.20  ? 202 HOH A O   1 
HETATM 335 O  O   . HOH F 3 .  ? 9.902   1.546   -13.350 1.00   7.30  ? 203 HOH A O   1 
HETATM 336 O  O   . HOH F 3 .  ? 13.623  2.691   -12.819 1.00   7.99  ? 204 HOH A O   1 
HETATM 337 O  O   . HOH F 3 .  ? 16.189  4.428   -11.867 0.77   11.55 ? 205 HOH A O   1 
HETATM 338 O  O   . HOH F 3 .  ? 18.690  3.444   -10.844 0.92   12.34 ? 206 HOH A O   1 
HETATM 339 O  O   . HOH F 3 .  ? 18.444  -0.198  -14.386 1.00   6.39  ? 207 HOH A O   1 
HETATM 340 O  O   . HOH F 3 .  ? 15.766  0.459   -14.843 1.00   7.53  ? 208 HOH A O   1 
HETATM 341 O  O   . HOH F 3 .  ? 14.447  1.549   -16.950 1.00   8.20  ? 209 HOH A O   1 
HETATM 342 O  O   . HOH F 3 .  ? 15.382  3.744   -15.467 0.76   10.39 ? 210 HOH A O   1 
HETATM 343 O  O   . HOH F 3 .  ? 14.463  5.808   -14.171 0.39   7.27  ? 211 HOH A O   1 
HETATM 344 O  O   . HOH F 3 .  ? 18.225  2.577   -14.284 0.86   11.31 ? 212 HOH A O   1 
HETATM 345 O  O   . HOH F 3 .  ? 16.301  10.164  -13.020 1.00   10.86 ? 213 HOH A O   1 
HETATM 346 O  O   . HOH F 3 .  ? 14.084  3.507   -10.230 0.73   8.93  ? 214 HOH A O   1 
HETATM 347 O  O   . HOH F 3 .  ? 12.310  4.051   -8.285  0.59   10.83 ? 215 HOH A O   1 
HETATM 348 O  O   . HOH F 3 .  ? 7.945   3.208   -7.143  0.72   13.07 ? 216 HOH A O   1 
HETATM 349 O  O   . HOH F 3 .  ? 5.664   1.994   -7.928  0.77   9.45  ? 217 HOH A O   1 
HETATM 350 O  O   . HOH F 3 .  ? 5.495   0.589   -4.138  1.00   5.34  ? 218 HOH A O   1 
HETATM 351 O  O   . HOH F 3 .  ? 6.408   -1.336  -6.013  1.00   12.19 ? 219 HOH A O   1 
HETATM 352 O  O   . HOH F 3 .  ? 6.671   -0.412  -8.291  1.00   9.77  ? 220 HOH A O   1 
HETATM 353 O  O   . HOH F 3 .  ? 5.477   -3.499  -7.720  0.75   8.83  ? 221 HOH A O   1 
HETATM 354 O  O   . HOH F 3 .  ? 7.865   1.959   -4.505  1.00   9.15  ? 222 HOH A O   1 
HETATM 355 O  O   . HOH F 3 .  ? 7.719   6.010   -1.833  1.00   10.18 ? 223 HOH A O   1 
HETATM 356 O  O   . HOH F 3 .  ? 6.058   7.959   -1.673  1.00   10.69 ? 224 HOH A O   1 
HETATM 357 O  O   . HOH F 3 .  ? 3.908   6.829   -2.867  1.00   14.17 ? 225 HOH A O   1 
HETATM 358 O  O   . HOH F 3 .  ? 13.704  -1.375  -14.482 1.00   6.27  ? 226 HOH A O   1 
HETATM 359 O  O   . HOH F 3 .  ? -11.307 1.925   7.848   1.00   14.76 ? 227 HOH A O   1 
HETATM 360 O  O   . HOH F 3 .  ? -10.907 1.826   5.144   1.00   15.51 ? 228 HOH A O   1 
HETATM 361 O  O   . HOH F 3 .  ? -12.241 -1.636  -1.458  0.72   11.17 ? 229 HOH A O   1 
HETATM 362 O  O   . HOH F 3 .  ? -12.356 -5.149  -2.734  1.00   8.22  ? 230 HOH A O   1 
HETATM 363 O  O   . HOH F 3 .  ? -14.925 -4.419  -1.638  1.00   5.96  ? 231 HOH A O   1 
HETATM 364 O  O   . HOH F 3 .  ? -10.379 -6.224  -1.049  1.00   13.17 ? 232 HOH A O   1 
HETATM 365 O  O   . HOH F 3 .  ? -9.951  -7.753  -4.354  1.00   13.45 ? 233 HOH A O   1 
HETATM 366 O  O   . HOH F 3 .  ? -0.577  -8.855  -10.628 0.84   17.70 ? 234 HOH A O   1 
HETATM 367 O  O   . HOH F 3 .  ? -7.779  -4.321  3.098   1.00   21.38 ? 235 HOH A O   1 
HETATM 368 O  O   . HOH F 3 .  ? -6.744  -7.956  10.175  0.83   13.94 ? 236 HOH A O   1 
HETATM 369 O  O   . HOH F 3 .  ? -2.751  -6.054  1.787   1.00   6.99  ? 237 HOH A O   1 
HETATM 370 O  O   . HOH F 3 .  ? -3.501  -8.836  -1.876  0.67   12.80 ? 238 HOH A O   1 
HETATM 371 O  O   . HOH F 3 .  ? -2.703  -11.433 -2.842  0.66   10.56 ? 239 HOH A O   1 
HETATM 372 O  O   . HOH F 3 .  ? -1.119  -11.515 -4.893  1.00   13.60 ? 240 HOH A O   1 
HETATM 373 O  O   . HOH F 3 .  ? 4.607   9.384   0.043   0.73   9.40  ? 241 HOH A O   1 
HETATM 374 O  O   A HOH F 3 .  ? 15.867  0.493   -11.924 0.52   12.51 ? 242 HOH A O   1 
HETATM 375 O  O   B HOH F 3 .  ? 16.698  1.126   -11.648 0.32   10.84 ? 242 HOH A O   1 
HETATM 376 O  O   . HOH F 3 .  ? 4.235   -3.818  -10.266 0.70   12.10 ? 243 HOH A O   1 
HETATM 377 O  O   A HOH F 3 .  ? 9.971   0.577   -5.477  0.71   13.26 ? 244 HOH A O   1 
HETATM 378 O  O   B HOH F 3 .  ? 10.402  0.651   -4.206  0.21   12.79 ? 244 HOH A O   1 
HETATM 379 O  O   . HOH F 3 .  ? 7.467   4.742   -4.054  0.68   8.55  ? 245 HOH A O   1 
HETATM 380 O  O   A HOH F 3 .  ? 4.879   5.227   -4.543  0.42   9.22  ? 246 HOH A O   1 
HETATM 381 O  O   B HOH F 3 .  ? 6.035   4.853   -4.176  0.32   8.10  ? 246 HOH A O   1 
HETATM 382 O  O   A HOH F 3 .  ? 4.119   2.775   -4.726  0.50   8.58  ? 247 HOH A O   1 
HETATM 383 O  O   B HOH F 3 .  ? 4.485   2.589   -5.667  0.50   7.83  ? 247 HOH A O   1 
HETATM 384 O  O   . HOH F 3 .  ? -10.494 -8.993  -0.402  0.71   19.98 ? 248 HOH A O   1 
HETATM 385 O  O   . HOH F 3 .  ? -9.611  -0.103  9.102   0.36   10.47 ? 249 HOH A O   1 
HETATM 386 O  O   . HOH F 3 .  ? -9.028  -0.531  11.857  0.75   16.66 ? 250 HOH A O   1 
HETATM 387 O  O   . HOH F 3 .  ? -8.173  -3.049  10.895  0.43   13.29 ? 251 HOH A O   1 
HETATM 388 O  O   . HOH F 3 .  ? -5.868  0.452   12.942  0.40   13.45 ? 252 HOH A O   1 
HETATM 389 O  O   A HOH F 3 .  ? -7.504  0.589   14.948  0.41   10.83 ? 253 HOH A O   1 
HETATM 390 O  O   B HOH F 3 .  ? -8.179  1.868   15.042  0.25   10.28 ? 253 HOH A O   1 
HETATM 391 O  O   . HOH F 3 .  ? -4.817  -8.268  7.027   0.60   19.70 ? 254 HOH A O   1 
HETATM 392 O  O   A HOH F 3 .  ? -4.939  -8.416  4.121   0.55   16.90 ? 255 HOH A O   1 
HETATM 393 O  O   B HOH F 3 .  ? -6.414  -9.053  4.875   0.45   16.90 ? 255 HOH A O   1 
HETATM 394 O  O   . HOH F 3 .  ? -2.666  -8.582  0.711   0.62   17.08 ? 256 HOH A O   1 
HETATM 395 O  O   . HOH F 3 .  ? -1.112  -9.445  -14.138 0.43   15.83 ? 257 HOH A O   1 
HETATM 396 O  O   . HOH F 3 .  ? -2.579  -6.850  -13.666 0.66   21.10 ? 258 HOH A O   1 
HETATM 397 O  O   A HOH F 3 .  ? -11.171 -9.646  -2.691  0.45   12.67 ? 259 HOH A O   1 
HETATM 398 O  O   B HOH F 3 .  ? -12.230 -10.964 -2.653  0.24   11.12 ? 259 HOH A O   1 
HETATM 399 O  O   . HOH F 3 .  ? 13.877  1.695   -4.164  0.67   16.08 ? 260 HOH A O   1 
HETATM 400 O  O   . HOH F 3 .  ? 12.360  0.260   -4.990  0.33   10.04 ? 261 HOH A O   1 
HETATM 401 O  O   A HOH F 3 .  ? 1.571   -5.619  -10.730 0.40   11.92 ? 262 HOH A O   1 
HETATM 402 O  O   B HOH F 3 .  ? 2.993   -4.885  -10.689 0.26   10.37 ? 262 HOH A O   1 
HETATM 403 O  O   . HOH F 3 .  ? -5.779  -12.585 -10.722 0.37   13.39 ? 263 HOH A O   1 
HETATM 404 O  O   A HOH F 3 .  ? -1.183  -14.480 -8.174  0.26   10.86 ? 264 HOH A O   1 
HETATM 405 O  O   B HOH F 3 .  ? -1.635  -13.909 -7.331  0.23   13.40 ? 264 HOH A O   1 
HETATM 406 O  O   . HOH F 3 .  ? 16.045  -3.515  -5.427  0.55   17.48 ? 265 HOH A O   1 
HETATM 407 O  O   A HOH F 3 .  ? 2.586   12.989  3.509   0.33   9.64  ? 266 HOH A O   1 
HETATM 408 O  O   B HOH F 3 .  ? 3.168   13.966  4.489   0.36   12.12 ? 266 HOH A O   1 
HETATM 409 O  O   . HOH F 3 .  ? 3.065   8.480   -5.040  0.26   9.31  ? 267 HOH A O   1 
HETATM 410 O  O   . HOH F 3 .  ? 11.468  -2.630  -7.360  0.64   13.93 ? 268 HOH A O   1 
HETATM 411 O  O   . HOH F 3 .  ? 7.969   -2.699  -7.862  0.37   7.95  ? 269 HOH A O   1 
HETATM 412 O  O   . HOH F 3 .  ? 9.277   -1.944  -5.593  0.89   11.38 ? 270 HOH A O   1 
HETATM 413 O  O   . HOH F 3 .  ? -5.621  4.154   12.826  0.69   19.33 ? 271 HOH A O   1 
HETATM 414 O  O   . HOH F 3 .  ? -2.276  3.503   14.506  0.65   22.68 ? 272 HOH A O   1 
HETATM 415 O  O   . HOH F 3 .  ? -3.622  6.806   13.610  0.51   22.08 ? 273 HOH A O   1 
HETATM 416 O  O   . HOH F 3 .  ? -1.049  5.450   12.524  0.38   19.69 ? 274 HOH A O   1 
HETATM 417 O  O   A HOH F 3 .  ? -2.479  0.297   12.705  0.53   14.21 ? 275 HOH A O   1 
HETATM 418 O  O   B HOH F 3 .  ? -1.976  1.504   12.865  0.28   8.03  ? 275 HOH A O   1 
HETATM 419 O  O   . HOH F 3 .  ? -6.094  -6.202  4.800   0.31   13.70 ? 276 HOH A O   1 
HETATM 420 O  O   . HOH F 3 .  ? -3.601  -9.948  3.410   0.35   15.33 ? 277 HOH A O   1 
HETATM 421 O  O   . HOH F 3 .  ? -4.832  -10.226 0.949   0.29   14.97 ? 278 HOH A O   1 
HETATM 422 O  O   . HOH F 3 .  ? -1.018  13.085  0.422   0.44   16.05 ? 279 HOH A O   1 
HETATM 423 O  O   . HOH F 3 .  ? -11.010 -0.899  2.505   0.27   11.31 ? 280 HOH A O   1 
HETATM 424 O  O   . HOH F 3 .  ? 2.572   12.827  0.826   0.43   18.91 ? 281 HOH A O   1 
# 
loop_
_atom_site_anisotrop.id 
_atom_site_anisotrop.type_symbol 
_atom_site_anisotrop.pdbx_label_atom_id 
_atom_site_anisotrop.pdbx_label_alt_id 
_atom_site_anisotrop.pdbx_label_comp_id 
_atom_site_anisotrop.pdbx_label_asym_id 
_atom_site_anisotrop.pdbx_label_seq_id 
_atom_site_anisotrop.pdbx_PDB_ins_code 
_atom_site_anisotrop.U[1][1] 
_atom_site_anisotrop.U[2][2] 
_atom_site_anisotrop.U[3][3] 
_atom_site_anisotrop.U[1][2] 
_atom_site_anisotrop.U[1][3] 
_atom_site_anisotrop.U[2][3] 
_atom_site_anisotrop.pdbx_auth_seq_id 
_atom_site_anisotrop.pdbx_auth_comp_id 
_atom_site_anisotrop.pdbx_auth_asym_id 
_atom_site_anisotrop.pdbx_auth_atom_id 
1   N  N   . GLU A 1  ? 0.1067 0.0687 0.0886 0.0144  0.0069  0.0002  1   GLU A N   
2   C  CA  . GLU A 1  ? 0.1076 0.1052 0.0758 0.0035  0.0058  0.0078  1   GLU A CA  
3   C  C   . GLU A 1  ? 0.0884 0.0986 0.0799 0.0232  0.0219  0.0283  1   GLU A C   
4   O  O   . GLU A 1  ? 0.0896 0.0845 0.1002 0.0094  0.0144  0.0232  1   GLU A O   
5   C  CB  A GLU A 1  ? 0.1187 0.2003 0.1056 -0.0257 0.0341  -0.0319 1   GLU A CB  
6   C  CB  B GLU A 1  ? 0.1458 0.1284 0.1046 0.0010  0.0444  0.0002  1   GLU A CB  
7   C  CG  A GLU A 1  ? 0.1251 0.2134 0.1411 0.0325  0.0586  0.0428  1   GLU A CG  
8   C  CG  B GLU A 1  ? 0.1278 0.2232 0.1005 -0.0111 0.0584  0.0251  1   GLU A CG  
9   C  CD  A GLU A 1  ? 0.1318 0.2245 0.1164 0.0307  0.0313  0.0380  1   GLU A CD  
10  C  CD  B GLU A 1  ? 0.1583 0.2466 0.1336 -0.1041 0.0977  -0.0388 1   GLU A CD  
11  O  OE1 A GLU A 1  ? 0.3920 0.4602 0.0986 -0.0772 -0.0226 0.0098  1   GLU A OE1 
12  O  OE1 B GLU A 1  ? 0.1496 0.2689 0.2404 -0.0287 0.0560  -0.1351 1   GLU A OE1 
13  O  OE2 A GLU A 1  ? 0.1158 0.4049 0.2146 0.1365  0.0701  0.1271  1   GLU A OE2 
14  O  OE2 B GLU A 1  ? 0.4951 0.3249 0.1183 -0.1417 0.1168  -0.0154 1   GLU A OE2 
15  N  N   . ALA A 2  ? 0.1132 0.1171 0.0941 0.0309  0.0193  0.0385  2   ALA A N   
16  C  CA  . ALA A 2  ? 0.1277 0.1054 0.1157 0.0432  0.0375  0.0463  2   ALA A CA  
17  C  C   . ALA A 2  ? 0.1384 0.0843 0.0833 0.0242  0.0526  0.0287  2   ALA A C   
18  O  O   . ALA A 2  ? 0.1541 0.1190 0.0911 0.0300  0.0501  0.0225  2   ALA A O   
19  C  CB  . ALA A 2  ? 0.1568 0.1498 0.1671 0.0707  0.0664  0.0845  2   ALA A CB  
20  N  N   . ALA A 3  ? 0.1400 0.0813 0.0944 0.0282  0.0518  0.0222  3   ALA A N   
21  C  CA  . ALA A 3  ? 0.1315 0.0817 0.0844 0.0267  0.0387  0.0340  3   ALA A CA  
22  C  C   . ALA A 3  ? 0.1465 0.0544 0.0671 0.0271  0.0230  0.0151  3   ALA A C   
23  O  O   . ALA A 3  ? 0.3240 0.0572 0.0634 0.0260  0.0571  0.0075  3   ALA A O   
24  C  CB  . ALA A 3  ? 0.1875 0.1485 0.1023 -0.0093 0.0056  0.0591  3   ALA A CB  
25  N  N   . VAL A 4  ? 0.0682 0.0484 0.0584 0.0098  0.0205  0.0144  4   VAL A N   
26  C  CA  A VAL A 4  ? 0.0585 0.0648 0.0618 0.0020  0.0014  0.0209  4   VAL A CA  
27  C  CA  B VAL A 4  ? 0.0511 0.0542 0.0545 0.0155  0.0102  0.0088  4   VAL A CA  
28  C  C   . VAL A 4  ? 0.0506 0.0362 0.0542 -0.0041 0.0119  0.0005  4   VAL A C   
29  O  O   . VAL A 4  ? 0.0752 0.0538 0.1568 0.0114  0.0511  0.0115  4   VAL A O   
30  C  CB  A VAL A 4  ? 0.0484 0.0358 0.0640 -0.0065 0.0206  0.0135  4   VAL A CB  
31  C  CB  B VAL A 4  ? 0.0611 0.0565 0.0735 -0.0141 0.0074  0.0106  4   VAL A CB  
32  C  CG1 A VAL A 4  ? 0.0448 0.1137 0.0904 0.0153  0.0293  0.0211  4   VAL A CG1 
33  C  CG1 B VAL A 4  ? 0.0784 0.0463 0.0764 0.0079  -0.0264 0.0125  4   VAL A CG1 
34  C  CG2 A VAL A 4  ? 0.0425 0.0891 0.0908 0.0143  0.0109  -0.0209 4   VAL A CG2 
35  C  CG2 B VAL A 4  ? 0.0294 0.1152 0.1214 0.0256  -0.0073 0.0312  4   VAL A CG2 
36  N  N   . CYS A 5  ? 0.0516 0.0542 0.0511 -0.0139 0.0090  0.0102  5   CYS A N   
37  C  CA  . CYS A 5  ? 0.0491 0.0552 0.0531 -0.0044 -0.0006 -0.0020 5   CYS A CA  
38  C  C   . CYS A 5  ? 0.0496 0.0829 0.0518 -0.0040 0.0009  0.0041  5   CYS A C   
39  O  O   . CYS A 5  ? 0.0983 0.1425 0.0544 -0.0475 -0.0194 0.0238  5   CYS A O   
40  C  CB  . CYS A 5  ? 0.0486 0.0747 0.0801 -0.0132 0.0096  -0.0122 5   CYS A CB  
41  S  SG  . CYS A 5  ? 0.0580 0.0631 0.0798 0.0040  -0.0010 -0.0156 5   CYS A SG  
42  N  N   . THR A 6  ? 0.0482 0.0963 0.0355 -0.0258 -0.0014 -0.0047 6   THR A N   
43  C  CA  . THR A 6  ? 0.0488 0.0672 0.0583 0.0041  -0.0022 -0.0117 6   THR A CA  
44  C  C   . THR A 6  ? 0.0485 0.0605 0.0507 -0.0069 0.0092  -0.0048 6   THR A C   
45  O  O   . THR A 6  ? 0.0809 0.0462 0.0694 -0.0109 0.0004  -0.0111 6   THR A O   
46  C  CB  . THR A 6  ? 0.0567 0.0465 0.0939 0.0049  0.0005  -0.0109 6   THR A CB  
47  O  OG1 . THR A 6  ? 0.0631 0.0696 0.1079 0.0051  0.0106  0.0083  6   THR A OG1 
48  C  CG2 . THR A 6  ? 0.0683 0.0521 0.1339 0.0092  -0.0169 -0.0115 6   THR A CG2 
49  N  N   . THR A 7  ? 0.0542 0.0599 0.0565 -0.0050 0.0011  -0.0072 7   THR A N   
50  C  CA  . THR A 7  ? 0.0835 0.0572 0.0702 0.0131  0.0081  0.0202  7   THR A CA  
51  C  C   . THR A 7  ? 0.0660 0.0740 0.0681 0.0294  0.0137  0.0212  7   THR A C   
52  O  O   . THR A 7  ? 0.0974 0.1653 0.1249 0.0723  0.0325  0.0710  7   THR A O   
53  C  CB  . THR A 7  ? 0.0878 0.1196 0.0634 0.0041  0.0134  0.0320  7   THR A CB  
54  O  OG1 . THR A 7  ? 0.1200 0.1561 0.0786 -0.0143 -0.0134 0.0110  7   THR A OG1 
55  C  CG2 . THR A 7  ? 0.1343 0.1998 0.1195 -0.0243 0.0156  0.0967  7   THR A CG2 
56  N  N   . GLU A 8  ? 0.0442 0.0675 0.0569 0.0011  0.0045  0.0046  8   GLU A N   
57  C  CA  . GLU A 8  ? 0.0562 0.0872 0.0553 -0.0004 0.0031  -0.0039 8   GLU A CA  
58  C  C   . GLU A 8  ? 0.0331 0.1154 0.0463 -0.0071 0.0006  -0.0091 8   GLU A C   
59  O  O   . GLU A 8  ? 0.0446 0.2193 0.0786 0.0062  -0.0135 -0.0645 8   GLU A O   
60  C  CB  A GLU A 8  ? 0.0772 0.1062 0.0763 -0.0158 0.0001  0.0227  8   GLU A CB  
61  C  CB  B GLU A 8  ? 0.0727 0.0933 0.0830 -0.0150 0.0189  0.0181  8   GLU A CB  
62  C  CG  A GLU A 8  ? 0.0705 0.2155 0.2523 0.0139  0.0364  0.1491  8   GLU A CG  
63  C  CG  B GLU A 8  ? 0.1579 0.0989 0.2210 0.0009  -0.0571 -0.0563 8   GLU A CG  
64  C  CD  A GLU A 8  ? 0.1033 0.2284 0.3446 -0.0772 0.0294  0.1525  8   GLU A CD  
65  C  CD  B GLU A 8  ? 0.1667 0.0998 0.2476 -0.0316 -0.0745 -0.0492 8   GLU A CD  
66  O  OE1 A GLU A 8  ? 0.1613 0.2483 0.2622 -0.0306 -0.0333 0.1794  8   GLU A OE1 
67  O  OE1 B GLU A 8  ? 0.1855 0.2790 0.2500 -0.1485 -0.0731 0.0869  8   GLU A OE1 
68  O  OE2 A GLU A 8  ? 0.0966 0.2790 0.5350 -0.0475 -0.0096 0.0855  8   GLU A OE2 
69  O  OE2 B GLU A 8  ? 0.1734 0.2764 0.2513 0.0080  -0.0760 -0.1675 8   GLU A OE2 
70  N  N   . TRP A 9  ? 0.0396 0.0710 0.0651 -0.0068 -0.0056 -0.0140 9   TRP A N   
71  C  CA  . TRP A 9  ? 0.0468 0.0703 0.0604 -0.0108 -0.0044 -0.0077 9   TRP A CA  
72  C  C   . TRP A 9  ? 0.0481 0.0559 0.0617 -0.0156 0.0055  -0.0071 9   TRP A C   
73  O  O   . TRP A 9  ? 0.0558 0.0976 0.0859 -0.0424 0.0056  -0.0038 9   TRP A O   
74  C  CB  . TRP A 9  ? 0.0389 0.0702 0.0694 -0.0013 -0.0093 -0.0054 9   TRP A CB  
75  C  CG  . TRP A 9  ? 0.0368 0.0924 0.0500 -0.0086 -0.0098 -0.0178 9   TRP A CG  
76  C  CD1 . TRP A 9  ? 0.0407 0.1006 0.0707 -0.0052 -0.0060 -0.0258 9   TRP A CD1 
77  C  CD2 . TRP A 9  ? 0.0470 0.0747 0.0701 0.0005  -0.0104 -0.0011 9   TRP A CD2 
78  N  NE1 . TRP A 9  ? 0.0382 0.1233 0.0728 0.0081  -0.0002 -0.0158 9   TRP A NE1 
79  C  CE2 . TRP A 9  ? 0.0456 0.0934 0.0700 0.0035  -0.0108 -0.0078 9   TRP A CE2 
80  C  CE3 . TRP A 9  ? 0.0513 0.0835 0.0702 -0.0068 -0.0075 0.0015  9   TRP A CE3 
81  C  CZ2 . TRP A 9  ? 0.0717 0.0950 0.0770 0.0254  -0.0142 -0.0151 9   TRP A CZ2 
82  C  CZ3 . TRP A 9  ? 0.0573 0.0888 0.0951 -0.0101 -0.0147 0.0117  9   TRP A CZ3 
83  C  CH2 . TRP A 9  ? 0.0750 0.0889 0.0922 0.0108  -0.0235 0.0011  9   TRP A CH2 
84  N  N   . ASP A 10 ? 0.0492 0.0522 0.0506 -0.0140 0.0016  -0.0077 10  ASP A N   
85  C  CA  . ASP A 10 ? 0.0690 0.0559 0.0459 -0.0136 0.0115  -0.0041 10  ASP A CA  
86  C  C   . ASP A 10 ? 0.0403 0.0632 0.0473 -0.0140 0.0051  -0.0036 10  ASP A C   
87  O  O   . ASP A 10 ? 0.0504 0.0553 0.0528 0.0006  0.0047  0.0026  10  ASP A O   
88  C  CB  A ASP A 10 ? 0.1341 0.0604 0.0667 -0.0171 -0.0237 0.0035  10  ASP A CB  
89  C  CB  B ASP A 10 ? 0.0932 0.0698 0.0709 -0.0014 0.0150  0.0108  10  ASP A CB  
90  C  CG  A ASP A 10 ? 0.1907 0.0487 0.1103 -0.0174 -0.0007 0.0365  10  ASP A CG  
91  C  CG  B ASP A 10 ? 0.0620 0.0647 0.1637 0.0138  -0.0134 -0.0011 10  ASP A CG  
92  O  OD1 A ASP A 10 ? 0.4213 0.1259 0.1356 0.1144  0.0467  0.0894  10  ASP A OD1 
93  O  OD1 B ASP A 10 ? 0.0884 0.1794 0.1156 -0.0549 -0.0208 -0.0041 10  ASP A OD1 
94  O  OD2 A ASP A 10 ? 0.1945 0.0845 0.0655 -0.0163 0.0006  0.0347  10  ASP A OD2 
95  O  OD2 B ASP A 10 ? 0.1028 0.0940 0.2058 -0.0008 0.0028  -0.0436 10  ASP A OD2 
96  N  N   . PRO A 11 ? 0.0427 0.0426 0.0425 -0.0068 0.0014  -0.0037 11  PRO A N   
97  C  CA  . PRO A 11 ? 0.0475 0.0516 0.0457 -0.0143 0.0008  0.0057  11  PRO A CA  
98  C  C   . PRO A 11 ? 0.0397 0.0363 0.0498 -0.0077 0.0070  -0.0002 11  PRO A C   
99  O  O   . PRO A 11 ? 0.0554 0.0520 0.0536 -0.0144 0.0081  0.0040  11  PRO A O   
100 C  CB  . PRO A 11 ? 0.0569 0.0527 0.0666 0.0047  -0.0060 -0.0030 11  PRO A CB  
101 C  CG  . PRO A 11 ? 0.0526 0.0673 0.0683 0.0029  -0.0086 -0.0084 11  PRO A CG  
102 C  CD  . PRO A 11 ? 0.0446 0.0627 0.0679 -0.0049 -0.0035 -0.0156 11  PRO A CD  
103 N  N   . VAL A 12 ? 0.0548 0.0433 0.0296 -0.0118 0.0038  0.0031  12  VAL A N   
104 C  CA  . VAL A 12 ? 0.0409 0.0409 0.0404 -0.0086 0.0043  0.0016  12  VAL A CA  
105 C  C   . VAL A 12 ? 0.0337 0.0439 0.0324 -0.0073 0.0060  0.0006  12  VAL A C   
106 O  O   . VAL A 12 ? 0.0906 0.0386 0.0382 -0.0120 0.0161  0.0020  12  VAL A O   
107 C  CB  . VAL A 12 ? 0.0488 0.0464 0.0410 -0.0033 -0.0004 -0.0040 12  VAL A CB  
108 C  CG1 . VAL A 12 ? 0.0840 0.0419 0.0728 0.0089  -0.0019 0.0151  12  VAL A CG1 
109 C  CG2 . VAL A 12 ? 0.0510 0.0594 0.0742 0.0093  -0.0018 -0.0043 12  VAL A CG2 
110 N  N   . CYS A 13 ? 0.0405 0.0395 0.0388 -0.0001 -0.0043 -0.0027 13  CYS A N   
111 C  CA  . CYS A 13 ? 0.0396 0.0380 0.0358 0.0014  0.0054  0.0029  13  CYS A CA  
112 C  C   . CYS A 13 ? 0.0387 0.0339 0.0396 0.0002  0.0066  -0.0066 13  CYS A C   
113 O  O   . CYS A 13 ? 0.0577 0.0512 0.0382 -0.0050 -0.0031 0.0043  13  CYS A O   
114 C  CB  . CYS A 13 ? 0.0370 0.0571 0.0452 -0.0040 0.0085  -0.0093 13  CYS A CB  
115 S  SG  . CYS A 13 ? 0.0548 0.0537 0.0929 0.0062  0.0151  -0.0174 13  CYS A SG  
116 N  N   . GLY A 14 ? 0.0423 0.0388 0.0379 -0.0063 0.0014  -0.0037 14  GLY A N   
117 C  CA  . GLY A 14 ? 0.0282 0.0444 0.0581 -0.0017 -0.0005 -0.0120 14  GLY A CA  
118 C  C   . GLY A 14 ? 0.0371 0.0371 0.0679 -0.0068 -0.0054 -0.0006 14  GLY A C   
119 O  O   . GLY A 14 ? 0.0419 0.0508 0.0843 0.0097  -0.0095 -0.0126 14  GLY A O   
120 N  N   . LYS A 15 ? 0.0468 0.0464 0.0738 0.0002  -0.0143 -0.0125 15  LYS A N   
121 C  CA  . LYS A 15 ? 0.0494 0.0468 0.0760 0.0018  -0.0087 -0.0239 15  LYS A CA  
122 C  C   . LYS A 15 ? 0.0656 0.0509 0.0912 -0.0068 -0.0289 -0.0052 15  LYS A C   
123 O  O   . LYS A 15 ? 0.1243 0.0450 0.1040 0.0012  -0.0434 -0.0244 15  LYS A O   
124 C  CB  . LYS A 15 ? 0.0857 0.0497 0.0674 -0.0017 -0.0206 -0.0236 15  LYS A CB  
125 C  CG  . LYS A 15 ? 0.1014 0.0808 0.0821 -0.0155 -0.0208 0.0015  15  LYS A CG  
126 C  CD  . LYS A 15 ? 0.1629 0.1761 0.0851 -0.0294 -0.0418 0.0109  15  LYS A CD  
127 C  CE  . LYS A 15 ? 0.2619 0.1721 0.1458 -0.0690 -0.1044 0.0667  15  LYS A CE  
128 N  NZ  . LYS A 15 ? 0.3385 0.2759 0.1451 0.0296  -0.1871 -0.0359 15  LYS A NZ  
129 N  N   . ASP A 16 ? 0.0683 0.0347 0.0959 -0.0022 -0.0218 -0.0132 16  ASP A N   
130 C  CA  . ASP A 16 ? 0.0911 0.0475 0.0946 -0.0255 -0.0213 -0.0056 16  ASP A CA  
131 C  C   . ASP A 16 ? 0.0983 0.0385 0.0983 0.0012  -0.0235 -0.0049 16  ASP A C   
132 O  O   . ASP A 16 ? 0.1403 0.0571 0.1413 0.0062  -0.0237 0.0215  16  ASP A O   
133 C  CB  . ASP A 16 ? 0.0850 0.0504 0.1176 -0.0171 -0.0108 -0.0052 16  ASP A CB  
134 C  CG  . ASP A 16 ? 0.0476 0.0539 0.1108 -0.0019 -0.0004 0.0048  16  ASP A CG  
135 O  OD1 . ASP A 16 ? 0.0537 0.0473 0.0986 0.0002  -0.0109 -0.0056 16  ASP A OD1 
136 O  OD2 . ASP A 16 ? 0.0728 0.0623 0.1116 -0.0153 0.0020  0.0028  16  ASP A OD2 
137 N  N   . GLY A 17 ? 0.0772 0.0543 0.0932 0.0157  -0.0305 -0.0046 17  GLY A N   
138 C  CA  . GLY A 17 ? 0.0799 0.0785 0.0985 0.0372  -0.0176 -0.0167 17  GLY A CA  
139 C  C   . GLY A 17 ? 0.0473 0.0614 0.0925 0.0175  -0.0116 -0.0162 17  GLY A C   
140 O  O   . GLY A 17 ? 0.0837 0.0781 0.1000 0.0444  -0.0243 -0.0243 17  GLY A O   
141 N  N   . LYS A 18 ? 0.0421 0.0398 0.0764 0.0059  -0.0157 -0.0040 18  LYS A N   
142 C  CA  . LYS A 18 ? 0.0544 0.0446 0.0642 0.0024  -0.0094 0.0017  18  LYS A CA  
143 C  C   . LYS A 18 ? 0.0447 0.0385 0.0470 0.0010  0.0022  0.0011  18  LYS A C   
144 O  O   . LYS A 18 ? 0.0576 0.0461 0.0531 0.0066  -0.0120 -0.0001 18  LYS A O   
145 C  CB  . LYS A 18 ? 0.0597 0.0646 0.0715 0.0042  -0.0037 0.0133  18  LYS A CB  
146 C  CG  . LYS A 18 ? 0.0782 0.1054 0.1282 -0.0238 -0.0128 0.0521  18  LYS A CG  
147 C  CD  . LYS A 18 ? 0.1010 0.1400 0.1441 -0.0125 0.0120  0.0733  18  LYS A CD  
148 C  CE  . LYS A 18 ? 0.0856 0.1881 0.2607 -0.0493 0.0428  0.0680  18  LYS A CE  
149 N  NZ  . LYS A 18 ? 0.0939 0.1886 0.2561 -0.0322 0.0431  0.0564  18  LYS A NZ  
150 N  N   . THR A 19 ? 0.0442 0.0493 0.0583 0.0064  -0.0108 0.0048  19  THR A N   
151 C  CA  . THR A 19 ? 0.0529 0.0373 0.0470 0.0030  0.0018  -0.0009 19  THR A CA  
152 C  C   . THR A 19 ? 0.0510 0.0459 0.0310 0.0060  0.0011  -0.0025 19  THR A C   
153 O  O   . THR A 19 ? 0.0861 0.0594 0.0446 0.0230  0.0089  0.0127  19  THR A O   
154 C  CB  . THR A 19 ? 0.0562 0.0519 0.0495 0.0042  0.0003  0.0000  19  THR A CB  
155 O  OG1 . THR A 19 ? 0.0553 0.0599 0.0621 -0.0010 -0.0038 -0.0116 19  THR A OG1 
156 C  CG2 . THR A 19 ? 0.0439 0.0677 0.0948 -0.0029 0.0017  -0.0178 19  THR A CG2 
157 N  N   . TYR A 20 ? 0.0545 0.0304 0.0365 -0.0006 0.0064  -0.0016 20  TYR A N   
158 C  CA  . TYR A 20 ? 0.0507 0.0388 0.0432 0.0031  0.0051  0.0028  20  TYR A CA  
159 C  C   . TYR A 20 ? 0.0432 0.0335 0.0494 0.0037  0.0103  0.0019  20  TYR A C   
160 O  O   . TYR A 20 ? 0.0593 0.0518 0.0430 -0.0057 0.0139  -0.0035 20  TYR A O   
161 C  CB  . TYR A 20 ? 0.0483 0.0341 0.0569 0.0076  0.0043  0.0058  20  TYR A CB  
162 C  CG  . TYR A 20 ? 0.0521 0.0390 0.0437 -0.0008 -0.0008 0.0024  20  TYR A CG  
163 C  CD1 . TYR A 20 ? 0.0399 0.0391 0.0542 0.0015  0.0087  0.0062  20  TYR A CD1 
164 C  CD2 . TYR A 20 ? 0.0530 0.0448 0.0457 -0.0001 -0.0004 0.0041  20  TYR A CD2 
165 C  CE1 . TYR A 20 ? 0.0412 0.0572 0.0712 0.0004  -0.0003 -0.0046 20  TYR A CE1 
166 C  CE2 . TYR A 20 ? 0.0522 0.0558 0.0692 0.0040  -0.0110 -0.0026 20  TYR A CE2 
167 C  CZ  . TYR A 20 ? 0.0465 0.0404 0.0786 -0.0049 -0.0153 0.0082  20  TYR A CZ  
168 O  OH  . TYR A 20 ? 0.0544 0.0554 0.0924 -0.0109 -0.0112 -0.0028 20  TYR A OH  
169 N  N   . SER A 21 ? 0.0429 0.0431 0.0359 -0.0044 0.0108  -0.0024 21  SER A N   
170 C  CA  . SER A 21 ? 0.0503 0.0523 0.0407 -0.0010 0.0028  0.0014  21  SER A CA  
171 C  C   . SER A 21 ? 0.0364 0.0453 0.0353 -0.0040 0.0063  -0.0079 21  SER A C   
172 O  O   . SER A 21 ? 0.0363 0.0449 0.0620 -0.0112 0.0035  0.0023  21  SER A O   
173 C  CB  . SER A 21 ? 0.0561 0.0752 0.0447 -0.0025 -0.0078 0.0012  21  SER A CB  
174 O  OG  . SER A 21 ? 0.0870 0.1011 0.0534 -0.0127 -0.0101 0.0229  21  SER A OG  
175 N  N   . ASN A 22 ? 0.0318 0.0346 0.0546 -0.0040 0.0142  -0.0001 22  ASN A N   
176 C  CA  . ASN A 22 ? 0.0481 0.0336 0.0385 -0.0087 0.0058  -0.0021 22  ASN A CA  
177 C  C   . ASN A 22 ? 0.0377 0.0347 0.0457 -0.0030 0.0176  -0.0030 22  ASN A C   
178 O  O   . ASN A 22 ? 0.0410 0.0294 0.0581 0.0006  0.0081  -0.0030 22  ASN A O   
179 C  CB  . ASN A 22 ? 0.0394 0.0376 0.0428 -0.0018 0.0019  0.0078  22  ASN A CB  
180 C  CG  . ASN A 22 ? 0.0480 0.0349 0.0531 0.0033  0.0020  -0.0018 22  ASN A CG  
181 O  OD1 . ASN A 22 ? 0.0383 0.0506 0.0570 -0.0001 0.0006  -0.0023 22  ASN A OD1 
182 N  ND2 . ASN A 22 ? 0.0413 0.0829 0.0486 -0.0093 0.0039  -0.0189 22  ASN A ND2 
183 N  N   . LEU A 23 ? 0.0490 0.0508 0.0519 -0.0156 0.0033  0.0110  23  LEU A N   
184 C  CA  . LEU A 23 ? 0.0607 0.0318 0.0520 -0.0025 -0.0037 -0.0029 23  LEU A CA  
185 C  C   . LEU A 23 ? 0.0543 0.0270 0.0495 0.0042  0.0018  0.0063  23  LEU A C   
186 O  O   . LEU A 23 ? 0.0564 0.0468 0.0543 -0.0181 -0.0077 -0.0032 23  LEU A O   
187 C  CB  A LEU A 23 ? 0.0673 0.0433 0.0638 -0.0044 0.0016  0.0150  23  LEU A CB  
188 C  CB  B LEU A 23 ? 0.0733 0.0350 0.0359 0.0222  0.0050  -0.0034 23  LEU A CB  
189 C  CG  A LEU A 23 ? 0.0857 0.0791 0.0456 0.0091  -0.0078 0.0100  23  LEU A CG  
190 C  CG  B LEU A 23 ? 0.0577 0.0652 0.0508 0.0039  -0.0040 0.0200  23  LEU A CG  
191 C  CD1 A LEU A 23 ? 0.1317 0.1120 0.0677 -0.0394 0.0032  0.0341  23  LEU A CD1 
192 C  CD1 B LEU A 23 ? 0.1167 0.0748 0.0581 -0.0248 -0.0543 -0.0047 23  LEU A CD1 
193 C  CD2 A LEU A 23 ? 0.0916 0.1096 0.0684 0.0152  -0.0145 -0.0150 23  LEU A CD2 
194 C  CD2 B LEU A 23 ? 0.1492 0.0854 0.1066 0.0238  -0.0548 0.0519  23  LEU A CD2 
195 N  N   . CYS A 24 ? 0.0417 0.0359 0.0626 -0.0027 -0.0036 -0.0076 24  CYS A N   
196 C  CA  . CYS A 24 ? 0.0457 0.0309 0.0670 -0.0018 0.0032  -0.0088 24  CYS A CA  
197 C  C   . CYS A 24 ? 0.0497 0.0295 0.0494 0.0013  0.0003  -0.0163 24  CYS A C   
198 O  O   . CYS A 24 ? 0.0388 0.0441 0.0612 -0.0065 -0.0021 -0.0122 24  CYS A O   
199 C  CB  . CYS A 24 ? 0.0460 0.0361 0.0784 -0.0030 0.0009  -0.0022 24  CYS A CB  
200 S  SG  . CYS A 24 ? 0.0512 0.0496 0.0730 -0.0018 0.0027  -0.0140 24  CYS A SG  
201 N  N   . TRP A 25 ? 0.0377 0.0360 0.0522 -0.0005 0.0037  -0.0110 25  TRP A N   
202 C  CA  . TRP A 25 ? 0.0416 0.0419 0.0383 -0.0004 0.0096  -0.0057 25  TRP A CA  
203 C  C   . TRP A 25 ? 0.0477 0.0325 0.0461 -0.0023 -0.0026 0.0014  25  TRP A C   
204 O  O   . TRP A 25 ? 0.0576 0.0459 0.0462 -0.0134 0.0056  -0.0063 25  TRP A O   
205 C  CB  . TRP A 25 ? 0.0455 0.0384 0.0476 -0.0096 0.0072  -0.0036 25  TRP A CB  
206 C  CG  . TRP A 25 ? 0.0519 0.0419 0.0331 0.0051  0.0005  -0.0037 25  TRP A CG  
207 C  CD1 . TRP A 25 ? 0.0596 0.0489 0.0438 -0.0115 0.0003  -0.0061 25  TRP A CD1 
208 C  CD2 . TRP A 25 ? 0.0459 0.0433 0.0436 -0.0004 -0.0056 -0.0062 25  TRP A CD2 
209 N  NE1 . TRP A 25 ? 0.0578 0.0385 0.0597 -0.0120 -0.0084 -0.0075 25  TRP A NE1 
210 C  CE2 . TRP A 25 ? 0.0514 0.0435 0.0458 0.0028  -0.0079 -0.0009 25  TRP A CE2 
211 C  CE3 . TRP A 25 ? 0.0813 0.0589 0.0542 -0.0214 -0.0173 0.0121  25  TRP A CE3 
212 C  CZ2 . TRP A 25 ? 0.0727 0.0691 0.0476 0.0154  -0.0060 -0.0079 25  TRP A CZ2 
213 C  CZ3 . TRP A 25 ? 0.0755 0.0933 0.0629 -0.0181 -0.0101 0.0322  25  TRP A CZ3 
214 C  CH2 . TRP A 25 ? 0.1017 0.0982 0.0449 0.0002  0.0012  0.0158  25  TRP A CH2 
215 N  N   . LEU A 26 ? 0.0480 0.0347 0.0354 -0.0045 0.0046  -0.0006 26  LEU A N   
216 C  CA  . LEU A 26 ? 0.0401 0.0317 0.0338 -0.0029 0.0056  0.0012  26  LEU A CA  
217 C  C   . LEU A 26 ? 0.0468 0.0346 0.0305 -0.0079 0.0106  -0.0097 26  LEU A C   
218 O  O   . LEU A 26 ? 0.0471 0.0472 0.0475 -0.0090 -0.0046 -0.0063 26  LEU A O   
219 C  CB  . LEU A 26 ? 0.0385 0.0512 0.0437 -0.0050 0.0007  0.0025  26  LEU A CB  
220 C  CG  . LEU A 26 ? 0.0418 0.0399 0.0432 -0.0114 0.0005  -0.0058 26  LEU A CG  
221 C  CD1 . LEU A 26 ? 0.0528 0.0576 0.0719 0.0071  -0.0202 -0.0263 26  LEU A CD1 
222 C  CD2 . LEU A 26 ? 0.1263 0.0750 0.0413 0.0021  -0.0104 -0.0029 26  LEU A CD2 
223 N  N   . ASN A 27 ? 0.0426 0.0319 0.0482 -0.0059 -0.0031 -0.0003 27  ASN A N   
224 C  CA  . ASN A 27 ? 0.0454 0.0440 0.0412 -0.0036 0.0024  0.0020  27  ASN A CA  
225 C  C   . ASN A 27 ? 0.0435 0.0293 0.0560 0.0074  -0.0049 -0.0027 27  ASN A C   
226 O  O   . ASN A 27 ? 0.0419 0.0687 0.0594 -0.0099 -0.0040 0.0062  27  ASN A O   
227 C  CB  . ASN A 27 ? 0.0579 0.0396 0.0676 0.0000  -0.0033 -0.0001 27  ASN A CB  
228 C  CG  . ASN A 27 ? 0.1074 0.0565 0.0438 -0.0082 -0.0158 0.0139  27  ASN A CG  
229 O  OD1 . ASN A 27 ? 0.1092 0.0545 0.0608 -0.0076 0.0117  0.0099  27  ASN A OD1 
230 N  ND2 . ASN A 27 ? 0.2862 0.0816 0.0707 -0.0817 0.0408  -0.0105 27  ASN A ND2 
231 N  N   . GLU A 28 ? 0.0358 0.0484 0.0462 -0.0084 0.0028  -0.0034 28  GLU A N   
232 C  CA  . GLU A 28 ? 0.0439 0.0589 0.0553 -0.0086 0.0052  -0.0020 28  GLU A CA  
233 C  C   . GLU A 28 ? 0.0322 0.0721 0.0410 -0.0135 0.0117  0.0013  28  GLU A C   
234 O  O   . GLU A 28 ? 0.0614 0.0733 0.0771 -0.0184 0.0235  -0.0081 28  GLU A O   
235 C  CB  . GLU A 28 ? 0.0519 0.0636 0.0513 -0.0040 0.0020  -0.0075 28  GLU A CB  
236 C  CG  . GLU A 28 ? 0.0635 0.0722 0.0845 -0.0014 0.0031  -0.0224 28  GLU A CG  
237 C  CD  . GLU A 28 ? 0.0881 0.0843 0.1008 0.0195  0.0082  -0.0002 28  GLU A CD  
238 O  OE1 . GLU A 28 ? 0.0720 0.1427 0.1327 0.0136  0.0191  0.0036  28  GLU A OE1 
239 O  OE2 . GLU A 28 ? 0.1209 0.0880 0.1817 0.0197  -0.0262 0.0179  28  GLU A OE2 
240 N  N   . ALA A 29 ? 0.0518 0.0539 0.0448 -0.0140 -0.0034 0.0022  29  ALA A N   
241 C  CA  . ALA A 29 ? 0.0605 0.0481 0.0429 -0.0162 0.0109  0.0118  29  ALA A CA  
242 C  C   . ALA A 29 ? 0.0638 0.0499 0.0427 -0.0249 0.0150  0.0072  29  ALA A C   
243 O  O   . ALA A 29 ? 0.0905 0.0666 0.0629 -0.0317 -0.0074 -0.0003 29  ALA A O   
244 C  CB  . ALA A 29 ? 0.0907 0.0552 0.0443 0.0024  -0.0072 -0.0062 29  ALA A CB  
245 N  N   . GLY A 30 ? 0.0432 0.0522 0.0433 -0.0134 0.0062  -0.0034 30  GLY A N   
246 C  CA  . GLY A 30 ? 0.0458 0.0416 0.0474 -0.0113 0.0078  -0.0073 30  GLY A CA  
247 C  C   . GLY A 30 ? 0.0384 0.0473 0.0472 -0.0101 -0.0054 0.0040  30  GLY A C   
248 O  O   . GLY A 30 ? 0.0472 0.0649 0.0508 -0.0084 -0.0020 -0.0082 30  GLY A O   
249 N  N   . VAL A 31 ? 0.0433 0.0441 0.0483 -0.0013 -0.0024 -0.0001 31  VAL A N   
250 C  CA  . VAL A 31 ? 0.0453 0.0252 0.0514 0.0103  -0.0003 -0.0061 31  VAL A CA  
251 C  C   . VAL A 31 ? 0.0290 0.0427 0.0423 0.0004  -0.0047 -0.0021 31  VAL A C   
252 O  O   . VAL A 31 ? 0.0536 0.0433 0.0582 -0.0086 -0.0031 0.0006  31  VAL A O   
253 C  CB  . VAL A 31 ? 0.0482 0.0557 0.0486 0.0056  -0.0112 -0.0036 31  VAL A CB  
254 C  CG1 . VAL A 31 ? 0.0392 0.0716 0.0613 0.0119  -0.0062 0.0089  31  VAL A CG1 
255 C  CG2 . VAL A 31 ? 0.0541 0.0757 0.0609 0.0057  -0.0005 0.0095  31  VAL A CG2 
256 N  N   . GLY A 32 ? 0.0463 0.0345 0.0440 -0.0052 0.0009  -0.0031 32  GLY A N   
257 C  CA  . GLY A 32 ? 0.0486 0.0512 0.0471 -0.0087 -0.0082 -0.0034 32  GLY A CA  
258 C  C   . GLY A 32 ? 0.0492 0.0430 0.0403 0.0054  -0.0001 -0.0122 32  GLY A C   
259 O  O   . GLY A 32 ? 0.0485 0.0535 0.0818 0.0034  -0.0036 0.0191  32  GLY A O   
260 N  N   . LEU A 33 ? 0.0504 0.0627 0.0632 -0.0014 -0.0222 0.0178  33  LEU A N   
261 C  CA  . LEU A 33 ? 0.0473 0.0634 0.0438 -0.0045 -0.0105 0.0161  33  LEU A CA  
262 C  C   . LEU A 33 ? 0.0633 0.0570 0.0324 -0.0112 -0.0048 0.0081  33  LEU A C   
263 O  O   . LEU A 33 ? 0.0785 0.0779 0.0509 -0.0064 -0.0112 0.0109  33  LEU A O   
264 C  CB  . LEU A 33 ? 0.0598 0.0598 0.0600 -0.0084 -0.0128 0.0093  33  LEU A CB  
265 C  CG  . LEU A 33 ? 0.0521 0.0685 0.0568 -0.0070 -0.0051 0.0114  33  LEU A CG  
266 C  CD1 . LEU A 33 ? 0.0626 0.0914 0.0645 -0.0116 -0.0149 0.0004  33  LEU A CD1 
267 C  CD2 . LEU A 33 ? 0.1285 0.1110 0.1239 -0.0536 -0.0459 0.0515  33  LEU A CD2 
268 N  N   . ASP A 34 ? 0.0485 0.0854 0.0423 -0.0058 0.0008  -0.0001 34  ASP A N   
269 C  CA  . ASP A 34 ? 0.0572 0.1001 0.0483 -0.0053 0.0047  -0.0053 34  ASP A CA  
270 C  C   . ASP A 34 ? 0.0689 0.0813 0.0419 0.0057  0.0092  -0.0023 34  ASP A C   
271 O  O   . ASP A 34 ? 0.0923 0.1365 0.0483 -0.0140 0.0050  0.0086  34  ASP A O   
272 C  CB  . ASP A 34 ? 0.0792 0.0717 0.0613 -0.0047 -0.0056 -0.0156 34  ASP A CB  
273 C  CG  . ASP A 34 ? 0.1501 0.0937 0.0542 0.0047  0.0141  -0.0258 34  ASP A CG  
274 O  OD1 . ASP A 34 ? 0.3074 0.1295 0.0908 0.0265  0.0825  -0.0107 34  ASP A OD1 
275 O  OD2 . ASP A 34 ? 0.1791 0.1268 0.1033 0.0607  0.0423  0.0035  34  ASP A OD2 
276 N  N   . HIS A 35 ? 0.0567 0.0703 0.0456 0.0012  0.0003  0.0034  35  HIS A N   
277 C  CA  . HIS A 35 ? 0.0490 0.0850 0.0441 -0.0001 0.0119  0.0134  35  HIS A CA  
278 C  C   . HIS A 35 ? 0.0617 0.0645 0.0524 0.0066  0.0047  0.0147  35  HIS A C   
279 O  O   . HIS A 35 ? 0.0724 0.0718 0.0489 0.0027  0.0141  0.0114  35  HIS A O   
280 C  CB  . HIS A 35 ? 0.0720 0.0884 0.0673 -0.0001 0.0145  0.0041  35  HIS A CB  
281 C  CG  . HIS A 35 ? 0.0644 0.0614 0.0707 -0.0007 0.0153  0.0001  35  HIS A CG  
282 N  ND1 . HIS A 35 ? 0.0498 0.0739 0.0817 0.0058  0.0104  -0.0031 35  HIS A ND1 
283 C  CD2 . HIS A 35 ? 0.0600 0.0798 0.0813 -0.0035 0.0216  -0.0089 35  HIS A CD2 
284 C  CE1 . HIS A 35 ? 0.0620 0.0915 0.0886 0.0106  0.0145  0.0016  35  HIS A CE1 
285 N  NE2 . HIS A 35 ? 0.0681 0.0828 0.1004 0.0114  0.0196  0.0137  35  HIS A NE2 
286 N  N   . GLU A 36 ? 0.1113 0.0727 0.0540 -0.0079 0.0029  0.0129  36  GLU A N   
287 C  CA  . GLU A 36 ? 0.1012 0.0680 0.0636 -0.0035 0.0069  0.0060  36  GLU A CA  
288 C  C   . GLU A 36 ? 0.0825 0.0522 0.0627 -0.0186 0.0173  0.0011  36  GLU A C   
289 O  O   . GLU A 36 ? 0.0910 0.0948 0.0694 -0.0061 0.0178  -0.0124 36  GLU A O   
290 C  CB  . GLU A 36 ? 0.1568 0.0750 0.1044 -0.0082 0.0020  0.0124  36  GLU A CB  
291 C  CG  . GLU A 36 ? 0.2303 0.0789 0.1823 0.0108  -0.0673 0.0200  36  GLU A CG  
292 C  CD  . GLU A 36 ? 0.1390 0.1503 0.2807 -0.0083 -0.0582 0.1159  36  GLU A CD  
293 O  OE1 . GLU A 36 ? 0.2556 0.1950 0.1286 0.0838  0.0554  0.0549  36  GLU A OE1 
294 O  OE2 . GLU A 36 ? 0.3239 0.2542 0.6082 -0.1816 -0.2739 0.2084  36  GLU A OE2 
295 N  N   . GLY A 37 ? 0.0741 0.0601 0.0649 -0.0062 0.0183  0.0011  37  GLY A N   
296 C  CA  . GLY A 37 ? 0.0676 0.0657 0.0777 -0.0110 0.0088  0.0033  37  GLY A CA  
297 C  C   . GLY A 37 ? 0.0581 0.0485 0.0716 -0.0011 0.0106  -0.0085 37  GLY A C   
298 O  O   . GLY A 37 ? 0.0491 0.0525 0.1123 -0.0005 0.0025  0.0090  37  GLY A O   
299 N  N   . GLU A 38 ? 0.0687 0.0734 0.0748 -0.0156 -0.0030 0.0017  38  GLU A N   
300 C  CA  A GLU A 38 ? 0.0504 0.0648 0.0683 0.0064  -0.0056 0.0028  38  GLU A CA  
301 C  CA  B GLU A 38 ? 0.0558 0.0832 0.0652 -0.0093 0.0082  0.0073  38  GLU A CA  
302 C  C   . GLU A 38 ? 0.0473 0.0561 0.0741 0.0098  0.0010  0.0111  38  GLU A C   
303 O  O   . GLU A 38 ? 0.0656 0.0661 0.1004 0.0164  0.0272  0.0071  38  GLU A O   
304 C  CB  A GLU A 38 ? 0.0656 0.0947 0.0575 0.0008  0.0156  -0.0024 38  GLU A CB  
305 C  CB  B GLU A 38 ? 0.0498 0.1063 0.0775 0.0183  0.0083  -0.0050 38  GLU A CB  
306 C  CG  A GLU A 38 ? 0.0626 0.1176 0.1226 0.0357  -0.0578 -0.0771 38  GLU A CG  
307 C  CG  B GLU A 38 ? 0.0569 0.1217 0.1384 -0.0135 -0.0029 -0.0404 38  GLU A CG  
308 C  CD  A GLU A 38 ? 0.0545 0.1719 0.2461 -0.0201 -0.0559 -0.0727 38  GLU A CD  
309 C  CD  B GLU A 38 ? 0.1079 0.0322 0.2585 -0.0082 -0.0812 -0.0344 38  GLU A CD  
310 O  OE1 A GLU A 38 ? 0.2090 0.0871 0.3307 0.0545  -0.1292 -0.1570 38  GLU A OE1 
311 O  OE1 B GLU A 38 ? 0.0744 0.2281 0.4572 -0.0946 -0.0889 0.0626  38  GLU A OE1 
312 O  OE2 A GLU A 38 ? 0.1011 0.1227 0.3638 -0.0148 -0.1549 -0.0216 38  GLU A OE2 
313 O  OE2 B GLU A 38 ? 0.2720 0.3154 0.2624 0.2216  -0.0999 -0.0209 38  GLU A OE2 
314 N  N   . CYS A 39 ? 0.0516 0.0500 0.0764 0.0180  0.0141  -0.0097 39  CYS A N   
315 C  CA  . CYS A 39 ? 0.0595 0.0488 0.0716 0.0157  0.0141  -0.0005 39  CYS A CA  
316 C  C   . CYS A 39 ? 0.0745 0.0400 0.0723 0.0075  0.0247  0.0043  39  CYS A C   
317 O  O   . CYS A 39 ? 0.0804 0.0805 0.0717 0.0315  0.0080  -0.0032 39  CYS A O   
318 C  CB  . CYS A 39 ? 0.0680 0.0572 0.0868 0.0107  0.0238  0.0055  39  CYS A CB  
319 S  SG  . CYS A 39 ? 0.0690 0.0562 0.1075 0.0155  0.0312  0.0083  39  CYS A SG  
320 N  N   . LEU A 40 ? 0.0583 0.0690 0.0703 0.0201  0.0104  0.0060  40  LEU A N   
321 C  CA  . LEU A 40 ? 0.0578 0.0614 0.0625 0.0192  0.0023  0.0033  40  LEU A CA  
322 C  C   . LEU A 40 ? 0.0442 0.0661 0.0615 0.0118  0.0134  0.0036  40  LEU A C   
323 O  O   . LEU A 40 ? 0.0724 0.0622 0.1046 0.0086  0.0033  0.0062  40  LEU A O   
324 C  CB  . LEU A 40 ? 0.0686 0.0854 0.0843 0.0190  0.0104  0.0203  40  LEU A CB  
325 C  CG  . LEU A 40 ? 0.0739 0.0985 0.1008 -0.0174 0.0113  0.0277  40  LEU A CG  
326 C  CD1 . LEU A 40 ? 0.1643 0.1343 0.0965 -0.0250 0.0276  0.0189  40  LEU A CD1 
327 C  CD2 . LEU A 40 ? 0.1520 0.1523 0.0925 -0.0431 0.0089  -0.0041 40  LEU A CD2 
328 O  OXT . LEU A 40 ? 0.0653 0.0515 0.0723 0.0141  0.0156  0.0023  40  LEU A OXT 
329 NA NA  . NA  B .  ? 0.0695 0.0910 0.0887 0.0251  -0.0143 -0.0308 101 NA  A NA  
330 NA NA  . NA  C .  ? 0.1296 0.1514 0.0328 0.0912  0.0070  0.0102  102 NA  A NA  
331 NA NA  . NA  D .  ? 0.0687 0.1042 0.2280 0.0082  0.0027  0.0640  103 NA  A NA  
332 NA NA  . NA  E .  ? 0.1487 0.0370 0.1024 0.0326  -0.0182 -0.0016 104 NA  A NA  
333 O  O   . HOH F .  ? 0.1362 0.1580 0.1376 0.0791  0.0526  0.0894  201 HOH A O   
334 O  O   . HOH F .  ? 0.0964 0.0769 0.1001 0.0176  -0.0025 0.0246  202 HOH A O   
335 O  O   . HOH F .  ? 0.0888 0.0825 0.1060 0.0092  0.0083  0.0045  203 HOH A O   
336 O  O   . HOH F .  ? 0.0922 0.1051 0.1061 0.0198  -0.0201 -0.0016 204 HOH A O   
337 O  O   . HOH F .  ? 0.1307 0.1760 0.1320 -0.0028 0.0235  -0.0360 205 HOH A O   
338 O  O   . HOH F .  ? 0.2254 0.1574 0.0861 -0.0528 -0.0209 -0.0416 206 HOH A O   
339 O  O   . HOH F .  ? 0.0712 0.0591 0.1126 0.0165  0.0018  -0.0172 207 HOH A O   
340 O  O   . HOH F .  ? 0.0744 0.0958 0.1157 0.0003  -0.0056 -0.0104 208 HOH A O   
341 O  O   . HOH F .  ? 0.1178 0.1020 0.0916 -0.0085 0.0061  0.0094  209 HOH A O   
342 O  O   . HOH F .  ? 0.1541 0.0895 0.1511 -0.0314 -0.0040 0.0237  210 HOH A O   
343 O  O   . HOH F .  ? 0.0754 0.1140 0.0869 -0.0133 0.0452  -0.0041 211 HOH A O   
344 O  O   . HOH F .  ? 0.1804 0.0809 0.1686 -0.0217 0.0210  -0.0213 212 HOH A O   
345 O  O   . HOH F .  ? 0.0772 0.2654 0.0698 -0.0257 -0.0101 -0.0503 213 HOH A O   
346 O  O   . HOH F .  ? 0.1091 0.1542 0.0758 -0.0371 -0.0093 -0.0254 214 HOH A O   
347 O  O   . HOH F .  ? 0.1335 0.1642 0.1139 0.0178  -0.0256 -0.0290 215 HOH A O   
348 O  O   . HOH F .  ? 0.2280 0.1722 0.0964 -0.0214 -0.0554 0.0134  216 HOH A O   
349 O  O   . HOH F .  ? 0.1538 0.1759 0.0294 -0.0404 -0.0071 -0.0002 217 HOH A O   
350 O  O   . HOH F .  ? 0.0692 0.0800 0.0538 -0.0149 0.0016  0.0038  218 HOH A O   
351 O  O   . HOH F .  ? 0.2022 0.1553 0.1058 -0.0087 0.0191  -0.0095 219 HOH A O   
352 O  O   . HOH F .  ? 0.1301 0.1674 0.0738 0.0449  0.0085  0.0011  220 HOH A O   
353 O  O   . HOH F .  ? 0.1392 0.0715 0.1250 -0.0163 -0.0317 0.0515  221 HOH A O   
354 O  O   . HOH F .  ? 0.1021 0.1668 0.0787 -0.0343 0.0038  0.0010  222 HOH A O   
355 O  O   . HOH F .  ? 0.1102 0.1393 0.1372 -0.0350 -0.0141 0.0611  223 HOH A O   
356 O  O   . HOH F .  ? 0.1368 0.1119 0.1573 -0.0314 0.0498  -0.0017 224 HOH A O   
357 O  O   . HOH F .  ? 0.1804 0.2029 0.1549 -0.0603 0.0209  0.0312  225 HOH A O   
358 O  O   . HOH F .  ? 0.0680 0.0877 0.0826 0.0191  0.0143  -0.0006 226 HOH A O   
359 O  O   . HOH F .  ? 0.2046 0.1972 0.1590 0.0239  0.0770  -0.0381 227 HOH A O   
360 O  O   . HOH F .  ? 0.2373 0.1210 0.2310 -0.0282 0.1572  0.0048  228 HOH A O   
361 O  O   . HOH F .  ? 0.0265 0.2175 0.1804 -0.0142 0.0346  -0.1085 229 HOH A O   
362 O  O   . HOH F .  ? 0.1063 0.1286 0.0774 -0.0144 -0.0089 -0.0010 230 HOH A O   
363 O  O   . HOH F .  ? 0.0823 0.0552 0.0889 -0.0051 -0.0157 0.0031  231 HOH A O   
364 O  O   . HOH F .  ? 0.0980 0.2386 0.1638 -0.0079 0.0060  0.0503  232 HOH A O   
365 O  O   . HOH F .  ? 0.1732 0.1702 0.1677 -0.0713 -0.0779 0.0594  233 HOH A O   
366 O  O   . HOH F .  ? 0.2052 0.2964 0.1711 0.1054  -0.0684 -0.1657 234 HOH A O   
367 O  O   . HOH F .  ? 0.4489 0.1740 0.1898 -0.2186 0.1249  -0.0281 235 HOH A O   
368 O  O   . HOH F .  ? 0.1284 0.2784 0.1230 0.0416  -0.0037 0.0491  236 HOH A O   
369 O  O   . HOH F .  ? 0.0786 0.0834 0.1034 -0.0097 -0.0041 0.0104  237 HOH A O   
370 O  O   . HOH F .  ? 0.2328 0.0980 0.1554 0.0127  0.0618  -0.0138 238 HOH A O   
371 O  O   . HOH F .  ? 0.1052 0.1887 0.1075 0.0619  -0.0320 0.0341  239 HOH A O   
372 O  O   . HOH F .  ? 0.1372 0.1022 0.2773 0.0268  0.0409  0.0901  240 HOH A O   
373 O  O   . HOH F .  ? 0.1173 0.0948 0.1450 -0.0595 0.0578  -0.0351 241 HOH A O   
374 O  O   A HOH F .  ? 0.1103 0.2079 0.1571 0.0511  0.0153  0.0256  242 HOH A O   
375 O  O   B HOH F .  ? 0.2076 0.1320 0.0722 0.0651  0.0232  -0.0018 242 HOH A O   
376 O  O   . HOH F .  ? 0.1966 0.1624 0.1009 -0.0170 0.0379  -0.0236 243 HOH A O   
377 O  O   A HOH F .  ? 0.1637 0.0848 0.2551 -0.0045 0.0553  -0.0169 244 HOH A O   
378 O  O   B HOH F .  ? 0.1858 0.2358 0.0643 -0.0439 0.0674  0.0124  244 HOH A O   
379 O  O   . HOH F .  ? 0.1170 0.1293 0.0785 0.0056  0.0061  0.0034  245 HOH A O   
380 O  O   A HOH F .  ? 0.1093 0.1037 0.1375 -0.0036 -0.0130 0.0162  246 HOH A O   
381 O  O   B HOH F .  ? 0.0975 0.1372 0.0731 -0.0401 -0.0145 0.0395  246 HOH A O   
382 O  O   A HOH F .  ? 0.1347 0.1454 0.0458 0.0506  -0.0047 -0.0040 247 HOH A O   
383 O  O   B HOH F .  ? 0.1177 0.0986 0.0814 0.0104  -0.0246 0.0115  247 HOH A O   
384 O  O   . HOH F .  ? 0.2054 0.2945 0.2591 0.0156  0.0944  0.1449  248 HOH A O   
385 O  O   . HOH F .  ? 0.1302 0.1194 0.1482 0.0208  0.1036  0.0274  249 HOH A O   
386 O  O   . HOH F .  ? 0.1732 0.2996 0.1604 0.0663  0.0449  0.0835  250 HOH A O   
387 O  O   . HOH F .  ? 0.1243 0.1688 0.2118 0.0473  0.0630  0.1306  251 HOH A O   
388 O  O   . HOH F .  ? 0.1844 0.2422 0.0846 -0.0054 -0.0078 -0.0586 252 HOH A O   
389 O  O   A HOH F .  ? 0.0769 0.2336 0.1011 -0.0792 0.0041  -0.0084 253 HOH A O   
390 O  O   B HOH F .  ? 0.1012 0.1035 0.1859 -0.0348 0.0014  0.0462  253 HOH A O   
391 O  O   . HOH F .  ? 0.4330 0.1470 0.1683 0.1029  0.1309  0.0301  254 HOH A O   
392 O  O   A HOH F .  ? 0.2423 0.2356 0.1642 0.0034  -0.0425 0.0518  255 HOH A O   
393 O  O   B HOH F .  ? 0.1322 0.2424 0.2675 -0.0114 0.0208  -0.0902 255 HOH A O   
394 O  O   . HOH F .  ? 0.2404 0.1173 0.2912 0.1359  -0.1423 -0.0875 256 HOH A O   
395 O  O   . HOH F .  ? 0.3162 0.1042 0.1811 0.0188  -0.0255 0.0304  257 HOH A O   
396 O  O   . HOH F .  ? 0.2405 0.1926 0.3687 0.0628  -0.0485 -0.1444 258 HOH A O   
397 O  O   A HOH F .  ? 0.1148 0.1610 0.2056 0.0244  0.0343  0.0575  259 HOH A O   
398 O  O   B HOH F .  ? 0.0974 0.2048 0.1202 0.0574  0.0662  0.0987  259 HOH A O   
399 O  O   . HOH F .  ? 0.2582 0.1882 0.1646 -0.0694 0.0308  -0.0644 260 HOH A O   
400 O  O   . HOH F .  ? 0.1092 0.1250 0.1472 -0.0051 0.0367  -0.0450 261 HOH A O   
401 O  O   A HOH F .  ? 0.1699 0.1292 0.1538 0.0057  -0.0729 0.0200  262 HOH A O   
402 O  O   B HOH F .  ? 0.1975 0.1436 0.0528 0.0257  0.0435  0.0167  262 HOH A O   
403 O  O   . HOH F .  ? 0.1756 0.1238 0.2093 -0.0261 0.0207  -0.0648 263 HOH A O   
404 O  O   A HOH F .  ? 0.1465 0.1645 0.1015 -0.0008 0.0198  -0.0388 264 HOH A O   
405 O  O   B HOH F .  ? 0.1465 0.2018 0.1610 0.0419  -0.0287 -0.0075 264 HOH A O   
406 O  O   . HOH F .  ? 0.2059 0.2266 0.2317 -0.0322 0.0131  0.0785  265 HOH A O   
407 O  O   A HOH F .  ? 0.0500 0.1250 0.1912 0.0211  0.0096  -0.0113 266 HOH A O   
408 O  O   B HOH F .  ? 0.0750 0.2144 0.1712 0.0290  0.0122  -0.0270 266 HOH A O   
409 O  O   . HOH F .  ? 0.1512 0.0959 0.1066 -0.0195 0.0101  0.0436  267 HOH A O   
410 O  O   . HOH F .  ? 0.1825 0.2267 0.1200 -0.0839 0.0202  0.0053  268 HOH A O   
411 O  O   . HOH F .  ? 0.0902 0.0817 0.1303 0.0144  0.0058  -0.0341 269 HOH A O   
412 O  O   . HOH F .  ? 0.1933 0.1426 0.0964 0.0236  0.0304  0.0079  270 HOH A O   
413 O  O   . HOH F .  ? 0.1745 0.3414 0.2185 0.0303  0.0269  -0.0685 271 HOH A O   
414 O  O   . HOH F .  ? 0.1598 0.2387 0.4632 0.0285  -0.0377 0.1952  272 HOH A O   
415 O  O   . HOH F .  ? 0.2800 0.2446 0.3144 0.1728  -0.1528 -0.1492 273 HOH A O   
416 O  O   . HOH F .  ? 0.1765 0.4275 0.1440 0.0621  -0.0289 -0.1606 274 HOH A O   
417 O  O   A HOH F .  ? 0.2590 0.1931 0.0878 -0.1456 -0.0389 0.0343  275 HOH A O   
418 O  O   B HOH F .  ? 0.0774 0.1551 0.0727 -0.0208 0.0024  0.0326  275 HOH A O   
419 O  O   . HOH F .  ? 0.2132 0.2320 0.0752 0.0601  0.0220  0.0697  276 HOH A O   
420 O  O   . HOH F .  ? 0.2758 0.0517 0.2550 -0.0047 0.0428  0.0668  277 HOH A O   
421 O  O   . HOH F .  ? 0.2446 0.1980 0.1263 -0.0446 0.0056  0.0423  278 HOH A O   
422 O  O   . HOH F .  ? 0.0945 0.3695 0.1457 0.1125  0.0276  0.0822  279 HOH A O   
423 O  O   . HOH F .  ? 0.0804 0.1277 0.2217 -0.0892 -0.0334 0.1057  280 HOH A O   
424 O  O   . HOH F .  ? 0.1755 0.2175 0.3255 0.0970  -0.0983 0.0579  281 HOH A O   
# 
